data_5FWY
#
_entry.id   5FWY
#
_cell.length_a   66.270
_cell.length_b   78.519
_cell.length_c   107.850
_cell.angle_alpha   83.36
_cell.angle_beta   87.40
_cell.angle_gamma   64.94
#
_symmetry.space_group_name_H-M   'P 1'
#
loop_
_entity.id
_entity.type
_entity.pdbx_description
1 polymer 'GLUTAMATE RECEPTOR 2'
2 polymer 'GLUTAMATE RECEPTOR 3'
3 non-polymer 2-acetamido-2-deoxy-beta-D-glucopyranose
4 non-polymer 'SULFATE ION'
5 non-polymer GLYCEROL
6 water water
#
loop_
_entity_poly.entity_id
_entity_poly.type
_entity_poly.pdbx_seq_one_letter_code
_entity_poly.pdbx_strand_id
1 'polypeptide(L)'
;NSIQIGGLFPRGADQEYSAFRVGMVQFSTSEFRLTPHIDNLEVANSFAVTNAFCSQFSRGVYAIFGFYDKKSVNTITSFC
GTLHVSFITPSFPTDGTHPFVIQMRPDLKGALLSLIEYYQWDKFAYLYDSDRGLSTLQAVLDSAAEKKWQVTAINVGNIN
NDKKDETYRSLFQDLELKKERRVILDCERDKVNDIVDQVITIGKHVKGYHYIIANLGFTDGDLLKIQFGGANVSGFQIVD
YDDSLVSKFIERWSTLEEKEYPGAHTATIKYTSALTYDAVQVMTEAFRNLRKQRIEISRRGNAGDCLANPAVPWGQGVEI
ERALKQVQVEGLSGNIKFDQNGKRINYTINIMELKTNGPRKIGYWSEVDKMVVTLTRTKHHHHHH
;
A,C
2 'polypeptide(L)'
;GFPNTISIGGLFMRNTVQEHSAFRFAVQLYNTNQNTTEKPFHLNYHVDHLDSSNSFSVTNAFCSQFSRGVYAIFGFYDQM
SMNTLTSFCGALHTSFVTPSFPTDADVQFVIQMRPALKGAILSLLSYYKWEKFVYLYDTERGFSVLQAIMEAAVQNNWQV
TARSVGNIKDVQEFRRIIEEMDRRQEKRYLIDCEVERINTILEQVVILGKHSRGYHYMLANLGFTDILLERVMHGGANIT
GFQIVNNENPMVQQFIQRWVRLDEREFPEAKNAPLKYTSALTHDAILVIAEAFRYLRRQRVDVSRRGSAGDCLANPAVPW
SQGIDIERALKMVQVQGMTGNIQFDTYGRRTNYTIDVYEMKVSGSRKAGYWNEYERFVPFSGTKHHHHHH
;
B,D
#
# COMPACT_ATOMS: atom_id res chain seq x y z
N ASN A 1 9.90 2.98 -41.12
CA ASN A 1 8.50 3.34 -40.78
C ASN A 1 8.37 4.35 -39.60
N SER A 2 7.15 4.81 -39.38
CA SER A 2 6.90 5.90 -38.44
C SER A 2 6.54 5.40 -37.04
N ILE A 3 6.91 6.21 -36.06
CA ILE A 3 6.47 6.05 -34.70
C ILE A 3 5.72 7.32 -34.37
N GLN A 4 4.41 7.23 -34.24
CA GLN A 4 3.64 8.43 -33.95
C GLN A 4 3.87 8.80 -32.49
N ILE A 5 4.13 10.08 -32.21
CA ILE A 5 4.13 10.55 -30.82
C ILE A 5 3.27 11.78 -30.65
N GLY A 6 2.86 12.03 -29.41
CA GLY A 6 2.05 13.23 -29.09
C GLY A 6 2.98 14.34 -28.61
N GLY A 7 2.66 15.57 -28.98
CA GLY A 7 3.30 16.78 -28.42
C GLY A 7 2.23 17.75 -27.82
N LEU A 8 2.12 17.83 -26.49
CA LEU A 8 1.15 18.76 -25.78
C LEU A 8 1.90 19.99 -25.29
N PHE A 9 1.81 21.11 -26.01
CA PHE A 9 2.60 22.34 -25.73
C PHE A 9 1.71 23.48 -25.21
N PRO A 10 2.15 24.19 -24.14
CA PRO A 10 1.39 25.38 -23.75
C PRO A 10 1.39 26.45 -24.81
N ARG A 11 0.34 27.23 -24.81
CA ARG A 11 0.17 28.31 -25.80
C ARG A 11 1.26 29.33 -25.52
N GLY A 12 1.93 29.81 -26.56
CA GLY A 12 3.08 30.69 -26.37
C GLY A 12 4.41 30.09 -25.84
N ALA A 13 4.52 28.78 -25.68
CA ALA A 13 5.85 28.13 -25.35
C ALA A 13 6.66 27.96 -26.67
N ASP A 14 6.97 29.10 -27.27
CA ASP A 14 7.60 29.14 -28.60
C ASP A 14 9.00 28.54 -28.57
N GLN A 15 9.81 28.97 -27.63
CA GLN A 15 11.23 28.52 -27.62
C GLN A 15 11.32 27.00 -27.40
N GLU A 16 10.46 26.47 -26.53
CA GLU A 16 10.34 25.04 -26.30
C GLU A 16 9.97 24.27 -27.56
N TYR A 17 8.98 24.76 -28.30
CA TYR A 17 8.60 24.11 -29.52
C TYR A 17 9.66 24.20 -30.64
N SER A 18 10.33 25.35 -30.75
CA SER A 18 11.56 25.44 -31.53
C SER A 18 12.62 24.43 -31.14
N ALA A 19 12.89 24.28 -29.85
CA ALA A 19 13.90 23.31 -29.43
C ALA A 19 13.52 21.87 -29.76
N PHE A 20 12.20 21.59 -29.69
CA PHE A 20 11.62 20.31 -30.04
C PHE A 20 11.92 20.01 -31.54
N ARG A 21 11.66 20.99 -32.39
CA ARG A 21 11.87 20.84 -33.82
C ARG A 21 13.37 20.67 -34.16
N VAL A 22 14.21 21.44 -33.51
CA VAL A 22 15.68 21.27 -33.70
C VAL A 22 16.11 19.88 -33.25
N GLY A 23 15.56 19.37 -32.17
CA GLY A 23 15.87 18.03 -31.73
C GLY A 23 15.44 16.96 -32.72
N MET A 24 14.26 17.13 -33.32
CA MET A 24 13.72 16.19 -34.29
C MET A 24 14.68 16.03 -35.47
N VAL A 25 15.32 17.14 -35.88
CA VAL A 25 16.28 17.14 -36.99
C VAL A 25 17.59 16.50 -36.50
N GLN A 26 18.12 17.01 -35.40
CA GLN A 26 19.41 16.55 -34.90
C GLN A 26 19.40 15.06 -34.61
N PHE A 27 18.32 14.51 -34.08
CA PHE A 27 18.30 13.10 -33.64
C PHE A 27 17.62 12.12 -34.60
N SER A 28 17.29 12.58 -35.79
CA SER A 28 16.64 11.73 -36.76
C SER A 28 17.64 10.64 -37.15
N THR A 29 17.11 9.52 -37.59
CA THR A 29 17.93 8.32 -37.67
C THR A 29 17.33 7.37 -38.69
N SER A 30 18.15 6.42 -39.17
CA SER A 30 17.73 5.50 -40.23
C SER A 30 16.72 4.42 -39.74
N GLU A 31 16.75 4.04 -38.46
CA GLU A 31 15.91 2.92 -37.96
C GLU A 31 14.38 3.21 -37.96
N PHE A 32 13.99 4.49 -37.97
CA PHE A 32 12.55 4.92 -37.82
C PHE A 32 12.49 6.44 -37.92
N ARG A 33 11.28 6.96 -38.07
CA ARG A 33 11.03 8.39 -38.04
C ARG A 33 10.00 8.66 -36.95
N LEU A 34 10.30 9.61 -36.04
CA LEU A 34 9.31 10.07 -35.08
C LEU A 34 8.35 11.01 -35.79
N THR A 35 7.04 10.78 -35.67
CA THR A 35 6.09 11.66 -36.38
C THR A 35 5.18 12.28 -35.35
N PRO A 36 5.41 13.56 -35.05
CA PRO A 36 4.68 14.21 -33.97
C PRO A 36 3.30 14.73 -34.36
N HIS A 37 2.32 14.59 -33.47
CA HIS A 37 1.05 15.27 -33.61
CA HIS A 37 1.09 15.36 -33.63
C HIS A 37 0.99 16.32 -32.47
N ILE A 38 0.99 17.59 -32.84
CA ILE A 38 1.14 18.71 -31.95
C ILE A 38 -0.29 19.27 -31.59
N ASP A 39 -0.63 19.34 -30.29
CA ASP A 39 -1.75 20.15 -29.82
C ASP A 39 -1.18 21.30 -29.01
N ASN A 40 -1.54 22.55 -29.32
CA ASN A 40 -1.19 23.65 -28.42
C ASN A 40 -2.46 23.95 -27.59
N LEU A 41 -2.31 24.14 -26.27
CA LEU A 41 -3.47 24.34 -25.33
C LEU A 41 -3.10 25.08 -24.06
N GLU A 42 -4.15 25.36 -23.29
CA GLU A 42 -4.14 25.95 -21.95
C GLU A 42 -3.86 24.80 -20.96
N VAL A 43 -2.64 24.72 -20.49
CA VAL A 43 -2.15 23.59 -19.71
C VAL A 43 -2.74 23.63 -18.29
N ALA A 44 -3.14 24.81 -17.80
CA ALA A 44 -3.86 24.88 -16.54
C ALA A 44 -5.33 24.39 -16.57
N ASN A 45 -5.85 24.07 -17.75
CA ASN A 45 -7.25 23.70 -17.92
C ASN A 45 -7.35 22.16 -18.10
N SER A 46 -7.81 21.46 -17.06
CA SER A 46 -7.79 19.97 -17.04
C SER A 46 -8.73 19.38 -18.07
N PHE A 47 -9.84 20.08 -18.34
CA PHE A 47 -10.75 19.73 -19.42
C PHE A 47 -10.04 19.74 -20.78
N ALA A 48 -9.36 20.85 -21.11
CA ALA A 48 -8.58 20.96 -22.33
C ALA A 48 -7.49 19.87 -22.42
N VAL A 49 -6.84 19.57 -21.33
CA VAL A 49 -5.76 18.61 -21.31
C VAL A 49 -6.33 17.20 -21.50
N THR A 50 -7.46 16.92 -20.88
CA THR A 50 -8.14 15.65 -21.07
C THR A 50 -8.57 15.45 -22.52
N ASN A 51 -9.16 16.48 -23.15
CA ASN A 51 -9.53 16.37 -24.58
C ASN A 51 -8.31 16.09 -25.48
N ALA A 52 -7.19 16.75 -25.23
CA ALA A 52 -5.97 16.56 -26.04
C ALA A 52 -5.40 15.17 -25.84
N PHE A 53 -5.28 14.73 -24.60
CA PHE A 53 -4.83 13.42 -24.31
C PHE A 53 -5.64 12.36 -25.06
N CYS A 54 -6.96 12.40 -24.86
CA CYS A 54 -7.86 11.42 -25.51
C CYS A 54 -7.78 11.44 -27.01
N SER A 55 -7.68 12.63 -27.57
CA SER A 55 -7.47 12.80 -28.97
C SER A 55 -6.16 12.10 -29.45
N GLN A 56 -5.05 12.28 -28.73
CA GLN A 56 -3.80 11.61 -29.07
C GLN A 56 -3.92 10.09 -28.91
N PHE A 57 -4.59 9.68 -27.85
CA PHE A 57 -4.77 8.26 -27.56
C PHE A 57 -5.49 7.57 -28.73
N SER A 58 -6.56 8.21 -29.23
CA SER A 58 -7.30 7.63 -30.33
C SER A 58 -6.52 7.58 -31.65
N ARG A 59 -5.67 8.57 -31.92
CA ARG A 59 -4.85 8.50 -33.13
C ARG A 59 -3.81 7.39 -33.04
N GLY A 60 -3.48 6.88 -31.86
CA GLY A 60 -2.59 5.72 -31.71
C GLY A 60 -1.13 6.04 -31.49
N VAL A 61 -0.84 7.08 -30.73
CA VAL A 61 0.54 7.44 -30.40
C VAL A 61 1.21 6.37 -29.53
N TYR A 62 2.52 6.30 -29.61
CA TYR A 62 3.35 5.38 -28.78
C TYR A 62 3.93 6.03 -27.49
N ALA A 63 3.84 7.37 -27.42
CA ALA A 63 4.21 8.16 -26.25
C ALA A 63 3.77 9.59 -26.46
N ILE A 64 3.74 10.34 -25.37
CA ILE A 64 3.43 11.76 -25.47
C ILE A 64 4.47 12.56 -24.73
N PHE A 65 4.97 13.58 -25.42
CA PHE A 65 5.85 14.59 -24.86
C PHE A 65 4.99 15.76 -24.47
N GLY A 66 5.16 16.29 -23.27
CA GLY A 66 4.40 17.49 -22.92
C GLY A 66 4.66 18.20 -21.63
N PHE A 67 3.77 19.14 -21.31
CA PHE A 67 3.83 19.94 -20.11
C PHE A 67 2.52 19.81 -19.36
N TYR A 68 2.58 19.93 -18.02
CA TYR A 68 1.38 20.06 -17.18
C TYR A 68 1.67 21.17 -16.21
N ASP A 69 0.68 21.53 -15.42
CA ASP A 69 0.91 22.40 -14.27
C ASP A 69 0.25 21.85 -13.00
N LYS A 70 0.32 22.58 -11.90
CA LYS A 70 -0.19 22.08 -10.62
C LYS A 70 -1.65 21.62 -10.72
N LYS A 71 -2.42 22.29 -11.55
CA LYS A 71 -3.83 21.96 -11.77
C LYS A 71 -4.12 20.78 -12.69
N SER A 72 -3.25 20.47 -13.64
CA SER A 72 -3.54 19.37 -14.58
C SER A 72 -2.70 18.13 -14.38
N VAL A 73 -1.68 18.21 -13.51
CA VAL A 73 -0.78 17.07 -13.29
C VAL A 73 -1.55 15.79 -12.89
N ASN A 74 -2.61 15.91 -12.07
CA ASN A 74 -3.39 14.68 -11.74
C ASN A 74 -4.14 14.08 -12.93
N THR A 75 -4.53 14.90 -13.89
CA THR A 75 -5.07 14.39 -15.14
C THR A 75 -4.01 13.59 -15.94
N ILE A 76 -2.84 14.16 -16.12
CA ILE A 76 -1.80 13.45 -16.86
C ILE A 76 -1.40 12.15 -16.19
N THR A 77 -1.13 12.21 -14.90
CA THR A 77 -0.65 11.02 -14.21
C THR A 77 -1.70 9.93 -14.20
N SER A 78 -2.98 10.32 -14.11
CA SER A 78 -4.02 9.33 -13.91
C SER A 78 -4.32 8.64 -15.22
N PHE A 79 -4.46 9.41 -16.30
CA PHE A 79 -4.75 8.84 -17.62
C PHE A 79 -3.54 8.04 -18.20
N CYS A 80 -2.32 8.57 -18.03
CA CYS A 80 -1.13 7.84 -18.49
C CYS A 80 -1.00 6.53 -17.77
N GLY A 81 -1.13 6.61 -16.47
CA GLY A 81 -1.06 5.43 -15.63
C GLY A 81 -2.15 4.39 -15.90
N THR A 82 -3.36 4.84 -16.15
CA THR A 82 -4.43 3.90 -16.48
C THR A 82 -4.21 3.24 -17.83
N LEU A 83 -3.96 4.02 -18.86
CA LEU A 83 -3.92 3.48 -20.19
C LEU A 83 -2.49 3.01 -20.65
N HIS A 84 -1.49 3.09 -19.75
CA HIS A 84 -0.13 2.64 -20.05
C HIS A 84 0.52 3.43 -21.18
N VAL A 85 0.24 4.74 -21.22
CA VAL A 85 0.77 5.65 -22.23
C VAL A 85 1.82 6.49 -21.54
N SER A 86 3.07 6.44 -22.01
CA SER A 86 4.18 7.16 -21.37
C SER A 86 4.16 8.64 -21.72
N PHE A 87 4.30 9.45 -20.68
CA PHE A 87 4.44 10.90 -20.76
C PHE A 87 5.87 11.31 -20.44
N ILE A 88 6.47 12.11 -21.32
CA ILE A 88 7.82 12.63 -21.11
C ILE A 88 7.66 14.12 -20.99
N THR A 89 8.24 14.71 -19.96
CA THR A 89 7.99 16.12 -19.66
C THR A 89 9.15 16.88 -18.99
N PRO A 90 9.33 18.15 -19.33
CA PRO A 90 10.20 19.06 -18.57
C PRO A 90 9.52 19.76 -17.38
N SER A 91 8.22 19.46 -17.11
CA SER A 91 7.50 20.12 -16.01
C SER A 91 8.02 19.72 -14.62
N PHE A 92 7.52 20.40 -13.59
CA PHE A 92 7.89 20.13 -12.21
C PHE A 92 7.63 18.66 -11.88
N PRO A 93 8.63 17.94 -11.31
CA PRO A 93 8.37 16.55 -11.02
C PRO A 93 7.21 16.36 -10.02
N THR A 94 6.46 15.28 -10.22
CA THR A 94 5.33 14.97 -9.34
C THR A 94 5.78 14.65 -7.93
N ASP A 95 4.85 14.80 -7.02
CA ASP A 95 5.10 14.62 -5.57
C ASP A 95 5.40 13.18 -5.14
N GLY A 96 4.75 12.20 -5.74
CA GLY A 96 5.03 10.80 -5.39
C GLY A 96 5.62 10.03 -6.54
N THR A 97 5.27 8.75 -6.62
CA THR A 97 5.90 7.79 -7.47
C THR A 97 5.01 7.27 -8.60
N HIS A 98 4.35 8.15 -9.30
CA HIS A 98 3.43 7.78 -10.37
C HIS A 98 4.09 7.06 -11.56
N PRO A 99 3.52 5.92 -12.04
CA PRO A 99 4.11 5.30 -13.24
C PRO A 99 3.77 5.97 -14.57
N PHE A 100 4.52 5.57 -15.59
CA PHE A 100 4.32 6.05 -16.96
C PHE A 100 4.56 7.55 -17.15
N VAL A 101 5.34 8.13 -16.26
CA VAL A 101 5.75 9.52 -16.39
C VAL A 101 7.28 9.61 -16.30
N ILE A 102 7.91 10.23 -17.29
CA ILE A 102 9.34 10.45 -17.28
C ILE A 102 9.62 11.94 -17.12
N GLN A 103 10.34 12.24 -16.07
CA GLN A 103 10.51 13.59 -15.57
C GLN A 103 11.95 14.04 -15.92
N MET A 104 12.05 14.86 -16.98
CA MET A 104 13.32 15.40 -17.50
C MET A 104 13.95 16.38 -16.51
N ARG A 105 13.11 17.06 -15.70
CA ARG A 105 13.61 18.09 -14.79
C ARG A 105 14.11 17.46 -13.48
N PRO A 106 15.41 17.68 -13.14
CA PRO A 106 15.92 17.24 -11.87
C PRO A 106 15.24 17.94 -10.72
N ASP A 107 15.17 17.25 -9.59
CA ASP A 107 14.65 17.83 -8.35
C ASP A 107 15.62 18.93 -7.81
N LEU A 108 15.04 20.08 -7.43
CA LEU A 108 15.80 21.20 -6.90
C LEU A 108 15.97 21.20 -5.38
N LYS A 109 15.03 20.53 -4.69
CA LYS A 109 14.92 20.61 -3.20
C LYS A 109 16.23 20.34 -2.52
N GLY A 110 16.92 19.27 -2.95
CA GLY A 110 18.16 18.84 -2.27
C GLY A 110 19.25 19.90 -2.40
N ALA A 111 19.46 20.42 -3.61
CA ALA A 111 20.42 21.46 -3.80
C ALA A 111 20.08 22.74 -3.05
N LEU A 112 18.80 23.11 -3.00
CA LEU A 112 18.43 24.38 -2.35
C LEU A 112 18.72 24.33 -0.87
N LEU A 113 18.28 23.22 -0.24
CA LEU A 113 18.55 22.99 1.17
C LEU A 113 20.06 22.97 1.48
N SER A 114 20.90 22.30 0.65
CA SER A 114 22.34 22.33 0.82
C SER A 114 22.90 23.73 0.69
N LEU A 115 22.34 24.56 -0.19
CA LEU A 115 22.90 25.90 -0.38
C LEU A 115 22.58 26.85 0.78
N ILE A 116 21.38 26.69 1.36
CA ILE A 116 21.01 27.38 2.61
C ILE A 116 22.09 27.02 3.68
N GLU A 117 22.39 25.74 3.86
CA GLU A 117 23.40 25.32 4.83
C GLU A 117 24.81 25.86 4.52
N TYR A 118 25.25 25.71 3.27
CA TYR A 118 26.53 26.28 2.76
C TYR A 118 26.73 27.74 3.15
N TYR A 119 25.72 28.62 2.98
CA TYR A 119 25.87 30.02 3.42
C TYR A 119 25.60 30.22 4.91
N GLN A 120 25.32 29.14 5.63
CA GLN A 120 24.99 29.18 7.05
C GLN A 120 23.82 30.10 7.38
N TRP A 121 22.78 30.11 6.55
CA TRP A 121 21.56 30.87 6.88
C TRP A 121 20.81 30.11 7.94
N ASP A 122 20.37 30.79 8.99
CA ASP A 122 19.32 30.21 9.88
C ASP A 122 18.04 31.09 10.03
N LYS A 123 18.03 32.22 9.33
CA LYS A 123 16.98 33.21 9.40
C LYS A 123 16.89 33.83 8.00
N PHE A 124 15.71 33.70 7.35
CA PHE A 124 15.51 34.22 6.00
C PHE A 124 14.01 34.35 5.65
N ALA A 125 13.74 35.20 4.67
CA ALA A 125 12.45 35.28 3.98
C ALA A 125 12.43 34.31 2.79
N TYR A 126 11.25 33.77 2.55
CA TYR A 126 11.01 32.86 1.47
C TYR A 126 9.80 33.29 0.69
N LEU A 127 10.03 33.78 -0.53
CA LEU A 127 8.94 34.28 -1.38
C LEU A 127 8.55 33.18 -2.33
N TYR A 128 7.34 32.70 -2.22
CA TYR A 128 6.88 31.56 -2.97
C TYR A 128 5.70 31.93 -3.81
N ASP A 129 5.57 31.21 -4.91
CA ASP A 129 4.49 31.46 -5.86
C ASP A 129 3.45 30.36 -5.75
N SER A 130 2.40 30.64 -4.98
CA SER A 130 1.22 29.71 -4.88
C SER A 130 0.56 29.28 -6.23
N ASP A 131 0.63 30.10 -7.27
CA ASP A 131 0.16 29.66 -8.58
C ASP A 131 0.97 28.50 -9.18
N ARG A 132 2.21 28.31 -8.70
CA ARG A 132 3.14 27.35 -9.23
C ARG A 132 3.12 26.08 -8.36
N GLY A 133 2.57 26.13 -7.14
CA GLY A 133 2.66 24.90 -6.29
C GLY A 133 3.53 25.08 -5.05
N LEU A 134 3.38 24.18 -4.09
CA LEU A 134 3.83 24.43 -2.71
C LEU A 134 4.76 23.40 -2.11
N SER A 135 5.16 22.37 -2.86
CA SER A 135 5.95 21.30 -2.26
C SER A 135 7.40 21.72 -1.86
N THR A 136 7.98 22.71 -2.53
CA THR A 136 9.31 23.20 -2.10
C THR A 136 9.15 24.04 -0.81
N LEU A 137 8.06 24.79 -0.70
CA LEU A 137 7.80 25.51 0.57
C LEU A 137 7.66 24.51 1.73
N GLN A 138 6.89 23.44 1.51
CA GLN A 138 6.68 22.41 2.53
C GLN A 138 7.99 21.76 3.01
N ALA A 139 8.86 21.40 2.05
CA ALA A 139 10.20 20.93 2.36
C ALA A 139 11.00 21.92 3.15
N VAL A 140 11.00 23.16 2.73
CA VAL A 140 11.78 24.19 3.42
C VAL A 140 11.26 24.39 4.86
N LEU A 141 9.94 24.51 5.03
CA LEU A 141 9.36 24.57 6.37
C LEU A 141 9.62 23.33 7.24
N ASP A 142 9.59 22.12 6.66
CA ASP A 142 9.98 20.91 7.41
C ASP A 142 11.42 20.93 7.87
N SER A 143 12.33 21.34 6.99
CA SER A 143 13.75 21.50 7.37
C SER A 143 13.94 22.57 8.42
N ALA A 144 13.22 23.70 8.26
CA ALA A 144 13.21 24.78 9.27
C ALA A 144 12.82 24.29 10.65
N ALA A 145 11.82 23.43 10.69
CA ALA A 145 11.37 22.81 11.95
C ALA A 145 12.44 21.93 12.56
N GLU A 146 12.98 21.03 11.75
CA GLU A 146 14.08 20.09 12.17
C GLU A 146 15.34 20.81 12.62
N LYS A 147 15.72 21.86 11.90
CA LYS A 147 16.99 22.56 12.09
C LYS A 147 16.91 23.88 12.83
N LYS A 148 15.71 24.28 13.28
CA LYS A 148 15.47 25.58 13.96
C LYS A 148 15.82 26.78 13.14
N TRP A 149 15.38 26.83 11.89
CA TRP A 149 15.45 28.05 11.11
C TRP A 149 14.21 28.90 11.39
N GLN A 150 14.38 30.21 11.32
CA GLN A 150 13.30 31.15 11.38
C GLN A 150 12.98 31.67 9.96
N VAL A 151 11.86 31.21 9.38
CA VAL A 151 11.48 31.51 8.00
C VAL A 151 10.27 32.41 7.98
N THR A 152 10.41 33.52 7.26
CA THR A 152 9.30 34.44 7.00
C THR A 152 8.79 34.10 5.60
N ALA A 153 7.70 33.35 5.51
CA ALA A 153 7.21 32.83 4.25
C ALA A 153 6.12 33.71 3.65
N ILE A 154 6.34 34.29 2.50
CA ILE A 154 5.40 35.24 1.91
C ILE A 154 4.99 34.76 0.54
N ASN A 155 3.67 34.70 0.31
CA ASN A 155 3.09 34.30 -0.94
C ASN A 155 3.17 35.45 -1.94
N VAL A 156 3.80 35.25 -3.10
CA VAL A 156 3.83 36.22 -4.20
C VAL A 156 3.04 35.69 -5.40
N GLY A 157 2.21 34.67 -5.21
CA GLY A 157 1.19 34.30 -6.17
C GLY A 157 -0.06 35.13 -5.95
N ASN A 158 -1.02 34.99 -6.87
CA ASN A 158 -2.34 35.65 -6.76
C ASN A 158 -2.21 37.19 -6.67
N ILE A 159 -1.38 37.77 -7.51
CA ILE A 159 -1.06 39.21 -7.46
C ILE A 159 -1.68 39.78 -8.73
N ASN A 160 -2.71 40.61 -8.60
CA ASN A 160 -3.30 41.29 -9.78
C ASN A 160 -2.24 42.15 -10.43
N ASN A 161 -2.07 42.03 -11.76
CA ASN A 161 -1.17 42.95 -12.50
C ASN A 161 -1.36 44.43 -12.10
N ASP A 162 -2.63 44.82 -11.86
CA ASP A 162 -3.05 46.15 -11.34
C ASP A 162 -2.06 46.80 -10.37
N LYS A 163 -1.77 46.08 -9.28
CA LYS A 163 -0.92 46.60 -8.20
C LYS A 163 0.25 45.67 -7.87
N LYS A 164 0.84 45.03 -8.88
CA LYS A 164 1.99 44.13 -8.63
C LYS A 164 3.19 44.94 -8.12
N ASP A 165 3.47 46.04 -8.80
CA ASP A 165 4.56 46.95 -8.46
C ASP A 165 4.44 47.50 -7.03
N GLU A 166 3.24 47.95 -6.67
CA GLU A 166 2.98 48.44 -5.33
C GLU A 166 2.99 47.36 -4.26
N THR A 167 2.47 46.16 -4.56
CA THR A 167 2.47 45.09 -3.58
C THR A 167 3.87 44.70 -3.16
N TYR A 168 4.76 44.50 -4.15
CA TYR A 168 6.16 44.10 -3.88
C TYR A 168 6.89 45.12 -3.02
N ARG A 169 6.69 46.42 -3.29
CA ARG A 169 7.32 47.46 -2.48
C ARG A 169 6.90 47.39 -1.01
N SER A 170 5.59 47.23 -0.74
CA SER A 170 5.10 47.07 0.67
C SER A 170 5.62 45.79 1.36
N LEU A 171 5.61 44.66 0.64
CA LEU A 171 6.25 43.41 1.08
C LEU A 171 7.69 43.69 1.57
N PHE A 172 8.51 44.38 0.76
CA PHE A 172 9.92 44.65 1.15
C PHE A 172 10.09 45.72 2.22
N GLN A 173 9.14 46.64 2.35
CA GLN A 173 9.16 47.60 3.48
C GLN A 173 8.95 46.87 4.81
N ASP A 174 7.93 46.02 4.85
CA ASP A 174 7.67 45.15 6.01
C ASP A 174 8.91 44.29 6.39
N LEU A 175 9.58 43.72 5.40
CA LEU A 175 10.84 43.01 5.67
C LEU A 175 11.93 43.89 6.30
N GLU A 176 11.98 45.18 5.99
CA GLU A 176 13.01 46.04 6.62
C GLU A 176 12.73 46.40 8.11
N LEU A 177 11.45 46.52 8.53
CA LEU A 177 11.06 46.58 9.97
C LEU A 177 11.61 45.40 10.79
N LYS A 178 11.49 44.20 10.22
CA LYS A 178 12.08 43.00 10.81
C LYS A 178 13.58 42.91 10.47
N LYS A 179 14.11 43.86 9.68
CA LYS A 179 15.57 43.97 9.43
C LYS A 179 16.09 42.68 8.68
N GLU A 180 15.31 42.21 7.71
CA GLU A 180 15.55 40.91 7.06
C GLU A 180 16.22 41.12 5.71
N ARG A 181 17.43 40.60 5.58
CA ARG A 181 18.23 40.93 4.43
C ARG A 181 18.60 39.72 3.58
N ARG A 182 18.05 38.54 3.90
CA ARG A 182 18.35 37.30 3.22
C ARG A 182 17.04 36.74 2.71
N VAL A 183 16.91 36.62 1.41
CA VAL A 183 15.62 36.31 0.76
C VAL A 183 15.86 35.22 -0.29
N ILE A 184 15.01 34.22 -0.30
CA ILE A 184 14.98 33.22 -1.36
C ILE A 184 13.76 33.49 -2.24
N LEU A 185 13.95 33.48 -3.55
CA LEU A 185 12.83 33.57 -4.50
C LEU A 185 12.52 32.24 -5.14
N ASP A 186 11.45 31.59 -4.69
CA ASP A 186 10.94 30.32 -5.20
C ASP A 186 9.83 30.64 -6.24
N CYS A 187 10.31 31.13 -7.39
CA CYS A 187 9.48 31.52 -8.54
C CYS A 187 10.26 31.17 -9.80
N GLU A 188 9.54 31.11 -10.90
CA GLU A 188 10.14 31.01 -12.24
C GLU A 188 10.47 32.40 -12.87
N ARG A 189 11.07 32.34 -14.06
CA ARG A 189 11.78 33.46 -14.73
C ARG A 189 11.04 34.79 -14.74
N ASP A 190 9.76 34.79 -15.17
CA ASP A 190 8.98 36.05 -15.30
C ASP A 190 8.79 36.73 -13.99
N LYS A 191 8.32 35.96 -13.01
CA LYS A 191 8.07 36.51 -11.68
C LYS A 191 9.35 36.90 -10.97
N VAL A 192 10.42 36.18 -11.24
CA VAL A 192 11.71 36.58 -10.68
C VAL A 192 12.08 37.96 -11.21
N ASN A 193 11.97 38.14 -12.53
CA ASN A 193 12.26 39.46 -13.14
C ASN A 193 11.38 40.59 -12.58
N ASP A 194 10.11 40.32 -12.36
CA ASP A 194 9.18 41.29 -11.76
C ASP A 194 9.64 41.73 -10.37
N ILE A 195 10.00 40.73 -9.53
CA ILE A 195 10.41 41.02 -8.15
C ILE A 195 11.76 41.78 -8.12
N VAL A 196 12.74 41.29 -8.90
CA VAL A 196 14.05 41.95 -9.05
C VAL A 196 13.90 43.43 -9.44
N ASP A 197 13.04 43.71 -10.40
CA ASP A 197 12.71 45.11 -10.80
C ASP A 197 12.29 45.98 -9.63
N GLN A 198 11.43 45.44 -8.76
CA GLN A 198 10.99 46.18 -7.58
C GLN A 198 12.06 46.29 -6.51
N VAL A 199 12.89 45.24 -6.36
CA VAL A 199 14.02 45.32 -5.45
C VAL A 199 14.96 46.47 -5.84
N ILE A 200 15.14 46.67 -7.14
CA ILE A 200 16.05 47.71 -7.64
C ILE A 200 15.44 49.08 -7.44
N THR A 201 14.18 49.23 -7.82
CA THR A 201 13.42 50.47 -7.61
C THR A 201 13.49 50.98 -6.18
N ILE A 202 13.39 50.11 -5.19
CA ILE A 202 13.53 50.62 -3.81
C ILE A 202 14.94 50.55 -3.20
N GLY A 203 15.92 50.12 -3.96
CA GLY A 203 17.30 50.20 -3.54
C GLY A 203 17.76 49.11 -2.59
N LYS A 204 17.17 47.91 -2.72
CA LYS A 204 17.60 46.75 -1.94
C LYS A 204 18.44 45.72 -2.76
N HIS A 205 19.09 46.23 -3.82
CA HIS A 205 20.05 45.48 -4.62
C HIS A 205 21.46 45.92 -4.28
N VAL A 206 21.59 46.49 -3.10
CA VAL A 206 22.76 47.17 -2.60
C VAL A 206 23.48 46.19 -1.70
N LYS A 207 24.70 46.53 -1.32
CA LYS A 207 25.51 45.71 -0.45
C LYS A 207 24.85 45.51 0.90
N GLY A 208 24.88 44.29 1.43
CA GLY A 208 24.21 43.92 2.65
C GLY A 208 22.94 43.13 2.43
N TYR A 209 22.58 42.86 1.19
CA TYR A 209 21.44 42.01 0.91
C TYR A 209 21.95 40.78 0.16
N HIS A 210 21.28 39.62 0.36
CA HIS A 210 21.59 38.36 -0.37
C HIS A 210 20.31 37.74 -0.89
N TYR A 211 20.25 37.49 -2.20
CA TYR A 211 19.10 36.84 -2.85
C TYR A 211 19.57 35.48 -3.38
N ILE A 212 18.80 34.42 -3.05
CA ILE A 212 18.96 33.12 -3.74
C ILE A 212 17.81 32.92 -4.69
N ILE A 213 18.12 32.69 -5.95
CA ILE A 213 17.10 32.50 -6.93
C ILE A 213 16.91 30.97 -7.03
N ALA A 214 15.75 30.49 -6.55
CA ALA A 214 15.48 29.05 -6.45
C ALA A 214 14.75 28.55 -7.71
N ASN A 215 15.50 28.47 -8.82
CA ASN A 215 15.05 27.79 -9.99
C ASN A 215 16.29 27.27 -10.77
N LEU A 216 16.07 26.43 -11.76
CA LEU A 216 17.17 25.76 -12.47
C LEU A 216 17.77 26.55 -13.63
N GLY A 217 17.37 27.81 -13.76
CA GLY A 217 17.77 28.67 -14.83
C GLY A 217 18.26 30.02 -14.38
N PHE A 218 19.34 30.02 -13.61
CA PHE A 218 19.96 31.24 -13.12
C PHE A 218 20.16 32.34 -14.20
N THR A 219 20.85 31.97 -15.28
CA THR A 219 21.19 32.91 -16.32
C THR A 219 20.06 33.07 -17.36
N ASP A 220 18.91 32.40 -17.19
CA ASP A 220 17.72 32.67 -18.00
C ASP A 220 17.14 34.08 -17.68
N GLY A 221 17.36 34.51 -16.43
CA GLY A 221 16.96 35.79 -15.91
C GLY A 221 17.74 36.98 -16.45
N ASP A 222 17.20 38.18 -16.31
CA ASP A 222 17.92 39.38 -16.72
C ASP A 222 18.82 39.80 -15.57
N LEU A 223 20.05 39.28 -15.54
CA LEU A 223 20.89 39.41 -14.35
C LEU A 223 21.67 40.69 -14.37
N LEU A 224 21.93 41.20 -15.57
CA LEU A 224 22.72 42.39 -15.77
C LEU A 224 22.16 43.59 -15.02
N LYS A 225 20.84 43.69 -14.90
CA LYS A 225 20.26 44.83 -14.19
C LYS A 225 20.47 44.73 -12.67
N ILE A 226 20.69 43.56 -12.10
CA ILE A 226 21.06 43.46 -10.67
C ILE A 226 22.60 43.24 -10.42
N GLN A 227 23.43 43.27 -11.46
CA GLN A 227 24.88 42.90 -11.38
C GLN A 227 25.82 43.96 -10.77
N PHE A 228 25.36 45.20 -10.66
CA PHE A 228 26.20 46.34 -10.27
C PHE A 228 25.85 47.04 -8.96
N GLY A 229 24.75 46.62 -8.30
CA GLY A 229 24.30 47.32 -7.10
C GLY A 229 25.11 46.99 -5.83
N GLY A 230 25.60 45.75 -5.75
CA GLY A 230 26.46 45.31 -4.65
C GLY A 230 25.88 44.15 -3.82
N ALA A 231 24.60 43.88 -3.96
CA ALA A 231 23.96 42.74 -3.28
C ALA A 231 24.59 41.45 -3.78
N ASN A 232 24.66 40.45 -2.91
CA ASN A 232 24.96 39.07 -3.29
C ASN A 232 23.73 38.45 -3.95
N VAL A 233 23.98 37.73 -5.05
CA VAL A 233 22.94 36.99 -5.73
C VAL A 233 23.48 35.60 -6.07
N SER A 234 22.71 34.55 -5.72
CA SER A 234 23.09 33.16 -6.04
C SER A 234 21.95 32.40 -6.67
N GLY A 235 22.34 31.33 -7.36
CA GLY A 235 21.41 30.47 -8.07
C GLY A 235 21.92 29.14 -8.55
N PHE A 236 21.11 28.55 -9.44
CA PHE A 236 21.27 27.17 -9.90
C PHE A 236 21.18 27.15 -11.40
N GLN A 237 21.97 26.31 -12.05
CA GLN A 237 21.99 26.24 -13.50
C GLN A 237 22.24 24.78 -13.90
N ILE A 238 21.38 24.17 -14.71
CA ILE A 238 21.61 22.80 -15.19
C ILE A 238 22.17 22.77 -16.57
N VAL A 239 22.14 23.90 -17.30
CA VAL A 239 22.76 24.02 -18.61
C VAL A 239 24.14 24.73 -18.51
N ASP A 240 25.22 24.00 -18.80
CA ASP A 240 26.59 24.52 -18.62
C ASP A 240 27.14 25.00 -19.96
N TYR A 241 27.18 26.32 -20.17
CA TYR A 241 27.64 26.88 -21.44
C TYR A 241 29.15 26.58 -21.72
N ASP A 242 29.92 26.20 -20.71
CA ASP A 242 31.29 25.70 -20.92
C ASP A 242 31.40 24.29 -21.43
N ASP A 243 30.39 23.42 -21.28
CA ASP A 243 30.47 22.07 -21.90
C ASP A 243 30.48 22.20 -23.40
N SER A 244 31.23 21.33 -24.04
CA SER A 244 31.39 21.42 -25.50
C SER A 244 30.13 20.96 -26.24
N LEU A 245 29.37 20.06 -25.65
CA LEU A 245 28.08 19.65 -26.22
C LEU A 245 27.15 20.87 -26.32
N VAL A 246 27.11 21.68 -25.26
CA VAL A 246 26.25 22.85 -25.19
C VAL A 246 26.76 23.99 -26.09
N SER A 247 28.08 24.25 -26.11
CA SER A 247 28.61 25.30 -27.02
C SER A 247 28.45 24.92 -28.48
N LYS A 248 28.61 23.65 -28.84
CA LYS A 248 28.34 23.20 -30.22
C LYS A 248 26.87 23.47 -30.57
N PHE A 249 25.94 23.10 -29.68
CA PHE A 249 24.53 23.37 -29.90
C PHE A 249 24.29 24.86 -30.05
N ILE A 250 24.92 25.67 -29.20
CA ILE A 250 24.71 27.11 -29.26
C ILE A 250 25.20 27.73 -30.59
N GLU A 251 26.25 27.16 -31.19
CA GLU A 251 26.76 27.63 -32.50
C GLU A 251 25.63 27.61 -33.54
N ARG A 252 24.89 26.49 -33.61
CA ARG A 252 23.77 26.39 -34.55
C ARG A 252 22.55 27.21 -34.08
N TRP A 253 22.20 27.14 -32.81
CA TRP A 253 20.98 27.77 -32.28
C TRP A 253 20.98 29.30 -32.43
N SER A 254 22.09 29.91 -32.01
CA SER A 254 22.30 31.37 -32.15
C SER A 254 22.26 31.91 -33.59
N THR A 255 22.40 31.03 -34.59
CA THR A 255 22.35 31.44 -36.02
C THR A 255 21.13 30.93 -36.76
N LEU A 256 20.14 30.39 -36.04
CA LEU A 256 18.87 30.02 -36.66
C LEU A 256 18.10 31.28 -36.96
N GLU A 257 17.28 31.20 -37.98
CA GLU A 257 16.46 32.32 -38.37
C GLU A 257 15.31 32.45 -37.38
N GLU A 258 15.25 33.59 -36.69
CA GLU A 258 14.24 33.79 -35.65
C GLU A 258 12.81 33.75 -36.16
N LYS A 259 12.59 34.14 -37.42
CA LYS A 259 11.27 34.09 -38.03
C LYS A 259 10.77 32.64 -38.16
N GLU A 260 11.66 31.71 -38.49
CA GLU A 260 11.27 30.28 -38.63
C GLU A 260 11.31 29.52 -37.28
N TYR A 261 12.24 29.91 -36.40
CA TYR A 261 12.44 29.31 -35.08
C TYR A 261 12.29 30.34 -34.01
N PRO A 262 11.03 30.67 -33.63
CA PRO A 262 10.75 31.63 -32.54
C PRO A 262 11.52 31.31 -31.24
N GLY A 263 12.18 32.32 -30.64
CA GLY A 263 12.98 32.18 -29.44
C GLY A 263 14.42 31.71 -29.64
N ALA A 264 14.78 31.32 -30.86
CA ALA A 264 16.19 31.01 -31.18
C ALA A 264 16.93 32.30 -31.54
N HIS A 265 18.10 32.17 -32.16
CA HIS A 265 18.97 33.30 -32.49
C HIS A 265 19.43 34.03 -31.23
N THR A 266 19.81 33.27 -30.21
CA THR A 266 20.27 33.80 -28.95
C THR A 266 21.40 32.93 -28.42
N ALA A 267 22.24 33.46 -27.55
CA ALA A 267 23.36 32.68 -27.02
C ALA A 267 22.99 31.83 -25.81
N THR A 268 21.76 31.94 -25.32
CA THR A 268 21.32 31.10 -24.22
C THR A 268 20.02 30.43 -24.64
N ILE A 269 19.70 29.38 -23.90
CA ILE A 269 18.48 28.64 -24.08
C ILE A 269 17.89 28.43 -22.68
N LYS A 270 16.60 28.70 -22.52
CA LYS A 270 15.93 28.46 -21.25
C LYS A 270 16.01 26.96 -20.89
N TYR A 271 16.12 26.65 -19.60
CA TYR A 271 16.32 25.25 -19.24
C TYR A 271 15.15 24.35 -19.68
N THR A 272 13.92 24.91 -19.71
CA THR A 272 12.74 24.22 -20.19
C THR A 272 12.92 23.78 -21.64
N SER A 273 13.46 24.70 -22.45
CA SER A 273 13.74 24.41 -23.85
C SER A 273 14.84 23.38 -24.00
N ALA A 274 15.85 23.49 -23.17
CA ALA A 274 16.96 22.57 -23.23
C ALA A 274 16.51 21.16 -22.88
N LEU A 275 15.65 21.03 -21.87
CA LEU A 275 15.11 19.74 -21.44
C LEU A 275 14.20 19.10 -22.49
N THR A 276 13.58 19.95 -23.33
CA THR A 276 12.71 19.50 -24.41
C THR A 276 13.55 18.87 -25.54
N TYR A 277 14.60 19.56 -25.93
CA TYR A 277 15.58 19.01 -26.84
C TYR A 277 16.09 17.69 -26.32
N ASP A 278 16.53 17.65 -25.07
CA ASP A 278 16.96 16.41 -24.41
C ASP A 278 15.91 15.29 -24.42
N ALA A 279 14.63 15.64 -24.26
CA ALA A 279 13.53 14.68 -24.37
C ALA A 279 13.47 13.97 -25.75
N VAL A 280 13.79 14.72 -26.83
CA VAL A 280 13.80 14.14 -28.17
C VAL A 280 14.94 13.09 -28.24
N GLN A 281 16.09 13.38 -27.63
CA GLN A 281 17.13 12.40 -27.55
C GLN A 281 16.70 11.17 -26.77
N VAL A 282 16.09 11.38 -25.61
CA VAL A 282 15.67 10.26 -24.74
C VAL A 282 14.66 9.34 -25.45
N MET A 283 13.67 9.95 -26.11
CA MET A 283 12.64 9.20 -26.84
C MET A 283 13.28 8.43 -28.02
N THR A 284 14.15 9.09 -28.78
CA THR A 284 14.82 8.43 -29.91
C THR A 284 15.63 7.22 -29.42
N GLU A 285 16.44 7.45 -28.40
CA GLU A 285 17.26 6.43 -27.84
C GLU A 285 16.43 5.22 -27.29
N ALA A 286 15.28 5.50 -26.67
CA ALA A 286 14.38 4.44 -26.18
C ALA A 286 13.84 3.53 -27.29
N PHE A 287 13.30 4.11 -28.35
CA PHE A 287 12.84 3.34 -29.49
C PHE A 287 13.96 2.62 -30.23
N ARG A 288 15.13 3.24 -30.37
CA ARG A 288 16.29 2.52 -30.95
C ARG A 288 16.65 1.31 -30.10
N ASN A 289 16.62 1.47 -28.77
CA ASN A 289 16.92 0.37 -27.82
C ASN A 289 15.94 -0.79 -27.90
N LEU A 290 14.66 -0.48 -28.08
CA LEU A 290 13.67 -1.52 -28.35
C LEU A 290 14.00 -2.37 -29.59
N ARG A 291 14.47 -1.73 -30.65
CA ARG A 291 14.99 -2.47 -31.86
C ARG A 291 16.24 -3.29 -31.59
N LYS A 292 17.20 -2.79 -30.83
CA LYS A 292 18.41 -3.58 -30.48
C LYS A 292 18.05 -4.82 -29.70
N GLN A 293 16.93 -4.77 -28.97
CA GLN A 293 16.47 -5.89 -28.14
C GLN A 293 15.50 -6.78 -28.89
N ARG A 294 15.23 -6.45 -30.16
CA ARG A 294 14.29 -7.16 -31.02
C ARG A 294 12.91 -7.33 -30.35
N ILE A 295 12.47 -6.28 -29.64
CA ILE A 295 11.15 -6.23 -29.01
C ILE A 295 10.23 -5.48 -29.96
N GLU A 296 9.28 -6.18 -30.55
CA GLU A 296 8.42 -5.62 -31.59
C GLU A 296 7.22 -4.85 -31.03
N ILE A 297 6.88 -3.75 -31.69
CA ILE A 297 6.12 -2.69 -31.06
C ILE A 297 4.81 -2.20 -31.72
N SER A 298 4.49 -2.65 -32.94
CA SER A 298 3.34 -2.08 -33.68
C SER A 298 2.00 -2.52 -33.09
N ARG A 299 1.00 -1.62 -33.13
CA ARG A 299 -0.44 -2.00 -33.10
C ARG A 299 -1.27 -0.84 -33.59
N ALA A 303 -5.89 2.20 -31.06
CA ALA A 303 -6.05 2.32 -29.63
C ALA A 303 -7.51 2.66 -29.20
N GLY A 304 -8.32 3.19 -30.13
CA GLY A 304 -9.74 3.46 -29.91
C GLY A 304 -10.12 4.44 -28.78
N ASP A 305 -11.16 4.08 -28.05
CA ASP A 305 -11.91 5.04 -27.21
C ASP A 305 -11.23 5.30 -25.85
N CYS A 306 -10.81 6.55 -25.70
CA CYS A 306 -10.28 7.08 -24.47
C CYS A 306 -11.05 6.68 -23.17
N LEU A 307 -12.39 6.78 -23.20
CA LEU A 307 -13.29 6.44 -22.10
C LEU A 307 -13.93 5.05 -22.18
N ALA A 308 -13.33 4.10 -22.89
CA ALA A 308 -13.85 2.74 -22.98
C ALA A 308 -14.03 2.15 -21.59
N ASN A 309 -15.12 1.41 -21.43
CA ASN A 309 -15.43 0.65 -20.23
C ASN A 309 -15.60 -0.86 -20.59
N PRO A 310 -14.74 -1.74 -20.07
CA PRO A 310 -13.64 -1.38 -19.14
C PRO A 310 -12.44 -0.74 -19.85
N ALA A 311 -11.56 -0.13 -19.05
CA ALA A 311 -10.31 0.43 -19.53
C ALA A 311 -9.47 -0.67 -20.16
N VAL A 312 -9.03 -0.39 -21.38
CA VAL A 312 -8.24 -1.30 -22.23
C VAL A 312 -6.82 -0.72 -22.41
N PRO A 313 -5.86 -1.12 -21.54
CA PRO A 313 -4.46 -0.65 -21.73
C PRO A 313 -3.68 -1.61 -22.61
N TRP A 314 -2.98 -1.11 -23.63
CA TRP A 314 -2.15 -1.99 -24.48
C TRP A 314 -1.00 -2.70 -23.76
N GLY A 315 -0.69 -3.90 -24.22
CA GLY A 315 0.34 -4.75 -23.61
C GLY A 315 1.74 -4.19 -23.76
N GLN A 316 2.00 -3.53 -24.89
CA GLN A 316 3.35 -3.01 -25.16
C GLN A 316 3.71 -1.72 -24.37
N GLY A 317 2.74 -1.11 -23.68
CA GLY A 317 2.95 0.06 -22.82
C GLY A 317 4.10 -0.11 -21.81
N VAL A 318 4.09 -1.22 -21.09
CA VAL A 318 5.16 -1.51 -20.12
C VAL A 318 6.53 -1.57 -20.75
N GLU A 319 6.61 -2.07 -21.98
CA GLU A 319 7.88 -2.21 -22.68
C GLU A 319 8.43 -0.84 -23.06
N ILE A 320 7.55 0.03 -23.54
CA ILE A 320 7.92 1.40 -23.89
C ILE A 320 8.40 2.17 -22.65
N GLU A 321 7.64 2.06 -21.56
CA GLU A 321 7.97 2.69 -20.30
C GLU A 321 9.37 2.28 -19.84
N ARG A 322 9.59 0.98 -19.80
CA ARG A 322 10.84 0.41 -19.37
C ARG A 322 12.00 0.91 -20.26
N ALA A 323 11.85 0.88 -21.57
CA ALA A 323 12.91 1.40 -22.44
C ALA A 323 13.24 2.86 -22.20
N LEU A 324 12.23 3.71 -21.98
CA LEU A 324 12.42 5.14 -21.66
C LEU A 324 13.26 5.31 -20.41
N LYS A 325 12.85 4.57 -19.38
CA LYS A 325 13.45 4.67 -18.06
C LYS A 325 14.87 4.07 -17.98
N GLN A 326 15.25 3.19 -18.93
CA GLN A 326 16.61 2.64 -19.01
C GLN A 326 17.60 3.45 -19.81
N VAL A 327 17.14 4.46 -20.51
CA VAL A 327 18.02 5.35 -21.25
C VAL A 327 19.05 6.00 -20.33
N GLN A 328 20.25 6.13 -20.86
CA GLN A 328 21.32 6.91 -20.24
C GLN A 328 22.13 7.62 -21.36
N VAL A 329 22.07 8.95 -21.42
CA VAL A 329 22.75 9.73 -22.45
C VAL A 329 23.28 11.00 -21.80
N GLU A 330 24.08 11.72 -22.58
CA GLU A 330 24.57 13.05 -22.25
C GLU A 330 23.74 13.99 -23.04
N GLY A 331 23.19 15.02 -22.40
CA GLY A 331 22.54 16.10 -23.13
C GLY A 331 22.89 17.50 -22.71
N LEU A 332 22.07 18.45 -23.12
CA LEU A 332 22.23 19.86 -22.67
C LEU A 332 22.13 20.00 -21.18
N SER A 333 21.40 19.10 -20.52
CA SER A 333 21.28 19.16 -19.08
C SER A 333 22.21 18.19 -18.36
N GLY A 334 23.34 17.81 -18.97
CA GLY A 334 24.30 16.92 -18.32
C GLY A 334 23.99 15.44 -18.54
N ASN A 335 24.41 14.61 -17.61
CA ASN A 335 24.09 13.19 -17.69
C ASN A 335 22.61 13.00 -17.36
N ILE A 336 21.94 12.22 -18.21
CA ILE A 336 20.52 11.93 -18.15
C ILE A 336 20.34 10.47 -17.86
N LYS A 337 19.75 10.17 -16.71
CA LYS A 337 19.47 8.84 -16.28
C LYS A 337 18.29 8.89 -15.33
N PHE A 338 17.50 7.82 -15.31
CA PHE A 338 16.25 7.75 -14.56
C PHE A 338 16.19 6.58 -13.60
N ASP A 339 15.57 6.76 -12.44
CA ASP A 339 15.21 5.63 -11.58
C ASP A 339 13.94 4.95 -12.07
N GLN A 340 13.55 3.93 -11.36
CA GLN A 340 12.35 3.18 -11.73
C GLN A 340 11.04 3.98 -11.71
N ASN A 341 10.98 5.12 -11.04
CA ASN A 341 9.78 6.03 -11.09
C ASN A 341 9.95 7.27 -12.01
N GLY A 342 10.90 7.17 -12.93
CA GLY A 342 11.13 8.18 -13.91
C GLY A 342 11.72 9.48 -13.43
N LYS A 343 12.36 9.47 -12.26
CA LYS A 343 12.95 10.70 -11.74
C LYS A 343 14.41 10.74 -12.15
N ARG A 344 14.93 11.94 -12.45
CA ARG A 344 16.33 12.07 -12.79
C ARG A 344 17.21 11.60 -11.63
N ILE A 345 18.21 10.81 -11.92
CA ILE A 345 19.23 10.45 -10.90
C ILE A 345 20.63 10.61 -11.55
N ASN A 346 21.64 10.61 -10.70
CA ASN A 346 23.01 10.76 -11.12
C ASN A 346 23.24 12.07 -11.89
N TYR A 347 22.57 13.15 -11.46
CA TYR A 347 22.66 14.44 -12.16
C TYR A 347 23.53 15.39 -11.37
N THR A 348 23.83 16.51 -12.00
CA THR A 348 24.62 17.58 -11.48
C THR A 348 23.87 18.91 -11.64
N ILE A 349 23.86 19.74 -10.58
CA ILE A 349 23.35 21.13 -10.64
C ILE A 349 24.49 22.08 -10.28
N ASN A 350 24.81 22.96 -11.21
CA ASN A 350 25.82 23.97 -10.96
C ASN A 350 25.30 25.07 -10.08
N ILE A 351 26.11 25.49 -9.13
CA ILE A 351 25.85 26.57 -8.19
C ILE A 351 26.59 27.81 -8.71
N MET A 352 25.83 28.90 -8.88
CA MET A 352 26.28 30.16 -9.46
C MET A 352 26.19 31.32 -8.46
N GLU A 353 27.12 32.27 -8.56
CA GLU A 353 26.97 33.58 -7.90
C GLU A 353 27.22 34.63 -8.97
N LEU A 354 26.46 35.72 -8.84
CA LEU A 354 26.58 36.89 -9.73
C LEU A 354 27.73 37.78 -9.28
N LYS A 355 28.60 38.15 -10.20
CA LYS A 355 29.70 39.08 -9.93
C LYS A 355 29.67 40.22 -10.91
N THR A 356 30.46 41.27 -10.67
CA THR A 356 30.38 42.44 -11.54
C THR A 356 30.82 42.15 -12.97
N ASN A 357 31.62 41.09 -13.19
CA ASN A 357 31.93 40.64 -14.56
C ASN A 357 31.04 39.52 -15.13
N GLY A 358 29.93 39.20 -14.49
CA GLY A 358 29.01 38.17 -15.00
C GLY A 358 28.78 37.05 -14.00
N PRO A 359 27.81 36.16 -14.30
CA PRO A 359 27.60 34.99 -13.43
C PRO A 359 28.87 34.10 -13.41
N ARG A 360 29.20 33.60 -12.23
CA ARG A 360 30.32 32.69 -12.01
C ARG A 360 29.87 31.36 -11.36
N LYS A 361 30.32 30.28 -11.97
CA LYS A 361 30.14 28.93 -11.41
C LYS A 361 31.07 28.72 -10.24
N ILE A 362 30.55 28.52 -9.04
CA ILE A 362 31.38 28.29 -7.86
C ILE A 362 31.47 26.85 -7.39
N GLY A 363 30.66 26.00 -7.98
CA GLY A 363 30.60 24.62 -7.59
C GLY A 363 29.37 23.95 -8.16
N TYR A 364 29.02 22.83 -7.54
CA TYR A 364 27.94 22.08 -8.02
C TYR A 364 27.41 21.20 -6.91
N TRP A 365 26.17 20.75 -7.09
CA TRP A 365 25.50 19.83 -6.17
C TRP A 365 25.24 18.57 -6.98
N SER A 366 25.49 17.43 -6.34
CA SER A 366 25.32 16.18 -7.00
C SER A 366 24.43 15.30 -6.18
N GLU A 367 23.74 14.51 -6.96
CA GLU A 367 22.67 13.70 -6.48
C GLU A 367 23.22 12.47 -5.76
N VAL A 368 24.41 12.00 -6.17
CA VAL A 368 25.18 10.99 -5.39
C VAL A 368 25.77 11.51 -4.03
N ASP A 369 26.53 12.61 -4.02
CA ASP A 369 27.10 13.26 -2.79
C ASP A 369 26.20 14.49 -2.37
N LYS A 370 26.78 15.72 -2.09
CA LYS A 370 26.02 17.02 -1.94
C LYS A 370 26.80 18.29 -2.48
N MET A 371 27.00 19.36 -1.73
CA MET A 371 27.61 20.53 -2.34
C MET A 371 29.16 20.58 -2.43
N VAL A 372 29.72 20.76 -3.61
CA VAL A 372 31.17 20.82 -3.83
C VAL A 372 31.60 22.21 -4.32
N VAL A 373 32.64 22.78 -3.71
CA VAL A 373 33.28 24.03 -4.20
C VAL A 373 34.39 23.71 -5.21
N THR A 374 34.33 24.31 -6.42
CA THR A 374 35.31 24.08 -7.54
C THR A 374 36.20 25.26 -7.81
N PHE B 2 -42.45 22.90 -17.25
CA PHE B 2 -41.48 22.32 -16.25
C PHE B 2 -41.57 20.80 -16.17
N PRO B 3 -40.40 20.12 -16.13
CA PRO B 3 -40.48 18.65 -16.15
C PRO B 3 -41.14 18.00 -14.91
N ASN B 4 -41.66 16.79 -15.07
CA ASN B 4 -42.23 15.99 -14.00
C ASN B 4 -41.16 15.48 -12.99
N THR B 5 -39.95 15.25 -13.51
CA THR B 5 -38.81 14.65 -12.83
C THR B 5 -37.58 15.54 -13.06
N ILE B 6 -36.88 15.88 -11.98
CA ILE B 6 -35.50 16.38 -12.04
C ILE B 6 -34.57 15.26 -11.62
N SER B 7 -33.61 14.89 -12.46
CA SER B 7 -32.68 13.89 -12.02
C SER B 7 -31.30 14.50 -11.78
N ILE B 8 -30.69 14.11 -10.66
CA ILE B 8 -29.34 14.52 -10.33
C ILE B 8 -28.35 13.35 -10.35
N GLY B 9 -27.06 13.68 -10.47
CA GLY B 9 -26.00 12.74 -10.32
C GLY B 9 -25.51 12.70 -8.87
N GLY B 10 -24.91 11.56 -8.52
CA GLY B 10 -24.35 11.32 -7.20
C GLY B 10 -22.97 10.68 -7.41
N LEU B 11 -21.91 11.36 -7.01
CA LEU B 11 -20.55 10.86 -7.14
C LEU B 11 -19.99 10.59 -5.75
N PHE B 12 -19.97 9.32 -5.38
CA PHE B 12 -19.53 8.91 -4.05
C PHE B 12 -18.16 8.21 -4.09
N MET B 13 -17.36 8.42 -3.06
CA MET B 13 -16.03 7.84 -2.98
C MET B 13 -15.99 6.87 -1.83
N ARG B 14 -14.80 6.25 -1.65
CA ARG B 14 -14.51 5.46 -0.47
C ARG B 14 -14.81 6.29 0.78
N ASN B 15 -15.30 5.63 1.81
CA ASN B 15 -15.49 6.28 3.07
C ASN B 15 -16.66 7.35 3.08
N THR B 16 -17.60 7.19 2.14
CA THR B 16 -18.85 7.98 2.14
C THR B 16 -20.10 7.12 2.33
N VAL B 17 -19.99 6.04 3.11
CA VAL B 17 -21.13 5.14 3.34
C VAL B 17 -22.32 5.88 4.01
N GLN B 18 -22.03 6.50 5.14
CA GLN B 18 -23.03 7.28 5.85
C GLN B 18 -23.67 8.43 5.03
N GLU B 19 -22.83 9.17 4.34
CA GLU B 19 -23.28 10.25 3.47
C GLU B 19 -24.18 9.74 2.37
N HIS B 20 -23.87 8.55 1.86
CA HIS B 20 -24.69 7.93 0.85
C HIS B 20 -26.11 7.58 1.40
N SER B 21 -26.15 7.07 2.65
CA SER B 21 -27.41 6.83 3.32
C SER B 21 -28.18 8.11 3.53
N ALA B 22 -27.46 9.16 3.96
CA ALA B 22 -28.06 10.52 4.17
C ALA B 22 -28.59 11.18 2.90
N PHE B 23 -27.91 10.96 1.81
CA PHE B 23 -28.35 11.37 0.50
C PHE B 23 -29.69 10.75 0.08
N ARG B 24 -29.76 9.42 0.10
CA ARG B 24 -30.96 8.66 -0.21
C ARG B 24 -32.11 9.04 0.73
N PHE B 25 -31.83 9.17 2.01
CA PHE B 25 -32.87 9.54 2.97
C PHE B 25 -33.34 10.96 2.74
N ALA B 26 -32.43 11.90 2.53
CA ALA B 26 -32.88 13.27 2.18
C ALA B 26 -33.77 13.33 0.93
N VAL B 27 -33.44 12.57 -0.09
CA VAL B 27 -34.27 12.55 -1.31
C VAL B 27 -35.64 11.89 -1.02
N GLN B 28 -35.63 10.81 -0.25
CA GLN B 28 -36.89 10.21 0.21
C GLN B 28 -37.73 11.16 1.06
N LEU B 29 -37.13 12.02 1.92
CA LEU B 29 -37.89 13.04 2.67
C LEU B 29 -38.52 14.06 1.75
N TYR B 30 -37.75 14.47 0.73
CA TYR B 30 -38.26 15.38 -0.28
C TYR B 30 -39.45 14.73 -1.02
N ASN B 31 -39.29 13.48 -1.49
CA ASN B 31 -40.29 12.86 -2.37
C ASN B 31 -41.56 12.37 -1.66
N THR B 32 -41.51 12.13 -0.35
CA THR B 32 -42.66 11.56 0.35
C THR B 32 -43.50 12.68 0.95
N ASN B 33 -43.09 13.93 0.80
CA ASN B 33 -43.88 15.07 1.24
C ASN B 33 -45.19 15.08 0.43
N GLN B 34 -46.33 15.20 1.13
CA GLN B 34 -47.67 15.18 0.47
C GLN B 34 -48.12 16.54 -0.14
N ASN B 35 -47.58 17.62 0.43
CA ASN B 35 -47.81 18.98 -0.02
C ASN B 35 -47.21 19.19 -1.40
N THR B 36 -48.05 19.36 -2.40
CA THR B 36 -47.63 19.45 -3.80
C THR B 36 -46.94 20.80 -4.17
N THR B 37 -47.09 21.79 -3.30
CA THR B 37 -46.39 23.05 -3.47
C THR B 37 -44.88 22.88 -3.07
N GLU B 38 -44.64 22.04 -2.07
CA GLU B 38 -43.28 21.73 -1.62
C GLU B 38 -42.65 20.56 -2.40
N LYS B 39 -43.48 19.80 -3.13
CA LYS B 39 -43.03 18.71 -3.91
C LYS B 39 -43.65 18.71 -5.31
N PRO B 40 -43.33 19.70 -6.11
CA PRO B 40 -43.95 19.79 -7.45
C PRO B 40 -43.26 18.95 -8.54
N PHE B 41 -42.12 18.34 -8.26
CA PHE B 41 -41.46 17.47 -9.23
C PHE B 41 -40.89 16.30 -8.45
N HIS B 42 -40.71 15.17 -9.09
CA HIS B 42 -40.10 14.05 -8.43
C HIS B 42 -38.57 14.24 -8.59
N LEU B 43 -37.82 14.00 -7.50
CA LEU B 43 -36.35 14.04 -7.55
C LEU B 43 -35.77 12.62 -7.75
N ASN B 44 -35.07 12.45 -8.87
CA ASN B 44 -34.41 11.18 -9.18
C ASN B 44 -32.88 11.31 -9.08
N TYR B 45 -32.21 10.20 -8.87
CA TYR B 45 -30.73 10.20 -8.84
C TYR B 45 -30.13 9.02 -9.56
N HIS B 46 -28.95 9.22 -10.13
CA HIS B 46 -28.08 8.13 -10.56
C HIS B 46 -26.75 8.24 -9.83
N VAL B 47 -26.44 7.23 -9.03
CA VAL B 47 -25.27 7.18 -8.24
C VAL B 47 -24.14 6.38 -8.94
N ASP B 48 -22.92 6.90 -8.86
CA ASP B 48 -21.68 6.13 -9.18
C ASP B 48 -20.79 6.05 -7.97
N HIS B 49 -20.33 4.85 -7.65
CA HIS B 49 -19.38 4.65 -6.56
C HIS B 49 -18.00 4.49 -7.15
N LEU B 50 -17.03 5.28 -6.69
CA LEU B 50 -15.65 5.15 -7.16
C LEU B 50 -14.88 4.34 -6.14
N ASP B 51 -14.38 3.17 -6.52
CA ASP B 51 -13.44 2.43 -5.67
C ASP B 51 -12.19 3.31 -5.31
N SER B 52 -11.74 4.16 -6.23
CA SER B 52 -10.79 5.21 -5.88
C SER B 52 -11.15 6.47 -6.61
N SER B 53 -10.71 7.62 -6.09
CA SER B 53 -10.97 8.90 -6.72
C SER B 53 -9.69 9.52 -7.31
N ASN B 54 -9.30 8.94 -8.45
CA ASN B 54 -8.34 9.49 -9.38
C ASN B 54 -9.06 10.17 -10.55
N SER B 55 -8.30 10.93 -11.34
CA SER B 55 -8.87 11.71 -12.42
C SER B 55 -9.54 10.91 -13.51
N PHE B 56 -9.01 9.74 -13.84
CA PHE B 56 -9.56 8.89 -14.93
C PHE B 56 -11.00 8.43 -14.52
N SER B 57 -11.11 7.84 -13.33
CA SER B 57 -12.39 7.26 -12.89
C SER B 57 -13.47 8.32 -12.70
N VAL B 58 -13.10 9.45 -12.13
CA VAL B 58 -14.01 10.59 -11.97
C VAL B 58 -14.45 11.21 -13.31
N THR B 59 -13.55 11.28 -14.29
CA THR B 59 -13.90 11.77 -15.62
C THR B 59 -14.88 10.81 -16.26
N ASN B 60 -14.64 9.53 -16.09
CA ASN B 60 -15.49 8.47 -16.60
C ASN B 60 -16.94 8.55 -16.02
N ALA B 61 -17.03 8.70 -14.72
CA ALA B 61 -18.28 8.82 -14.08
C ALA B 61 -19.00 10.09 -14.50
N PHE B 62 -18.29 11.22 -14.44
CA PHE B 62 -18.87 12.48 -14.90
C PHE B 62 -19.46 12.36 -16.30
N CYS B 63 -18.71 11.80 -17.23
CA CYS B 63 -19.20 11.71 -18.61
C CYS B 63 -20.44 10.80 -18.79
N SER B 64 -20.48 9.66 -18.10
CA SER B 64 -21.65 8.81 -18.22
C SER B 64 -22.84 9.50 -17.58
N GLN B 65 -22.65 10.17 -16.46
CA GLN B 65 -23.75 10.95 -15.87
C GLN B 65 -24.18 12.07 -16.79
N PHE B 66 -23.20 12.74 -17.40
CA PHE B 66 -23.54 13.85 -18.25
C PHE B 66 -24.40 13.36 -19.46
N SER B 67 -23.97 12.22 -20.02
CA SER B 67 -24.68 11.56 -21.14
C SER B 67 -26.08 11.02 -20.84
N ARG B 68 -26.25 10.46 -19.64
CA ARG B 68 -27.51 9.93 -19.23
C ARG B 68 -28.51 11.07 -19.06
N GLY B 69 -28.09 12.23 -18.52
CA GLY B 69 -28.98 13.40 -18.36
C GLY B 69 -29.18 13.78 -16.91
N VAL B 70 -28.55 14.85 -16.48
CA VAL B 70 -28.60 15.32 -15.12
C VAL B 70 -28.76 16.79 -15.21
N TYR B 71 -29.44 17.36 -14.22
CA TYR B 71 -29.57 18.79 -14.07
C TYR B 71 -28.57 19.40 -13.10
N ALA B 72 -27.88 18.55 -12.34
CA ALA B 72 -26.77 18.90 -11.43
C ALA B 72 -26.18 17.61 -10.89
N ILE B 73 -24.99 17.73 -10.31
CA ILE B 73 -24.30 16.59 -9.75
C ILE B 73 -23.98 16.91 -8.30
N PHE B 74 -24.41 16.03 -7.41
CA PHE B 74 -24.00 16.05 -6.04
C PHE B 74 -22.79 15.13 -5.89
N GLY B 75 -21.84 15.51 -5.05
CA GLY B 75 -20.69 14.64 -4.85
C GLY B 75 -19.53 15.09 -4.00
N PHE B 76 -18.46 14.27 -4.06
CA PHE B 76 -17.23 14.40 -3.25
C PHE B 76 -16.03 14.45 -4.19
N TYR B 77 -15.09 15.33 -3.89
CA TYR B 77 -13.77 15.29 -4.49
C TYR B 77 -12.69 15.21 -3.41
N ASP B 78 -11.48 14.83 -3.85
CA ASP B 78 -10.33 14.98 -3.01
C ASP B 78 -9.24 15.72 -3.76
N GLN B 79 -8.09 15.97 -3.14
CA GLN B 79 -6.97 16.61 -3.84
C GLN B 79 -6.62 16.00 -5.17
N MET B 80 -6.78 14.71 -5.34
CA MET B 80 -6.46 14.09 -6.64
C MET B 80 -7.50 14.32 -7.73
N SER B 81 -8.79 14.47 -7.37
CA SER B 81 -9.84 14.60 -8.39
C SER B 81 -10.42 16.00 -8.61
N MET B 82 -10.22 16.87 -7.62
CA MET B 82 -10.86 18.18 -7.54
C MET B 82 -10.66 18.99 -8.82
N ASN B 83 -9.46 19.05 -9.37
CA ASN B 83 -9.24 19.98 -10.52
C ASN B 83 -9.95 19.53 -11.76
N THR B 84 -10.00 18.22 -11.98
CA THR B 84 -10.70 17.64 -13.09
C THR B 84 -12.18 17.94 -13.04
N LEU B 85 -12.81 17.68 -11.90
CA LEU B 85 -14.26 17.99 -11.71
C LEU B 85 -14.61 19.42 -11.91
N THR B 86 -13.87 20.31 -11.27
CA THR B 86 -14.15 21.75 -11.40
C THR B 86 -13.91 22.21 -12.79
N SER B 87 -12.88 21.66 -13.46
CA SER B 87 -12.66 22.06 -14.86
C SER B 87 -13.80 21.60 -15.79
N PHE B 88 -14.25 20.37 -15.63
CA PHE B 88 -15.29 19.81 -16.47
C PHE B 88 -16.62 20.59 -16.19
N CYS B 89 -16.96 20.77 -14.92
CA CYS B 89 -18.22 21.54 -14.55
C CYS B 89 -18.18 22.92 -15.14
N GLY B 90 -17.01 23.56 -15.09
CA GLY B 90 -16.85 24.91 -15.65
C GLY B 90 -16.90 25.03 -17.18
N ALA B 91 -16.35 24.04 -17.88
CA ALA B 91 -16.42 24.03 -19.33
C ALA B 91 -17.85 23.68 -19.80
N LEU B 92 -18.50 22.73 -19.13
CA LEU B 92 -19.80 22.30 -19.59
C LEU B 92 -21.03 22.96 -18.90
N HIS B 93 -20.78 23.90 -17.99
CA HIS B 93 -21.81 24.63 -17.25
C HIS B 93 -22.73 23.68 -16.43
N THR B 94 -22.12 22.67 -15.82
CA THR B 94 -22.81 21.67 -15.02
C THR B 94 -22.44 21.95 -13.57
N SER B 95 -23.43 22.24 -12.73
CA SER B 95 -23.20 22.60 -11.34
C SER B 95 -22.94 21.34 -10.51
N PHE B 96 -21.83 21.36 -9.79
CA PHE B 96 -21.43 20.37 -8.81
C PHE B 96 -21.77 20.91 -7.41
N VAL B 97 -22.48 20.12 -6.59
CA VAL B 97 -22.76 20.52 -5.26
C VAL B 97 -22.08 19.57 -4.29
N THR B 98 -21.40 20.11 -3.30
CA THR B 98 -20.43 19.25 -2.55
C THR B 98 -20.26 19.59 -1.09
N PRO B 99 -20.13 18.57 -0.22
CA PRO B 99 -19.67 18.82 1.13
C PRO B 99 -18.15 18.70 1.35
N SER B 100 -17.37 18.55 0.27
CA SER B 100 -15.87 18.45 0.40
C SER B 100 -15.25 19.75 0.81
N PHE B 101 -13.94 19.72 1.09
CA PHE B 101 -13.24 20.93 1.47
C PHE B 101 -13.48 22.05 0.42
N PRO B 102 -13.71 23.28 0.88
CA PRO B 102 -13.97 24.36 -0.04
C PRO B 102 -12.66 24.69 -0.78
N THR B 103 -12.73 25.01 -2.06
CA THR B 103 -11.53 25.15 -2.87
C THR B 103 -10.75 26.43 -2.65
N ASP B 104 -9.50 26.32 -3.09
CA ASP B 104 -8.49 27.40 -2.93
C ASP B 104 -8.89 28.54 -3.90
N ALA B 105 -9.03 28.15 -5.16
CA ALA B 105 -9.42 29.05 -6.25
C ALA B 105 -10.85 29.55 -6.25
N ASP B 106 -11.02 30.70 -6.88
CA ASP B 106 -12.29 31.25 -7.28
C ASP B 106 -12.77 30.51 -8.52
N VAL B 107 -13.77 29.64 -8.37
CA VAL B 107 -14.29 28.89 -9.50
C VAL B 107 -15.77 29.10 -9.68
N GLN B 108 -16.22 28.73 -10.88
CA GLN B 108 -17.57 28.79 -11.29
C GLN B 108 -18.19 27.36 -11.24
N PHE B 109 -19.53 27.31 -11.13
CA PHE B 109 -20.33 26.05 -11.18
C PHE B 109 -20.09 24.99 -10.11
N VAL B 110 -19.53 25.41 -8.95
CA VAL B 110 -19.26 24.53 -7.81
C VAL B 110 -19.93 25.17 -6.57
N ILE B 111 -20.94 24.50 -6.01
CA ILE B 111 -21.58 25.00 -4.80
C ILE B 111 -20.92 24.29 -3.63
N GLN B 112 -20.27 25.05 -2.75
CA GLN B 112 -19.41 24.47 -1.71
C GLN B 112 -20.13 24.53 -0.42
N MET B 113 -20.71 23.42 0.00
CA MET B 113 -21.57 23.40 1.20
C MET B 113 -20.78 23.62 2.49
N ARG B 114 -19.48 23.26 2.47
CA ARG B 114 -18.69 23.33 3.69
C ARG B 114 -18.12 24.74 3.88
N PRO B 115 -18.44 25.42 5.02
CA PRO B 115 -17.83 26.73 5.29
C PRO B 115 -16.33 26.64 5.47
N ALA B 116 -15.61 27.67 5.04
CA ALA B 116 -14.18 27.76 5.25
C ALA B 116 -13.94 27.94 6.73
N LEU B 117 -12.83 27.37 7.20
CA LEU B 117 -12.48 27.36 8.60
C LEU B 117 -11.38 28.40 8.98
N LYS B 118 -10.64 28.97 8.01
CA LYS B 118 -9.42 29.75 8.33
C LYS B 118 -9.70 30.96 9.24
N GLY B 119 -10.79 31.66 8.96
CA GLY B 119 -11.16 32.81 9.76
C GLY B 119 -11.42 32.49 11.23
N ALA B 120 -12.19 31.44 11.50
CA ALA B 120 -12.39 31.03 12.88
C ALA B 120 -11.05 30.66 13.49
N ILE B 121 -10.21 29.90 12.80
CA ILE B 121 -8.86 29.51 13.37
C ILE B 121 -8.07 30.74 13.74
N LEU B 122 -7.91 31.68 12.83
CA LEU B 122 -7.19 32.93 13.10
C LEU B 122 -7.77 33.76 14.27
N SER B 123 -9.10 33.86 14.36
CA SER B 123 -9.69 34.61 15.49
C SER B 123 -9.38 33.93 16.83
N LEU B 124 -9.43 32.61 16.90
CA LEU B 124 -9.11 31.93 18.18
C LEU B 124 -7.64 31.98 18.58
N LEU B 125 -6.73 31.92 17.60
CA LEU B 125 -5.32 32.09 17.89
C LEU B 125 -5.09 33.50 18.47
N SER B 126 -5.82 34.48 17.90
CA SER B 126 -5.85 35.87 18.41
C SER B 126 -6.39 35.94 19.86
N TYR B 127 -7.52 35.31 20.10
CA TYR B 127 -8.16 35.32 21.43
C TYR B 127 -7.28 34.67 22.49
N TYR B 128 -6.68 33.54 22.18
CA TYR B 128 -5.81 32.86 23.14
C TYR B 128 -4.41 33.50 23.22
N LYS B 129 -4.15 34.50 22.38
CA LYS B 129 -2.84 35.18 22.26
C LYS B 129 -1.67 34.23 21.94
N TRP B 130 -1.91 33.22 21.12
CA TRP B 130 -0.84 32.29 20.68
C TRP B 130 0.18 33.02 19.80
N GLU B 131 1.41 33.17 20.26
CA GLU B 131 2.51 33.73 19.42
C GLU B 131 3.61 32.75 19.08
N LYS B 132 3.66 31.63 19.79
CA LYS B 132 4.65 30.56 19.62
C LYS B 132 3.91 29.26 19.70
N PHE B 133 3.91 28.46 18.62
CA PHE B 133 3.21 27.18 18.61
C PHE B 133 3.66 26.24 17.52
N VAL B 134 3.34 24.97 17.69
CA VAL B 134 3.56 23.96 16.67
C VAL B 134 2.31 23.82 15.82
N TYR B 135 2.53 23.73 14.51
CA TYR B 135 1.50 23.59 13.51
C TYR B 135 1.68 22.28 12.76
N LEU B 136 0.87 21.27 13.09
CA LEU B 136 0.90 19.97 12.44
C LEU B 136 -0.26 19.88 11.42
N TYR B 137 0.06 19.61 10.17
CA TYR B 137 -0.91 19.63 9.09
C TYR B 137 -0.70 18.51 8.06
N ASP B 138 -1.82 18.14 7.45
CA ASP B 138 -1.86 17.39 6.21
C ASP B 138 -2.62 18.28 5.18
N THR B 139 -2.50 17.89 3.90
CA THR B 139 -2.97 18.68 2.76
C THR B 139 -4.28 18.17 2.16
N GLU B 140 -4.95 17.23 2.82
CA GLU B 140 -6.17 16.62 2.30
C GLU B 140 -7.35 17.58 2.15
N ARG B 141 -7.34 18.69 2.88
CA ARG B 141 -8.41 19.73 2.78
C ARG B 141 -7.85 21.01 2.18
N GLY B 142 -6.80 20.88 1.36
CA GLY B 142 -6.26 22.04 0.69
C GLY B 142 -5.15 22.78 1.44
N PHE B 143 -4.77 23.91 0.87
CA PHE B 143 -3.69 24.71 1.42
C PHE B 143 -4.13 26.01 2.02
N SER B 144 -5.44 26.24 2.13
CA SER B 144 -5.92 27.55 2.60
C SER B 144 -5.41 27.86 4.00
N VAL B 145 -5.56 26.91 4.91
CA VAL B 145 -5.18 27.12 6.30
C VAL B 145 -3.67 27.34 6.38
N LEU B 146 -2.86 26.50 5.71
CA LEU B 146 -1.41 26.65 5.79
C LEU B 146 -1.04 28.05 5.29
N GLN B 147 -1.63 28.51 4.19
CA GLN B 147 -1.28 29.85 3.67
C GLN B 147 -1.67 30.98 4.60
N ALA B 148 -2.83 30.84 5.24
CA ALA B 148 -3.31 31.79 6.19
C ALA B 148 -2.44 31.84 7.43
N ILE B 149 -2.02 30.69 7.94
CA ILE B 149 -1.12 30.62 9.08
C ILE B 149 0.22 31.27 8.77
N MET B 150 0.80 30.94 7.63
CA MET B 150 2.08 31.55 7.22
C MET B 150 1.98 33.09 7.12
N GLU B 151 0.88 33.57 6.54
CA GLU B 151 0.72 34.96 6.30
C GLU B 151 0.51 35.72 7.62
N ALA B 152 -0.37 35.20 8.49
CA ALA B 152 -0.58 35.75 9.85
C ALA B 152 0.69 35.71 10.69
N ALA B 153 1.54 34.70 10.49
CA ALA B 153 2.87 34.68 11.19
C ALA B 153 3.75 35.87 10.82
N VAL B 154 3.79 36.19 9.55
CA VAL B 154 4.50 37.38 9.08
C VAL B 154 3.90 38.65 9.64
N GLN B 155 2.60 38.85 9.53
CA GLN B 155 1.94 40.09 10.05
C GLN B 155 2.13 40.31 11.54
N ASN B 156 2.03 39.23 12.33
CA ASN B 156 2.09 39.27 13.80
C ASN B 156 3.37 38.81 14.47
N ASN B 157 4.46 38.61 13.70
CA ASN B 157 5.73 38.15 14.26
C ASN B 157 5.61 36.92 15.15
N TRP B 158 4.86 35.93 14.68
CA TRP B 158 4.71 34.65 15.37
C TRP B 158 5.90 33.75 15.09
N GLN B 159 6.17 32.82 15.99
CA GLN B 159 7.11 31.73 15.75
C GLN B 159 6.32 30.45 15.57
N VAL B 160 6.16 29.99 14.34
CA VAL B 160 5.38 28.80 14.03
C VAL B 160 6.34 27.70 13.59
N THR B 161 6.33 26.58 14.29
CA THR B 161 7.08 25.42 13.85
C THR B 161 6.13 24.54 13.07
N ALA B 162 6.27 24.56 11.75
CA ALA B 162 5.32 23.97 10.83
C ALA B 162 5.87 22.64 10.32
N ARG B 163 5.10 21.57 10.55
CA ARG B 163 5.51 20.23 10.17
C ARG B 163 4.38 19.51 9.44
N SER B 164 4.68 19.12 8.20
CA SER B 164 3.81 18.32 7.34
C SER B 164 3.83 16.89 7.87
N VAL B 165 2.67 16.30 8.11
CA VAL B 165 2.56 14.99 8.71
C VAL B 165 1.68 13.99 7.93
N GLY B 166 1.16 14.39 6.77
CA GLY B 166 0.21 13.57 6.01
C GLY B 166 0.76 12.29 5.43
N ASN B 167 2.08 12.20 5.28
CA ASN B 167 2.71 10.97 4.74
C ASN B 167 3.24 10.03 5.77
N ILE B 168 3.17 10.40 7.04
CA ILE B 168 3.65 9.54 8.12
C ILE B 168 2.71 8.32 8.28
N LYS B 169 3.28 7.14 8.00
CA LYS B 169 2.61 5.83 8.18
C LYS B 169 2.94 5.14 9.52
N ASP B 170 4.19 5.28 10.00
CA ASP B 170 4.64 4.61 11.23
C ASP B 170 4.50 5.55 12.45
N VAL B 171 3.78 5.07 13.47
CA VAL B 171 3.43 5.91 14.63
C VAL B 171 4.65 6.37 15.45
N GLN B 172 5.78 5.69 15.34
CA GLN B 172 6.98 6.14 16.03
C GLN B 172 7.48 7.51 15.52
N GLU B 173 7.20 7.87 14.26
CA GLU B 173 7.53 9.21 13.80
C GLU B 173 6.70 10.28 14.51
N PHE B 174 5.44 10.03 14.83
CA PHE B 174 4.66 11.01 15.59
C PHE B 174 5.22 11.17 16.97
N ARG B 175 5.61 10.07 17.61
CA ARG B 175 6.28 10.14 18.91
C ARG B 175 7.54 11.01 18.88
N ARG B 176 8.39 10.82 17.86
CA ARG B 176 9.65 11.56 17.77
C ARG B 176 9.41 13.06 17.65
N ILE B 177 8.39 13.43 16.89
CA ILE B 177 8.06 14.84 16.69
C ILE B 177 7.58 15.47 18.02
N ILE B 178 6.69 14.76 18.72
CA ILE B 178 6.15 15.27 19.95
C ILE B 178 7.27 15.43 21.01
N GLU B 179 8.14 14.44 21.13
CA GLU B 179 9.24 14.50 22.08
C GLU B 179 10.23 15.64 21.75
N GLU B 180 10.50 15.91 20.48
CA GLU B 180 11.40 17.00 20.10
C GLU B 180 10.75 18.34 20.44
N MET B 181 9.47 18.49 20.13
CA MET B 181 8.76 19.72 20.47
C MET B 181 8.68 19.87 21.97
N ASP B 182 8.50 18.78 22.72
CA ASP B 182 8.42 18.93 24.18
C ASP B 182 9.76 19.41 24.78
N ARG B 183 10.88 18.90 24.25
CA ARG B 183 12.21 19.40 24.59
C ARG B 183 12.41 20.89 24.27
N ARG B 184 11.74 21.41 23.26
CA ARG B 184 11.76 22.85 23.04
C ARG B 184 10.70 23.64 23.83
N GLN B 185 10.07 22.99 24.82
CA GLN B 185 9.06 23.64 25.72
C GLN B 185 7.84 24.09 24.98
N GLU B 186 7.48 23.42 23.90
CA GLU B 186 6.33 23.83 23.11
C GLU B 186 5.10 23.31 23.83
N LYS B 187 4.12 24.18 24.03
CA LYS B 187 2.92 23.80 24.76
C LYS B 187 1.63 23.90 23.96
N ARG B 188 1.73 24.53 22.80
CA ARG B 188 0.60 24.85 21.99
C ARG B 188 0.72 24.15 20.65
N TYR B 189 -0.30 23.33 20.33
CA TYR B 189 -0.41 22.63 19.08
C TYR B 189 -1.67 22.99 18.31
N LEU B 190 -1.49 23.45 17.07
CA LEU B 190 -2.58 23.53 16.10
C LEU B 190 -2.51 22.31 15.20
N ILE B 191 -3.54 21.47 15.28
CA ILE B 191 -3.60 20.26 14.48
C ILE B 191 -4.62 20.42 13.35
N ASP B 192 -4.11 20.43 12.11
CA ASP B 192 -4.84 20.68 10.88
C ASP B 192 -4.74 19.42 10.03
N CYS B 193 -5.43 18.38 10.47
CA CYS B 193 -5.39 17.07 9.87
C CYS B 193 -6.79 16.45 9.71
N GLU B 194 -6.89 15.43 8.87
CA GLU B 194 -8.02 14.54 8.92
C GLU B 194 -8.22 13.92 10.32
N VAL B 195 -9.48 13.70 10.65
CA VAL B 195 -9.94 13.16 11.93
C VAL B 195 -9.14 11.92 12.29
N GLU B 196 -8.96 11.01 11.34
CA GLU B 196 -8.34 9.73 11.67
C GLU B 196 -6.86 9.96 12.04
N ARG B 197 -6.19 10.89 11.36
CA ARG B 197 -4.84 11.33 11.73
C ARG B 197 -4.81 12.13 13.02
N ILE B 198 -5.81 12.98 13.25
CA ILE B 198 -5.91 13.64 14.56
C ILE B 198 -5.96 12.55 15.68
N ASN B 199 -6.78 11.49 15.50
CA ASN B 199 -6.88 10.41 16.52
C ASN B 199 -5.52 9.74 16.78
N THR B 200 -4.78 9.44 15.73
CA THR B 200 -3.41 8.86 15.84
C THR B 200 -2.48 9.73 16.66
N ILE B 201 -2.48 11.01 16.35
CA ILE B 201 -1.65 11.97 17.04
C ILE B 201 -2.02 12.04 18.53
N LEU B 202 -3.32 12.12 18.82
CA LEU B 202 -3.73 12.29 20.24
C LEU B 202 -3.46 11.02 21.10
N GLU B 203 -3.56 9.84 20.52
CA GLU B 203 -3.12 8.61 21.17
C GLU B 203 -1.62 8.72 21.56
N GLN B 204 -0.79 9.29 20.71
CA GLN B 204 0.64 9.53 21.06
C GLN B 204 0.81 10.57 22.15
N VAL B 205 -0.02 11.62 22.11
CA VAL B 205 0.00 12.60 23.17
C VAL B 205 -0.29 11.97 24.53
N VAL B 206 -1.27 11.07 24.58
CA VAL B 206 -1.67 10.43 25.82
C VAL B 206 -0.64 9.40 26.28
N ILE B 207 -0.15 8.57 25.36
CA ILE B 207 0.96 7.66 25.69
C ILE B 207 2.13 8.39 26.37
N LEU B 208 2.48 9.61 25.93
CA LEU B 208 3.66 10.34 26.46
C LEU B 208 3.30 11.35 27.52
N GLY B 209 2.06 11.37 27.98
CA GLY B 209 1.74 12.25 29.09
C GLY B 209 1.71 13.73 28.78
N LYS B 210 1.47 14.13 27.53
CA LYS B 210 1.34 15.56 27.18
C LYS B 210 -0.12 15.99 27.08
N HIS B 211 -0.96 15.33 27.86
CA HIS B 211 -2.39 15.60 27.91
C HIS B 211 -2.72 16.19 29.27
N SER B 212 -1.68 16.71 29.94
CA SER B 212 -1.77 17.28 31.28
C SER B 212 -2.02 18.79 31.14
N ARG B 213 -2.15 19.46 32.28
CA ARG B 213 -2.73 20.81 32.35
C ARG B 213 -2.00 21.96 31.63
N GLY B 214 -0.69 21.98 31.57
CA GLY B 214 0.01 23.03 30.80
C GLY B 214 -0.03 22.96 29.25
N TYR B 215 -0.78 22.03 28.65
CA TYR B 215 -0.87 21.86 27.17
C TYR B 215 -2.22 22.27 26.59
N HIS B 216 -2.19 22.79 25.35
CA HIS B 216 -3.43 23.25 24.64
C HIS B 216 -3.36 22.75 23.19
N TYR B 217 -4.30 21.88 22.83
CA TYR B 217 -4.55 21.35 21.49
C TYR B 217 -5.74 22.03 20.83
N MET B 218 -5.47 22.80 19.79
CA MET B 218 -6.51 23.38 18.95
C MET B 218 -6.75 22.43 17.75
N LEU B 219 -7.97 21.90 17.64
CA LEU B 219 -8.30 20.94 16.59
C LEU B 219 -8.99 21.60 15.40
N ALA B 220 -8.26 21.75 14.28
CA ALA B 220 -8.78 22.51 13.14
C ALA B 220 -9.52 21.58 12.17
N ASN B 221 -10.69 21.09 12.58
CA ASN B 221 -11.46 20.13 11.78
C ASN B 221 -12.91 20.12 12.28
N LEU B 222 -13.86 20.39 11.39
CA LEU B 222 -15.27 20.49 11.73
C LEU B 222 -15.89 19.18 12.19
N GLY B 223 -15.17 18.06 12.08
CA GLY B 223 -15.66 16.78 12.58
C GLY B 223 -15.22 16.51 14.01
N PHE B 224 -15.19 17.55 14.82
CA PHE B 224 -14.93 17.49 16.25
C PHE B 224 -15.59 16.32 17.01
N THR B 225 -16.89 16.09 16.78
CA THR B 225 -17.63 15.03 17.47
C THR B 225 -17.17 13.64 17.08
N ASP B 226 -16.44 13.49 15.97
CA ASP B 226 -15.85 12.19 15.63
C ASP B 226 -14.41 11.98 16.17
N ILE B 227 -13.83 12.97 16.84
CA ILE B 227 -12.48 12.86 17.34
C ILE B 227 -12.58 12.17 18.71
N LEU B 228 -11.67 11.25 18.97
CA LEU B 228 -11.71 10.52 20.24
C LEU B 228 -10.99 11.33 21.33
N LEU B 229 -11.78 12.04 22.15
CA LEU B 229 -11.28 13.03 23.15
C LEU B 229 -11.34 12.61 24.63
N GLU B 230 -11.78 11.40 24.92
CA GLU B 230 -12.05 11.03 26.30
C GLU B 230 -10.76 10.93 27.11
N ARG B 231 -9.84 10.09 26.68
CA ARG B 231 -8.53 9.98 27.35
C ARG B 231 -7.82 11.35 27.48
N VAL B 232 -7.99 12.25 26.52
CA VAL B 232 -7.38 13.59 26.60
C VAL B 232 -8.07 14.53 27.62
N MET B 233 -9.41 14.59 27.64
CA MET B 233 -10.14 15.36 28.69
C MET B 233 -9.56 15.05 30.08
N HIS B 234 -9.52 13.75 30.42
CA HIS B 234 -9.09 13.28 31.78
C HIS B 234 -7.75 13.81 32.23
N GLY B 235 -6.81 13.97 31.32
CA GLY B 235 -5.50 14.46 31.75
C GLY B 235 -5.41 15.92 32.17
N GLY B 236 -6.32 16.77 31.70
CA GLY B 236 -6.32 18.18 32.10
C GLY B 236 -5.87 19.19 31.06
N ALA B 237 -5.42 18.75 29.90
CA ALA B 237 -5.06 19.67 28.83
C ALA B 237 -6.29 20.42 28.31
N ASN B 238 -6.09 21.66 27.87
CA ASN B 238 -7.08 22.38 27.09
C ASN B 238 -7.27 21.77 25.70
N ILE B 239 -8.53 21.72 25.28
CA ILE B 239 -8.88 21.43 23.91
C ILE B 239 -9.88 22.44 23.38
N THR B 240 -9.64 22.89 22.14
CA THR B 240 -10.51 23.78 21.38
C THR B 240 -10.89 23.08 20.09
N GLY B 241 -12.19 23.09 19.80
CA GLY B 241 -12.75 22.56 18.57
C GLY B 241 -13.82 23.43 17.96
N PHE B 242 -14.28 23.02 16.77
CA PHE B 242 -15.19 23.78 15.95
C PHE B 242 -16.25 22.85 15.42
N GLN B 243 -17.50 23.30 15.42
CA GLN B 243 -18.59 22.57 14.81
C GLN B 243 -19.53 23.48 14.03
N ILE B 244 -20.24 22.89 13.09
CA ILE B 244 -21.33 23.61 12.39
C ILE B 244 -22.73 22.99 12.57
N VAL B 245 -22.89 22.05 13.47
CA VAL B 245 -24.21 21.49 13.73
C VAL B 245 -24.64 21.81 15.19
N ASN B 246 -25.80 22.44 15.35
CA ASN B 246 -26.38 22.71 16.69
C ASN B 246 -27.51 21.69 16.87
N ASN B 247 -27.36 20.69 17.76
CA ASN B 247 -28.42 19.70 17.92
C ASN B 247 -29.77 20.20 18.51
N GLU B 248 -29.82 21.46 18.96
CA GLU B 248 -31.07 22.07 19.42
C GLU B 248 -31.85 22.82 18.34
N ASN B 249 -31.30 23.00 17.12
CA ASN B 249 -32.12 23.59 16.05
C ASN B 249 -33.21 22.61 15.61
N PRO B 250 -34.46 23.12 15.37
CA PRO B 250 -35.59 22.26 14.89
C PRO B 250 -35.23 21.36 13.72
N MET B 251 -34.53 21.91 12.72
CA MET B 251 -34.12 21.14 11.52
C MET B 251 -33.32 19.91 11.91
N VAL B 252 -32.42 20.03 12.89
CA VAL B 252 -31.60 18.92 13.35
C VAL B 252 -32.37 17.92 14.23
N GLN B 253 -33.14 18.40 15.19
CA GLN B 253 -33.93 17.51 16.07
C GLN B 253 -34.92 16.72 15.22
N GLN B 254 -35.53 17.36 14.23
CA GLN B 254 -36.43 16.73 13.26
C GLN B 254 -35.74 15.60 12.42
N PHE B 255 -34.57 15.89 11.90
CA PHE B 255 -33.83 14.87 11.15
C PHE B 255 -33.44 13.71 12.05
N ILE B 256 -32.85 14.00 13.22
CA ILE B 256 -32.28 12.98 14.08
C ILE B 256 -33.39 12.01 14.55
N GLN B 257 -34.56 12.51 14.94
CA GLN B 257 -35.60 11.58 15.46
C GLN B 257 -36.08 10.61 14.34
N ARG B 258 -36.14 11.02 13.07
CA ARG B 258 -36.42 10.06 11.99
C ARG B 258 -35.21 9.14 11.72
N TRP B 259 -34.02 9.74 11.66
CA TRP B 259 -32.74 9.02 11.34
C TRP B 259 -32.40 7.89 12.29
N VAL B 260 -32.55 8.12 13.59
CA VAL B 260 -32.37 7.05 14.58
C VAL B 260 -33.37 5.89 14.42
N ARG B 261 -34.52 6.10 13.80
CA ARG B 261 -35.46 5.00 13.57
C ARG B 261 -35.26 4.14 12.32
N LEU B 262 -34.26 4.47 11.49
CA LEU B 262 -34.13 3.77 10.21
C LEU B 262 -33.56 2.35 10.36
N ASP B 263 -33.99 1.49 9.46
CA ASP B 263 -33.46 0.15 9.34
C ASP B 263 -32.06 0.21 8.72
N GLU B 264 -31.08 -0.28 9.45
CA GLU B 264 -29.70 -0.26 8.99
C GLU B 264 -29.44 -1.16 7.74
N ARG B 265 -30.31 -2.12 7.50
CA ARG B 265 -30.29 -2.85 6.25
C ARG B 265 -30.60 -2.01 5.02
N GLU B 266 -31.41 -0.94 5.17
CA GLU B 266 -31.69 0.00 4.09
C GLU B 266 -30.78 1.23 4.11
N PHE B 267 -30.34 1.66 5.27
CA PHE B 267 -29.57 2.90 5.46
C PHE B 267 -28.37 2.58 6.39
N PRO B 268 -27.31 1.94 5.86
CA PRO B 268 -26.15 1.63 6.72
C PRO B 268 -25.54 2.85 7.37
N GLU B 269 -25.10 2.67 8.61
CA GLU B 269 -24.54 3.70 9.46
C GLU B 269 -25.49 4.85 9.91
N ALA B 270 -26.79 4.68 9.79
CA ALA B 270 -27.77 5.52 10.47
C ALA B 270 -28.07 4.92 11.87
N LYS B 271 -29.31 5.00 12.37
CA LYS B 271 -29.63 4.42 13.68
C LYS B 271 -28.71 5.05 14.77
N ASN B 272 -27.99 4.25 15.53
CA ASN B 272 -27.18 4.78 16.63
C ASN B 272 -25.73 5.25 16.36
N ALA B 273 -25.16 4.96 15.18
CA ALA B 273 -23.78 5.42 14.79
C ALA B 273 -23.61 6.93 14.94
N PRO B 274 -22.40 7.41 15.26
CA PRO B 274 -22.31 8.89 15.35
C PRO B 274 -22.60 9.60 14.00
N LEU B 275 -23.37 10.68 14.00
CA LEU B 275 -23.68 11.41 12.77
C LEU B 275 -22.55 12.36 12.43
N LYS B 276 -21.93 12.15 11.27
CA LYS B 276 -20.86 12.99 10.81
C LYS B 276 -21.43 14.28 10.20
N TYR B 277 -20.70 15.37 10.40
CA TYR B 277 -21.11 16.66 9.89
C TYR B 277 -21.24 16.66 8.39
N THR B 278 -20.42 15.85 7.69
CA THR B 278 -20.58 15.66 6.24
C THR B 278 -21.92 15.05 5.80
N SER B 279 -22.49 14.20 6.62
CA SER B 279 -23.84 13.68 6.42
C SER B 279 -24.96 14.77 6.61
N ALA B 280 -24.80 15.66 7.58
CA ALA B 280 -25.66 16.87 7.70
C ALA B 280 -25.49 17.79 6.50
N LEU B 281 -24.24 17.98 6.05
CA LEU B 281 -24.00 18.76 4.85
C LEU B 281 -24.63 18.16 3.58
N THR B 282 -24.64 16.81 3.50
CA THR B 282 -25.32 16.10 2.43
C THR B 282 -26.83 16.34 2.41
N HIS B 283 -27.44 16.18 3.55
CA HIS B 283 -28.86 16.51 3.73
C HIS B 283 -29.13 17.94 3.28
N ASP B 284 -28.29 18.85 3.74
CA ASP B 284 -28.39 20.26 3.39
C ASP B 284 -28.28 20.56 1.89
N ALA B 285 -27.40 19.81 1.19
CA ALA B 285 -27.32 19.86 -0.25
C ALA B 285 -28.65 19.58 -0.95
N ILE B 286 -29.36 18.57 -0.48
CA ILE B 286 -30.69 18.24 -1.05
C ILE B 286 -31.73 19.33 -0.77
N LEU B 287 -31.67 19.99 0.37
CA LEU B 287 -32.46 21.21 0.60
C LEU B 287 -32.17 22.30 -0.39
N VAL B 288 -30.87 22.49 -0.70
CA VAL B 288 -30.46 23.51 -1.65
C VAL B 288 -30.90 23.22 -3.02
N ILE B 289 -30.72 21.98 -3.43
CA ILE B 289 -31.15 21.56 -4.76
C ILE B 289 -32.64 21.69 -4.94
N ALA B 290 -33.41 21.22 -3.97
CA ALA B 290 -34.89 21.29 -4.03
C ALA B 290 -35.37 22.71 -4.11
N GLU B 291 -34.82 23.56 -3.25
CA GLU B 291 -35.18 24.97 -3.27
C GLU B 291 -34.90 25.65 -4.63
N ALA B 292 -33.74 25.38 -5.23
CA ALA B 292 -33.40 26.02 -6.47
C ALA B 292 -34.32 25.62 -7.59
N PHE B 293 -34.68 24.33 -7.64
CA PHE B 293 -35.52 23.89 -8.71
C PHE B 293 -36.97 24.32 -8.47
N ARG B 294 -37.38 24.42 -7.22
CA ARG B 294 -38.73 24.98 -6.93
C ARG B 294 -38.74 26.44 -7.37
N TYR B 295 -37.63 27.16 -7.18
CA TYR B 295 -37.52 28.55 -7.60
C TYR B 295 -37.64 28.67 -9.11
N LEU B 296 -36.93 27.81 -9.83
CA LEU B 296 -36.91 27.89 -11.27
C LEU B 296 -38.32 27.63 -11.83
N ARG B 297 -39.01 26.65 -11.26
CA ARG B 297 -40.39 26.35 -11.61
C ARG B 297 -41.27 27.58 -11.45
N ARG B 298 -41.26 28.19 -10.27
CA ARG B 298 -42.15 29.35 -9.96
C ARG B 298 -41.92 30.49 -10.93
N GLN B 299 -40.66 30.71 -11.28
CA GLN B 299 -40.31 31.80 -12.17
C GLN B 299 -40.46 31.42 -13.65
N ARG B 300 -40.81 30.17 -13.94
CA ARG B 300 -41.05 29.67 -15.30
C ARG B 300 -39.78 29.78 -16.19
N VAL B 301 -38.65 29.40 -15.60
CA VAL B 301 -37.37 29.38 -16.26
C VAL B 301 -37.19 28.00 -16.90
N ASP B 302 -36.64 28.03 -18.08
CA ASP B 302 -36.33 26.86 -18.88
C ASP B 302 -35.19 26.09 -18.21
N VAL B 303 -35.46 24.85 -17.79
CA VAL B 303 -34.40 23.97 -17.29
C VAL B 303 -34.05 22.82 -18.22
N SER B 304 -34.65 22.79 -19.42
CA SER B 304 -34.59 21.66 -20.38
C SER B 304 -35.47 20.48 -19.96
N ARG B 305 -35.82 19.66 -20.96
CA ARG B 305 -36.76 18.51 -20.84
C ARG B 305 -36.16 17.34 -20.06
N ARG B 306 -34.91 16.97 -20.39
CA ARG B 306 -34.24 15.78 -19.81
C ARG B 306 -32.83 16.04 -19.23
N GLY B 307 -32.42 17.30 -19.14
CA GLY B 307 -31.20 17.67 -18.51
C GLY B 307 -30.10 17.78 -19.54
N SER B 308 -28.87 17.49 -19.10
CA SER B 308 -27.67 17.48 -19.95
C SER B 308 -27.75 16.40 -21.03
N ALA B 309 -27.05 16.63 -22.16
CA ALA B 309 -27.11 15.67 -23.27
C ALA B 309 -25.84 15.67 -24.11
N GLY B 310 -25.49 14.47 -24.59
CA GLY B 310 -24.37 14.31 -25.51
C GLY B 310 -23.06 13.99 -24.84
N ASP B 311 -21.99 14.30 -25.55
CA ASP B 311 -20.67 13.82 -25.28
C ASP B 311 -19.91 14.84 -24.48
N CYS B 312 -19.38 14.48 -23.32
CA CYS B 312 -18.56 15.40 -22.54
C CYS B 312 -17.28 15.81 -23.32
N LEU B 313 -16.79 14.99 -24.24
CA LEU B 313 -15.63 15.41 -25.06
C LEU B 313 -16.00 15.85 -26.48
N ALA B 314 -17.26 16.24 -26.72
CA ALA B 314 -17.65 16.93 -27.94
C ALA B 314 -16.71 18.15 -28.19
N ASN B 315 -16.21 18.28 -29.42
CA ASN B 315 -15.30 19.37 -29.84
C ASN B 315 -15.90 20.11 -31.07
N PRO B 316 -16.21 21.42 -30.99
CA PRO B 316 -16.02 22.27 -29.79
C PRO B 316 -16.99 21.90 -28.66
N ALA B 317 -16.63 22.20 -27.42
CA ALA B 317 -17.54 22.07 -26.28
C ALA B 317 -18.54 23.25 -26.31
N VAL B 318 -19.81 22.96 -26.54
CA VAL B 318 -20.86 23.97 -26.51
C VAL B 318 -21.70 23.73 -25.24
N PRO B 319 -21.53 24.55 -24.20
CA PRO B 319 -22.32 24.37 -22.97
C PRO B 319 -23.81 24.60 -23.21
N TRP B 320 -24.64 23.74 -22.65
CA TRP B 320 -26.11 23.99 -22.69
C TRP B 320 -26.47 25.34 -22.09
N SER B 321 -27.48 25.97 -22.70
CA SER B 321 -27.85 27.35 -22.33
C SER B 321 -28.48 27.41 -20.95
N GLN B 322 -29.05 26.29 -20.46
CA GLN B 322 -29.81 26.33 -19.17
C GLN B 322 -28.90 26.31 -17.94
N GLY B 323 -27.65 25.91 -18.15
CA GLY B 323 -26.65 25.79 -17.06
C GLY B 323 -26.44 27.01 -16.20
N ILE B 324 -26.27 28.16 -16.84
CA ILE B 324 -26.06 29.43 -16.10
C ILE B 324 -27.26 29.77 -15.22
N ASP B 325 -28.49 29.54 -15.70
CA ASP B 325 -29.67 29.82 -14.85
C ASP B 325 -29.75 28.84 -13.70
N ILE B 326 -29.46 27.58 -13.94
CA ILE B 326 -29.40 26.60 -12.85
C ILE B 326 -28.37 27.03 -11.78
N GLU B 327 -27.15 27.40 -12.19
CA GLU B 327 -26.11 27.84 -11.23
C GLU B 327 -26.57 29.03 -10.34
N ARG B 328 -27.16 30.03 -10.98
CA ARG B 328 -27.62 31.25 -10.32
C ARG B 328 -28.71 30.91 -9.28
N ALA B 329 -29.62 30.00 -9.63
CA ALA B 329 -30.70 29.55 -8.73
C ALA B 329 -30.12 28.82 -7.48
N LEU B 330 -29.09 27.97 -7.68
CA LEU B 330 -28.40 27.31 -6.57
C LEU B 330 -27.71 28.33 -5.65
N LYS B 331 -26.97 29.26 -6.27
CA LYS B 331 -26.22 30.27 -5.57
C LYS B 331 -27.03 31.33 -4.85
N MET B 332 -28.26 31.62 -5.29
CA MET B 332 -29.08 32.65 -4.66
C MET B 332 -29.89 32.11 -3.48
N VAL B 333 -29.90 30.81 -3.18
CA VAL B 333 -30.83 30.32 -2.14
C VAL B 333 -30.45 30.88 -0.76
N GLN B 334 -31.44 31.04 0.09
CA GLN B 334 -31.22 31.21 1.51
C GLN B 334 -32.15 30.20 2.18
N VAL B 335 -31.57 29.19 2.86
CA VAL B 335 -32.36 28.22 3.66
C VAL B 335 -31.71 27.92 4.98
N GLN B 336 -32.56 27.51 5.93
CA GLN B 336 -32.13 27.03 7.25
C GLN B 336 -31.98 25.52 7.19
N GLY B 337 -30.77 25.01 7.45
CA GLY B 337 -30.52 23.58 7.36
C GLY B 337 -29.97 23.01 8.62
N MET B 338 -29.56 21.75 8.55
CA MET B 338 -28.84 21.18 9.67
C MET B 338 -27.58 21.98 10.03
N THR B 339 -26.97 22.65 9.07
CA THR B 339 -25.75 23.45 9.34
C THR B 339 -26.05 24.96 9.43
N GLY B 340 -27.29 25.30 9.77
CA GLY B 340 -27.72 26.68 10.13
C GLY B 340 -28.15 27.44 8.89
N ASN B 341 -27.90 28.75 8.88
CA ASN B 341 -28.19 29.63 7.77
C ASN B 341 -27.26 29.25 6.59
N ILE B 342 -27.89 28.89 5.47
CA ILE B 342 -27.21 28.50 4.22
C ILE B 342 -27.41 29.56 3.13
N GLN B 343 -26.36 30.31 2.83
CA GLN B 343 -26.29 31.22 1.68
C GLN B 343 -24.91 31.06 1.03
N PHE B 344 -24.77 31.55 -0.21
CA PHE B 344 -23.53 31.43 -1.00
C PHE B 344 -23.19 32.76 -1.66
N ASP B 345 -21.91 33.03 -1.79
CA ASP B 345 -21.40 34.12 -2.60
C ASP B 345 -21.30 33.74 -4.08
N THR B 346 -20.77 34.65 -4.88
CA THR B 346 -20.70 34.44 -6.32
C THR B 346 -19.82 33.24 -6.73
N TYR B 347 -18.85 32.87 -5.89
CA TYR B 347 -17.95 31.70 -6.15
C TYR B 347 -18.45 30.42 -5.46
N GLY B 348 -19.74 30.41 -5.03
CA GLY B 348 -20.27 29.22 -4.39
C GLY B 348 -19.70 28.86 -3.03
N ARG B 349 -19.08 29.81 -2.36
CA ARG B 349 -18.64 29.62 -0.99
C ARG B 349 -19.76 29.99 -0.03
N ARG B 350 -19.82 29.28 1.08
CA ARG B 350 -20.78 29.59 2.12
C ARG B 350 -20.50 31.00 2.64
N THR B 351 -21.57 31.75 2.88
CA THR B 351 -21.48 33.09 3.44
C THR B 351 -22.58 33.30 4.50
N ASN B 352 -22.31 34.18 5.46
CA ASN B 352 -23.24 34.49 6.59
C ASN B 352 -23.60 33.20 7.38
N TYR B 353 -22.55 32.41 7.67
CA TYR B 353 -22.63 31.16 8.39
C TYR B 353 -22.05 31.41 9.76
N THR B 354 -22.26 30.45 10.65
CA THR B 354 -21.76 30.51 12.01
C THR B 354 -20.97 29.27 12.33
N ILE B 355 -19.86 29.39 13.01
CA ILE B 355 -19.21 28.21 13.50
C ILE B 355 -19.27 28.25 14.99
N ASP B 356 -19.64 27.15 15.61
CA ASP B 356 -19.65 27.07 17.05
C ASP B 356 -18.30 26.58 17.57
N VAL B 357 -17.82 27.22 18.64
CA VAL B 357 -16.50 26.97 19.23
C VAL B 357 -16.64 26.24 20.55
N TYR B 358 -15.95 25.13 20.70
CA TYR B 358 -16.01 24.30 21.88
C TYR B 358 -14.70 24.31 22.57
N GLU B 359 -14.77 24.24 23.89
CA GLU B 359 -13.62 23.85 24.70
C GLU B 359 -13.91 22.72 25.69
N MET B 360 -12.86 22.09 26.13
CA MET B 360 -12.98 20.89 26.96
C MET B 360 -12.87 21.18 28.47
N LYS B 361 -13.56 20.34 29.25
CA LYS B 361 -13.53 20.36 30.73
C LYS B 361 -13.41 18.93 31.29
N GLY B 364 -16.82 16.74 30.50
CA GLY B 364 -17.18 16.85 29.08
C GLY B 364 -16.83 18.16 28.37
N SER B 365 -17.35 18.33 27.16
CA SER B 365 -17.10 19.49 26.27
C SER B 365 -18.24 20.49 26.39
N ARG B 366 -17.91 21.78 26.42
CA ARG B 366 -18.87 22.87 26.52
C ARG B 366 -18.65 23.80 25.32
N LYS B 367 -19.76 24.30 24.77
CA LYS B 367 -19.71 25.36 23.78
C LYS B 367 -19.27 26.64 24.45
N ALA B 368 -18.20 27.24 23.96
CA ALA B 368 -17.54 28.40 24.58
C ALA B 368 -17.85 29.70 23.90
N GLY B 369 -18.48 29.67 22.75
CA GLY B 369 -18.66 30.85 21.94
C GLY B 369 -19.05 30.50 20.53
N TYR B 370 -19.17 31.51 19.68
CA TYR B 370 -19.44 31.33 18.27
C TYR B 370 -18.58 32.30 17.45
N TRP B 371 -18.42 31.96 16.17
CA TRP B 371 -17.71 32.80 15.23
C TRP B 371 -18.56 33.05 14.00
N ASN B 372 -18.59 34.29 13.54
CA ASN B 372 -19.11 34.58 12.20
C ASN B 372 -18.23 35.67 11.57
N GLU B 373 -18.47 35.93 10.29
CA GLU B 373 -17.61 36.81 9.49
C GLU B 373 -17.64 38.28 9.94
N TYR B 374 -18.73 38.70 10.54
CA TYR B 374 -18.96 40.11 10.89
C TYR B 374 -18.57 40.38 12.34
N GLU B 375 -19.09 39.57 13.26
CA GLU B 375 -18.69 39.68 14.65
C GLU B 375 -17.34 39.05 14.99
N ARG B 376 -16.77 38.22 14.12
CA ARG B 376 -15.57 37.46 14.49
C ARG B 376 -15.88 36.50 15.66
N PHE B 377 -14.93 36.29 16.58
CA PHE B 377 -15.16 35.43 17.74
C PHE B 377 -15.92 36.17 18.86
N VAL B 378 -17.02 35.56 19.30
CA VAL B 378 -17.84 36.08 20.37
C VAL B 378 -17.83 35.04 21.50
N PRO B 379 -17.01 35.23 22.56
CA PRO B 379 -17.06 34.30 23.69
C PRO B 379 -18.26 34.55 24.59
N PHE B 380 -18.85 33.48 25.12
CA PHE B 380 -19.88 33.56 26.12
C PHE B 380 -19.24 33.94 27.48
N SER B 381 -20.06 34.40 28.40
CA SER B 381 -19.73 34.58 29.82
C SER B 381 -19.06 33.31 30.41
N GLY B 382 -17.76 33.41 30.74
CA GLY B 382 -16.96 32.25 31.13
C GLY B 382 -16.19 31.65 29.96
N ASN C 1 -34.58 -13.03 -11.36
CA ASN C 1 -33.29 -13.32 -12.04
C ASN C 1 -32.18 -13.84 -11.08
N SER C 2 -31.14 -14.39 -11.68
CA SER C 2 -30.15 -15.15 -10.96
C SER C 2 -28.92 -14.32 -10.59
N ILE C 3 -28.30 -14.73 -9.50
CA ILE C 3 -26.99 -14.24 -9.05
C ILE C 3 -26.12 -15.48 -9.03
N GLN C 4 -25.23 -15.56 -9.99
CA GLN C 4 -24.34 -16.71 -10.11
C GLN C 4 -23.33 -16.63 -8.97
N ILE C 5 -23.09 -17.73 -8.26
CA ILE C 5 -21.97 -17.78 -7.31
C ILE C 5 -21.13 -19.02 -7.48
N GLY C 6 -19.87 -18.93 -7.02
CA GLY C 6 -18.98 -20.06 -7.03
C GLY C 6 -19.10 -20.86 -5.76
N GLY C 7 -18.92 -22.18 -5.91
CA GLY C 7 -18.76 -23.12 -4.79
C GLY C 7 -17.48 -23.97 -4.94
N LEU C 8 -16.43 -23.72 -4.17
CA LEU C 8 -15.19 -24.57 -4.18
C LEU C 8 -15.14 -25.44 -2.95
N PHE C 9 -15.50 -26.72 -3.09
CA PHE C 9 -15.57 -27.69 -1.99
C PHE C 9 -14.40 -28.74 -2.05
N PRO C 10 -13.74 -29.07 -0.93
CA PRO C 10 -12.82 -30.18 -0.96
C PRO C 10 -13.54 -31.48 -1.30
N ARG C 11 -12.80 -32.40 -1.93
CA ARG C 11 -13.33 -33.73 -2.23
C ARG C 11 -13.60 -34.41 -0.89
N GLY C 12 -14.75 -35.07 -0.80
CA GLY C 12 -15.16 -35.68 0.45
C GLY C 12 -15.75 -34.77 1.55
N ALA C 13 -15.85 -33.46 1.38
CA ALA C 13 -16.59 -32.59 2.36
C ALA C 13 -18.11 -32.68 2.14
N ASP C 14 -18.60 -33.90 2.31
CA ASP C 14 -19.97 -34.27 2.06
C ASP C 14 -20.93 -33.49 2.92
N GLN C 15 -20.72 -33.53 4.22
CA GLN C 15 -21.70 -32.92 5.14
C GLN C 15 -21.80 -31.39 4.90
N GLU C 16 -20.67 -30.74 4.64
CA GLU C 16 -20.62 -29.31 4.32
C GLU C 16 -21.43 -28.99 3.06
N TYR C 17 -21.24 -29.80 2.01
CA TYR C 17 -21.97 -29.64 0.77
C TYR C 17 -23.51 -29.89 0.97
N SER C 18 -23.86 -30.89 1.76
CA SER C 18 -25.25 -31.05 2.21
C SER C 18 -25.80 -29.83 3.00
N ALA C 19 -25.03 -29.28 3.95
CA ALA C 19 -25.52 -28.08 4.65
C ALA C 19 -25.70 -26.88 3.72
N PHE C 20 -24.82 -26.79 2.71
CA PHE C 20 -24.90 -25.78 1.66
C PHE C 20 -26.23 -25.89 0.89
N ARG C 21 -26.57 -27.11 0.49
CA ARG C 21 -27.85 -27.31 -0.28
C ARG C 21 -29.02 -27.04 0.59
N VAL C 22 -28.97 -27.49 1.84
CA VAL C 22 -30.07 -27.18 2.78
C VAL C 22 -30.18 -25.67 2.98
N GLY C 23 -29.05 -24.98 3.02
CA GLY C 23 -29.06 -23.54 3.12
C GLY C 23 -29.71 -22.85 1.93
N MET C 24 -29.41 -23.34 0.75
CA MET C 24 -29.95 -22.75 -0.45
C MET C 24 -31.49 -22.84 -0.51
N VAL C 25 -32.05 -23.91 0.04
CA VAL C 25 -33.50 -24.09 0.08
C VAL C 25 -34.09 -23.22 1.19
N GLN C 26 -33.51 -23.30 2.39
CA GLN C 26 -34.00 -22.54 3.52
C GLN C 26 -33.99 -21.02 3.26
N PHE C 27 -32.94 -20.53 2.62
CA PHE C 27 -32.76 -19.08 2.42
C PHE C 27 -33.20 -18.54 1.07
N SER C 28 -33.88 -19.36 0.27
CA SER C 28 -34.32 -18.91 -1.05
C SER C 28 -35.38 -17.86 -0.86
N THR C 29 -35.49 -16.98 -1.83
CA THR C 29 -36.24 -15.77 -1.66
C THR C 29 -36.66 -15.24 -3.02
N SER C 30 -37.71 -14.43 -3.00
CA SER C 30 -38.36 -13.95 -4.23
C SER C 30 -37.48 -12.92 -4.99
N GLU C 31 -36.64 -12.14 -4.31
CA GLU C 31 -35.96 -11.02 -4.98
C GLU C 31 -34.91 -11.45 -6.03
N PHE C 32 -34.42 -12.68 -5.92
CA PHE C 32 -33.38 -13.26 -6.83
C PHE C 32 -33.20 -14.73 -6.47
N ARG C 33 -32.59 -15.51 -7.37
CA ARG C 33 -32.16 -16.84 -7.01
C ARG C 33 -30.63 -16.82 -6.98
N LEU C 34 -30.01 -17.41 -5.94
CA LEU C 34 -28.56 -17.73 -6.02
C LEU C 34 -28.42 -18.97 -6.87
N THR C 35 -27.47 -18.93 -7.80
CA THR C 35 -27.30 -20.01 -8.77
C THR C 35 -25.85 -20.51 -8.66
N PRO C 36 -25.61 -21.61 -7.95
CA PRO C 36 -24.22 -22.05 -7.67
C PRO C 36 -23.54 -22.86 -8.76
N HIS C 37 -22.28 -22.60 -9.08
CA HIS C 37 -21.49 -23.46 -9.93
CA HIS C 37 -21.49 -23.56 -9.89
C HIS C 37 -20.45 -24.15 -8.99
N ILE C 38 -20.57 -25.45 -8.78
CA ILE C 38 -19.81 -26.18 -7.83
C ILE C 38 -18.61 -26.87 -8.53
N ASP C 39 -17.39 -26.67 -8.02
CA ASP C 39 -16.22 -27.48 -8.38
C ASP C 39 -15.73 -28.21 -7.12
N ASN C 40 -15.47 -29.49 -7.22
CA ASN C 40 -14.86 -30.24 -6.12
C ASN C 40 -13.36 -30.43 -6.47
N LEU C 41 -12.46 -30.21 -5.51
CA LEU C 41 -11.00 -30.37 -5.75
C LEU C 41 -10.18 -30.57 -4.48
N GLU C 42 -8.88 -30.76 -4.69
CA GLU C 42 -7.88 -30.90 -3.66
C GLU C 42 -7.46 -29.48 -3.25
N VAL C 43 -7.93 -29.03 -2.08
CA VAL C 43 -7.69 -27.67 -1.64
C VAL C 43 -6.24 -27.42 -1.22
N ALA C 44 -5.51 -28.47 -0.87
CA ALA C 44 -4.06 -28.39 -0.66
C ALA C 44 -3.21 -28.08 -1.93
N ASN C 45 -3.81 -28.14 -3.12
CA ASN C 45 -3.08 -28.02 -4.37
C ASN C 45 -3.36 -26.65 -5.04
N SER C 46 -2.39 -25.76 -4.99
CA SER C 46 -2.56 -24.39 -5.42
C SER C 46 -2.82 -24.23 -6.93
N PHE C 47 -2.19 -25.10 -7.70
CA PHE C 47 -2.45 -25.18 -9.12
C PHE C 47 -3.93 -25.54 -9.37
N ALA C 48 -4.42 -26.59 -8.71
CA ALA C 48 -5.83 -26.99 -8.85
C ALA C 48 -6.77 -25.87 -8.42
N VAL C 49 -6.42 -25.15 -7.35
CA VAL C 49 -7.27 -24.07 -6.83
C VAL C 49 -7.22 -22.88 -7.77
N THR C 50 -6.07 -22.60 -8.37
CA THR C 50 -5.96 -21.55 -9.37
C THR C 50 -6.84 -21.85 -10.59
N ASN C 51 -6.79 -23.09 -11.09
CA ASN C 51 -7.64 -23.50 -12.20
C ASN C 51 -9.15 -23.35 -11.87
N ALA C 52 -9.58 -23.74 -10.67
CA ALA C 52 -11.02 -23.61 -10.22
C ALA C 52 -11.46 -22.17 -10.11
N PHE C 53 -10.63 -21.34 -9.47
CA PHE C 53 -10.93 -19.93 -9.38
C PHE C 53 -11.08 -19.31 -10.76
N CYS C 54 -10.07 -19.48 -11.63
CA CYS C 54 -10.08 -18.89 -12.99
C CYS C 54 -11.30 -19.36 -13.80
N SER C 55 -11.62 -20.63 -13.66
CA SER C 55 -12.79 -21.15 -14.34
C SER C 55 -14.09 -20.43 -13.80
N GLN C 56 -14.24 -20.27 -12.47
CA GLN C 56 -15.41 -19.55 -11.90
C GLN C 56 -15.43 -18.07 -12.33
N PHE C 57 -14.25 -17.46 -12.33
CA PHE C 57 -14.11 -16.05 -12.69
C PHE C 57 -14.57 -15.83 -14.13
N SER C 58 -14.19 -16.73 -15.05
CA SER C 58 -14.62 -16.67 -16.46
C SER C 58 -16.10 -16.86 -16.68
N ARG C 59 -16.75 -17.73 -15.90
CA ARG C 59 -18.22 -17.82 -15.92
C ARG C 59 -18.91 -16.57 -15.47
N GLY C 60 -18.25 -15.72 -14.70
CA GLY C 60 -18.80 -14.41 -14.28
C GLY C 60 -19.50 -14.41 -12.92
N VAL C 61 -18.96 -15.10 -11.94
CA VAL C 61 -19.61 -15.19 -10.62
C VAL C 61 -19.57 -13.87 -9.88
N TYR C 62 -20.55 -13.66 -8.98
CA TYR C 62 -20.64 -12.46 -8.10
C TYR C 62 -19.94 -12.63 -6.73
N ALA C 63 -19.64 -13.86 -6.35
CA ALA C 63 -18.87 -14.20 -5.17
C ALA C 63 -18.50 -15.67 -5.23
N ILE C 64 -17.61 -16.09 -4.35
CA ILE C 64 -17.28 -17.51 -4.28
C ILE C 64 -17.34 -17.94 -2.83
N PHE C 65 -18.08 -19.00 -2.59
CA PHE C 65 -18.09 -19.65 -1.30
C PHE C 65 -17.06 -20.76 -1.39
N GLY C 66 -16.24 -20.93 -0.38
CA GLY C 66 -15.26 -22.02 -0.43
C GLY C 66 -14.34 -22.26 0.73
N PHE C 67 -13.36 -23.12 0.49
CA PHE C 67 -12.43 -23.58 1.50
C PHE C 67 -10.99 -23.45 0.98
N TYR C 68 -10.03 -23.22 1.88
CA TYR C 68 -8.59 -23.22 1.50
C TYR C 68 -7.88 -23.93 2.62
N ASP C 69 -6.60 -24.16 2.46
CA ASP C 69 -5.77 -24.57 3.61
C ASP C 69 -4.46 -23.81 3.63
N LYS C 70 -3.55 -24.14 4.54
CA LYS C 70 -2.42 -23.24 4.69
C LYS C 70 -1.58 -23.09 3.43
N LYS C 71 -1.57 -24.12 2.59
CA LYS C 71 -0.93 -24.08 1.29
C LYS C 71 -1.62 -23.27 0.19
N SER C 72 -2.95 -23.18 0.21
CA SER C 72 -3.64 -22.48 -0.85
C SER C 72 -4.22 -21.12 -0.47
N VAL C 73 -4.19 -20.77 0.83
CA VAL C 73 -4.73 -19.51 1.31
C VAL C 73 -4.14 -18.31 0.55
N ASN C 74 -2.82 -18.34 0.25
CA ASN C 74 -2.23 -17.21 -0.49
C ASN C 74 -2.73 -17.08 -1.91
N THR C 75 -3.08 -18.18 -2.56
CA THR C 75 -3.71 -18.12 -3.88
C THR C 75 -5.12 -17.46 -3.79
N ILE C 76 -5.93 -17.89 -2.84
CA ILE C 76 -7.27 -17.25 -2.67
C ILE C 76 -7.16 -15.79 -2.39
N THR C 77 -6.35 -15.43 -1.41
CA THR C 77 -6.30 -14.03 -1.02
C THR C 77 -5.78 -13.16 -2.13
N SER C 78 -4.84 -13.67 -2.92
CA SER C 78 -4.20 -12.81 -3.86
C SER C 78 -5.07 -12.61 -5.08
N PHE C 79 -5.69 -13.68 -5.56
CA PHE C 79 -6.59 -13.63 -6.71
C PHE C 79 -7.94 -12.85 -6.39
N CYS C 80 -8.50 -13.09 -5.21
CA CYS C 80 -9.75 -12.36 -4.77
C CYS C 80 -9.47 -10.91 -4.61
N GLY C 81 -8.37 -10.61 -3.96
CA GLY C 81 -8.00 -9.21 -3.76
C GLY C 81 -7.67 -8.48 -5.06
N THR C 82 -6.94 -9.14 -5.96
CA THR C 82 -6.62 -8.53 -7.24
C THR C 82 -7.85 -8.28 -8.09
N LEU C 83 -8.69 -9.29 -8.26
CA LEU C 83 -9.81 -9.16 -9.19
C LEU C 83 -11.09 -8.63 -8.51
N HIS C 84 -11.06 -8.33 -7.20
CA HIS C 84 -12.21 -7.79 -6.46
C HIS C 84 -13.39 -8.79 -6.39
N VAL C 85 -13.07 -10.07 -6.23
CA VAL C 85 -14.11 -11.10 -6.12
C VAL C 85 -14.09 -11.56 -4.68
N SER C 86 -15.27 -11.51 -4.04
CA SER C 86 -15.37 -11.87 -2.65
C SER C 86 -15.43 -13.34 -2.39
N PHE C 87 -14.63 -13.78 -1.42
CA PHE C 87 -14.50 -15.17 -0.98
C PHE C 87 -15.16 -15.30 0.42
N ILE C 88 -16.05 -16.24 0.57
CA ILE C 88 -16.71 -16.46 1.82
C ILE C 88 -16.35 -17.86 2.21
N THR C 89 -15.85 -18.02 3.43
CA THR C 89 -15.33 -19.29 3.85
C THR C 89 -15.47 -19.67 5.31
N PRO C 90 -15.60 -20.96 5.58
CA PRO C 90 -15.47 -21.50 6.95
C PRO C 90 -14.06 -21.87 7.36
N SER C 91 -13.07 -21.62 6.52
CA SER C 91 -11.69 -22.02 6.83
C SER C 91 -11.05 -21.20 7.95
N PHE C 92 -9.87 -21.61 8.37
CA PHE C 92 -9.08 -20.91 9.36
C PHE C 92 -8.86 -19.47 8.92
N PRO C 93 -9.19 -18.48 9.80
CA PRO C 93 -9.03 -17.09 9.35
C PRO C 93 -7.56 -16.80 8.98
N THR C 94 -7.37 -15.95 7.98
CA THR C 94 -6.04 -15.54 7.57
C THR C 94 -5.33 -14.77 8.66
N ASP C 95 -4.03 -14.76 8.58
CA ASP C 95 -3.18 -14.19 9.63
C ASP C 95 -3.17 -12.64 9.63
N GLY C 96 -3.29 -11.98 8.48
CA GLY C 96 -3.34 -10.54 8.38
C GLY C 96 -4.71 -10.04 7.99
N THR C 97 -4.75 -8.88 7.33
CA THR C 97 -6.00 -8.17 7.10
C THR C 97 -6.36 -8.09 5.62
N HIS C 98 -6.32 -9.22 4.95
CA HIS C 98 -6.56 -9.30 3.51
C HIS C 98 -7.97 -8.88 3.08
N PRO C 99 -8.11 -8.02 2.06
CA PRO C 99 -9.42 -7.67 1.55
C PRO C 99 -10.12 -8.78 0.70
N PHE C 100 -11.43 -8.62 0.56
CA PHE C 100 -12.21 -9.55 -0.28
C PHE C 100 -12.33 -10.97 0.29
N VAL C 101 -12.08 -11.15 1.56
CA VAL C 101 -12.33 -12.44 2.18
C VAL C 101 -13.24 -12.26 3.40
N ILE C 102 -14.38 -12.98 3.45
CA ILE C 102 -15.30 -12.99 4.60
C ILE C 102 -15.14 -14.30 5.37
N GLN C 103 -14.70 -14.16 6.61
CA GLN C 103 -14.21 -15.29 7.39
C GLN C 103 -15.31 -15.67 8.40
N MET C 104 -16.10 -16.71 8.09
CA MET C 104 -17.22 -17.14 8.92
C MET C 104 -16.72 -17.75 10.24
N ARG C 105 -15.51 -18.30 10.28
CA ARG C 105 -15.03 -18.92 11.53
C ARG C 105 -14.45 -17.92 12.51
N PRO C 106 -14.97 -17.88 13.73
CA PRO C 106 -14.44 -17.02 14.75
C PRO C 106 -13.02 -17.44 15.14
N ASP C 107 -12.23 -16.48 15.59
CA ASP C 107 -10.90 -16.77 16.15
C ASP C 107 -11.00 -17.51 17.50
N LEU C 108 -10.17 -18.54 17.65
CA LEU C 108 -10.11 -19.36 18.84
C LEU C 108 -9.06 -18.88 19.88
N LYS C 109 -8.02 -18.18 19.43
CA LYS C 109 -6.83 -17.89 20.26
C LYS C 109 -7.18 -17.20 21.55
N GLY C 110 -8.04 -16.19 21.50
CA GLY C 110 -8.41 -15.45 22.68
C GLY C 110 -9.10 -16.31 23.73
N ALA C 111 -10.08 -17.10 23.31
CA ALA C 111 -10.77 -18.01 24.22
C ALA C 111 -9.85 -19.08 24.83
N LEU C 112 -8.92 -19.56 24.01
CA LEU C 112 -7.98 -20.65 24.47
C LEU C 112 -7.06 -20.14 25.55
N LEU C 113 -6.50 -18.97 25.30
CA LEU C 113 -5.66 -18.29 26.24
C LEU C 113 -6.37 -17.97 27.56
N SER C 114 -7.62 -17.45 27.51
CA SER C 114 -8.42 -17.20 28.76
C SER C 114 -8.67 -18.50 29.48
N LEU C 115 -8.88 -19.61 28.76
CA LEU C 115 -9.16 -20.92 29.39
C LEU C 115 -7.99 -21.50 30.15
N ILE C 116 -6.81 -21.37 29.56
CA ILE C 116 -5.56 -21.73 30.23
C ILE C 116 -5.49 -20.95 31.57
N GLU C 117 -5.69 -19.64 31.53
CA GLU C 117 -5.65 -18.86 32.77
C GLU C 117 -6.73 -19.25 33.80
N TYR C 118 -7.99 -19.38 33.36
CA TYR C 118 -9.10 -19.87 34.20
C TYR C 118 -8.77 -21.15 34.99
N TYR C 119 -8.13 -22.15 34.36
CA TYR C 119 -7.66 -23.34 35.10
C TYR C 119 -6.35 -23.13 35.86
N GLN C 120 -5.76 -21.94 35.73
CA GLN C 120 -4.47 -21.57 36.31
C GLN C 120 -3.33 -22.52 35.92
N TRP C 121 -3.32 -22.95 34.67
CA TRP C 121 -2.21 -23.75 34.21
C TRP C 121 -1.01 -22.83 34.00
N ASP C 122 0.17 -23.18 34.53
CA ASP C 122 1.41 -22.52 34.09
C ASP C 122 2.45 -23.48 33.45
N LYS C 123 2.07 -24.75 33.35
CA LYS C 123 2.92 -25.80 32.86
C LYS C 123 2.05 -26.75 32.09
N PHE C 124 2.31 -26.99 30.82
CA PHE C 124 1.50 -27.92 30.07
C PHE C 124 2.15 -28.37 28.76
N ALA C 125 1.66 -29.47 28.22
CA ALA C 125 2.01 -29.93 26.89
C ALA C 125 1.01 -29.41 25.84
N TYR C 126 1.51 -29.07 24.67
CA TYR C 126 0.73 -28.56 23.56
C TYR C 126 1.00 -29.37 22.30
N LEU C 127 0.04 -30.21 21.91
CA LEU C 127 0.20 -31.04 20.73
C LEU C 127 -0.41 -30.34 19.56
N TYR C 128 0.41 -30.00 18.59
CA TYR C 128 0.04 -29.15 17.50
C TYR C 128 0.19 -29.90 16.19
N ASP C 129 -0.69 -29.57 15.25
CA ASP C 129 -0.73 -30.25 13.96
C ASP C 129 -0.09 -29.37 12.88
N SER C 130 1.21 -29.57 12.67
CA SER C 130 2.03 -29.03 11.55
C SER C 130 1.34 -28.98 10.15
N ASP C 131 0.56 -30.01 9.84
CA ASP C 131 -0.18 -30.05 8.58
C ASP C 131 -1.27 -28.98 8.47
N ARG C 132 -1.72 -28.45 9.61
CA ARG C 132 -2.80 -27.50 9.66
C ARG C 132 -2.27 -26.09 9.82
N GLY C 133 -1.01 -25.90 10.16
CA GLY C 133 -0.51 -24.53 10.39
C GLY C 133 -0.26 -24.16 11.84
N LEU C 134 0.46 -23.07 12.04
CA LEU C 134 1.21 -22.87 13.28
C LEU C 134 0.89 -21.57 14.02
N SER C 135 -0.08 -20.78 13.54
CA SER C 135 -0.33 -19.48 14.14
C SER C 135 -0.87 -19.52 15.58
N THR C 136 -1.63 -20.54 15.95
CA THR C 136 -2.11 -20.69 17.34
C THR C 136 -0.95 -21.12 18.25
N LEU C 137 -0.07 -21.97 17.75
CA LEU C 137 1.14 -22.32 18.48
C LEU C 137 1.98 -21.06 18.80
N GLN C 138 2.17 -20.21 17.79
CA GLN C 138 2.90 -18.95 17.93
C GLN C 138 2.32 -18.02 19.00
N ALA C 139 1.00 -17.83 18.98
CA ALA C 139 0.34 -17.05 20.02
C ALA C 139 0.49 -17.68 21.41
N VAL C 140 0.36 -19.00 21.53
CA VAL C 140 0.50 -19.62 22.84
C VAL C 140 1.95 -19.50 23.34
N LEU C 141 2.94 -19.73 22.46
CA LEU C 141 4.34 -19.49 22.81
C LEU C 141 4.62 -18.02 23.20
N ASP C 142 4.04 -17.04 22.49
CA ASP C 142 4.23 -15.62 22.88
C ASP C 142 3.62 -15.32 24.24
N SER C 143 2.41 -15.84 24.52
CA SER C 143 1.82 -15.68 25.87
C SER C 143 2.66 -16.38 26.93
N ALA C 144 3.16 -17.58 26.62
CA ALA C 144 4.02 -18.34 27.55
C ALA C 144 5.27 -17.52 27.93
N ALA C 145 5.84 -16.80 26.97
CA ALA C 145 6.99 -15.91 27.23
C ALA C 145 6.62 -14.73 28.11
N GLU C 146 5.49 -14.08 27.80
CA GLU C 146 5.03 -12.94 28.63
C GLU C 146 4.60 -13.32 30.04
N LYS C 147 3.92 -14.45 30.19
CA LYS C 147 3.37 -14.88 31.49
C LYS C 147 4.21 -15.94 32.24
N LYS C 148 5.34 -16.35 31.66
CA LYS C 148 6.21 -17.40 32.20
C LYS C 148 5.54 -18.76 32.34
N TRP C 149 4.89 -19.23 31.29
CA TRP C 149 4.41 -20.61 31.24
C TRP C 149 5.56 -21.51 30.66
N GLN C 150 5.66 -22.73 31.15
CA GLN C 150 6.50 -23.75 30.55
C GLN C 150 5.70 -24.67 29.63
N VAL C 151 5.96 -24.58 28.34
CA VAL C 151 5.24 -25.30 27.32
C VAL C 151 6.10 -26.38 26.69
N THR C 152 5.56 -27.60 26.67
CA THR C 152 6.22 -28.77 26.00
C THR C 152 5.50 -28.92 24.69
N ALA C 153 6.11 -28.41 23.62
CA ALA C 153 5.41 -28.31 22.35
C ALA C 153 5.82 -29.44 21.43
N ILE C 154 4.89 -30.32 21.09
CA ILE C 154 5.15 -31.53 20.33
C ILE C 154 4.33 -31.50 19.03
N ASN C 155 5.01 -31.75 17.92
CA ASN C 155 4.38 -31.76 16.61
C ASN C 155 3.73 -33.11 16.39
N VAL C 156 2.42 -33.13 16.09
CA VAL C 156 1.74 -34.39 15.71
C VAL C 156 1.28 -34.37 14.27
N GLY C 157 1.79 -33.44 13.47
CA GLY C 157 1.68 -33.58 12.04
C GLY C 157 2.77 -34.49 11.50
N ASN C 158 2.72 -34.81 10.22
CA ASN C 158 3.88 -35.41 9.54
C ASN C 158 4.19 -36.83 10.07
N ILE C 159 3.16 -37.65 10.21
CA ILE C 159 3.29 -39.01 10.77
C ILE C 159 3.34 -40.13 9.69
N LYS C 163 2.34 -46.13 10.95
CA LYS C 163 2.82 -46.30 12.33
C LYS C 163 2.37 -45.14 13.25
N LYS C 164 1.15 -44.62 13.03
CA LYS C 164 0.67 -43.49 13.84
C LYS C 164 0.40 -43.95 15.28
N ASP C 165 -0.19 -45.13 15.44
CA ASP C 165 -0.54 -45.65 16.76
C ASP C 165 0.70 -45.88 17.65
N GLU C 166 1.82 -46.39 17.09
CA GLU C 166 3.09 -46.50 17.85
C GLU C 166 3.71 -45.15 18.24
N THR C 167 3.68 -44.19 17.31
CA THR C 167 4.23 -42.85 17.54
C THR C 167 3.56 -42.15 18.71
N TYR C 168 2.20 -42.15 18.73
CA TYR C 168 1.44 -41.50 19.80
C TYR C 168 1.72 -42.09 21.17
N ARG C 169 1.80 -43.41 21.25
CA ARG C 169 2.13 -44.06 22.56
C ARG C 169 3.50 -43.63 23.08
N SER C 170 4.50 -43.62 22.21
CA SER C 170 5.86 -43.15 22.52
C SER C 170 5.93 -41.67 23.00
N LEU C 171 5.21 -40.78 22.28
CA LEU C 171 5.01 -39.38 22.69
C LEU C 171 4.51 -39.31 24.13
N PHE C 172 3.45 -40.07 24.44
CA PHE C 172 2.90 -40.05 25.80
C PHE C 172 3.78 -40.75 26.87
N GLN C 173 4.64 -41.71 26.49
CA GLN C 173 5.61 -42.29 27.48
C GLN C 173 6.63 -41.20 27.88
N ASP C 174 7.19 -40.50 26.89
CA ASP C 174 8.08 -39.35 27.14
C ASP C 174 7.47 -38.30 28.11
N LEU C 175 6.21 -37.93 27.82
CA LEU C 175 5.47 -37.05 28.71
C LEU C 175 5.37 -37.55 30.17
N GLU C 176 5.29 -38.87 30.36
CA GLU C 176 5.18 -39.50 31.68
C GLU C 176 6.43 -39.34 32.56
N LEU C 177 7.61 -39.52 31.96
CA LEU C 177 8.87 -39.34 32.71
C LEU C 177 9.06 -37.86 33.17
N LYS C 178 8.60 -36.90 32.37
CA LYS C 178 8.48 -35.47 32.74
C LYS C 178 7.26 -35.25 33.66
N LYS C 179 6.43 -36.27 33.82
CA LYS C 179 5.31 -36.28 34.75
C LYS C 179 4.30 -35.18 34.41
N GLU C 180 4.01 -35.04 33.10
CA GLU C 180 3.16 -33.98 32.58
C GLU C 180 1.74 -34.47 32.39
N ARG C 181 0.80 -33.85 33.08
CA ARG C 181 -0.57 -34.33 33.19
C ARG C 181 -1.62 -33.42 32.55
N ARG C 182 -1.18 -32.34 31.94
CA ARG C 182 -2.05 -31.29 31.41
C ARG C 182 -1.69 -31.06 29.99
N VAL C 183 -2.63 -31.32 29.09
CA VAL C 183 -2.34 -31.43 27.64
C VAL C 183 -3.41 -30.69 26.86
N ILE C 184 -2.99 -29.87 25.89
CA ILE C 184 -3.89 -29.18 24.97
C ILE C 184 -3.72 -29.85 23.61
N LEU C 185 -4.82 -30.21 22.96
CA LEU C 185 -4.78 -30.79 21.62
C LEU C 185 -5.24 -29.75 20.56
N ASP C 186 -4.28 -29.11 19.86
CA ASP C 186 -4.52 -28.13 18.78
C ASP C 186 -4.54 -28.86 17.45
N CYS C 187 -5.65 -29.59 17.24
CA CYS C 187 -5.92 -30.37 16.06
C CYS C 187 -7.40 -30.33 15.81
N GLU C 188 -7.76 -30.78 14.60
CA GLU C 188 -9.16 -31.00 14.23
C GLU C 188 -9.67 -32.43 14.53
N ARG C 189 -10.97 -32.62 14.29
CA ARG C 189 -11.75 -33.81 14.70
C ARG C 189 -11.06 -35.16 14.52
N ASP C 190 -10.57 -35.42 13.32
CA ASP C 190 -10.02 -36.75 13.00
C ASP C 190 -8.75 -37.06 13.79
N LYS C 191 -7.83 -36.09 13.84
CA LYS C 191 -6.58 -36.22 14.62
C LYS C 191 -6.88 -36.31 16.10
N VAL C 192 -7.90 -35.55 16.56
CA VAL C 192 -8.25 -35.61 17.96
C VAL C 192 -8.72 -36.99 18.28
N ASN C 193 -9.59 -37.56 17.46
CA ASN C 193 -10.06 -38.94 17.72
C ASN C 193 -8.93 -39.96 17.72
N ASP C 194 -7.98 -39.84 16.78
CA ASP C 194 -6.76 -40.70 16.74
C ASP C 194 -5.94 -40.64 18.03
N ILE C 195 -5.72 -39.42 18.50
CA ILE C 195 -4.94 -39.23 19.74
C ILE C 195 -5.71 -39.73 20.97
N VAL C 196 -6.99 -39.37 21.05
CA VAL C 196 -7.84 -39.85 22.16
C VAL C 196 -7.80 -41.40 22.23
N ASP C 197 -7.94 -42.07 21.10
CA ASP C 197 -7.88 -43.55 21.06
C ASP C 197 -6.56 -44.08 21.65
N GLN C 198 -5.43 -43.42 21.39
CA GLN C 198 -4.16 -43.83 21.99
C GLN C 198 -4.07 -43.49 23.47
N VAL C 199 -4.66 -42.36 23.86
CA VAL C 199 -4.77 -41.98 25.27
C VAL C 199 -5.54 -43.03 26.09
N ILE C 200 -6.56 -43.60 25.48
CA ILE C 200 -7.36 -44.60 26.13
C ILE C 200 -6.60 -45.94 26.21
N THR C 201 -6.05 -46.35 25.09
CA THR C 201 -5.25 -47.55 25.02
C THR C 201 -4.15 -47.64 26.07
N ILE C 202 -3.44 -46.55 26.31
CA ILE C 202 -2.40 -46.52 27.35
C ILE C 202 -2.86 -46.14 28.76
N GLY C 203 -4.15 -45.87 28.95
CA GLY C 203 -4.68 -45.67 30.28
C GLY C 203 -4.47 -44.31 30.88
N LYS C 204 -4.36 -43.27 30.03
CA LYS C 204 -4.19 -41.89 30.49
C LYS C 204 -5.48 -41.01 30.37
N HIS C 205 -6.64 -41.67 30.37
CA HIS C 205 -7.95 -41.04 30.39
C HIS C 205 -8.55 -41.19 31.79
N VAL C 206 -7.67 -41.47 32.77
CA VAL C 206 -8.09 -41.69 34.15
C VAL C 206 -7.89 -40.40 34.93
N LYS C 207 -8.30 -40.44 36.17
CA LYS C 207 -8.23 -39.31 37.08
C LYS C 207 -6.79 -38.89 37.31
N GLY C 208 -6.56 -37.59 37.33
CA GLY C 208 -5.22 -37.03 37.41
C GLY C 208 -4.76 -36.39 36.13
N TYR C 209 -5.51 -36.53 35.04
CA TYR C 209 -5.13 -36.00 33.73
C TYR C 209 -6.19 -34.99 33.29
N HIS C 210 -5.77 -33.94 32.57
CA HIS C 210 -6.70 -32.90 32.04
C HIS C 210 -6.34 -32.65 30.55
N TYR C 211 -7.32 -32.74 29.66
CA TYR C 211 -7.15 -32.44 28.22
C TYR C 211 -7.98 -31.23 27.87
N ILE C 212 -7.41 -30.26 27.15
CA ILE C 212 -8.17 -29.20 26.48
C ILE C 212 -8.21 -29.47 24.98
N ILE C 213 -9.39 -29.63 24.39
CA ILE C 213 -9.49 -29.88 22.97
C ILE C 213 -9.62 -28.48 22.34
N ALA C 214 -8.58 -28.03 21.62
CA ALA C 214 -8.54 -26.68 21.10
C ALA C 214 -9.08 -26.64 19.68
N ASN C 215 -10.39 -26.80 19.53
CA ASN C 215 -11.06 -26.54 18.27
C ASN C 215 -12.51 -26.10 18.60
N LEU C 216 -13.26 -25.62 17.62
CA LEU C 216 -14.61 -25.04 17.87
C LEU C 216 -15.76 -26.05 17.88
N GLY C 217 -15.43 -27.30 17.82
CA GLY C 217 -16.36 -28.39 17.71
C GLY C 217 -16.15 -29.49 18.75
N PHE C 218 -16.20 -29.14 20.02
CA PHE C 218 -16.01 -30.11 21.13
C PHE C 218 -16.86 -31.41 20.98
N THR C 219 -18.18 -31.26 20.77
CA THR C 219 -19.05 -32.44 20.61
C THR C 219 -19.11 -32.96 19.18
N ASP C 220 -18.29 -32.46 18.25
CA ASP C 220 -18.17 -33.14 16.94
C ASP C 220 -17.28 -34.40 17.11
N GLY C 221 -16.42 -34.43 18.12
CA GLY C 221 -15.61 -35.61 18.40
C GLY C 221 -16.38 -36.72 19.12
N ASP C 222 -15.80 -37.92 19.16
CA ASP C 222 -16.45 -39.06 19.86
C ASP C 222 -16.05 -38.99 21.31
N LEU C 223 -16.85 -38.30 22.10
CA LEU C 223 -16.49 -37.97 23.47
C LEU C 223 -16.89 -39.08 24.42
N LEU C 224 -17.85 -39.89 24.00
CA LEU C 224 -18.32 -41.00 24.78
C LEU C 224 -17.19 -41.98 25.15
N LYS C 225 -16.22 -42.17 24.25
CA LYS C 225 -14.98 -43.00 24.47
C LYS C 225 -14.22 -42.60 25.70
N ILE C 226 -14.12 -41.29 25.93
CA ILE C 226 -13.37 -40.74 27.06
C ILE C 226 -14.23 -40.22 28.26
N GLN C 227 -15.53 -40.49 28.22
CA GLN C 227 -16.48 -39.95 29.22
C GLN C 227 -16.49 -40.65 30.61
N PHE C 228 -15.89 -41.84 30.70
CA PHE C 228 -15.97 -42.70 31.88
C PHE C 228 -14.66 -43.03 32.60
N GLY C 229 -13.55 -42.51 32.11
CA GLY C 229 -12.26 -42.83 32.68
C GLY C 229 -11.89 -42.11 33.97
N GLY C 230 -12.33 -40.85 34.06
CA GLY C 230 -12.06 -39.98 35.20
C GLY C 230 -11.21 -38.73 34.89
N ALA C 231 -10.59 -38.72 33.74
CA ALA C 231 -9.84 -37.55 33.30
C ALA C 231 -10.79 -36.33 33.10
N ASN C 232 -10.30 -35.14 33.38
CA ASN C 232 -11.00 -33.89 32.95
C ASN C 232 -10.75 -33.66 31.46
N VAL C 233 -11.81 -33.31 30.76
CA VAL C 233 -11.74 -32.96 29.35
C VAL C 233 -12.54 -31.67 29.15
N SER C 234 -11.90 -30.68 28.52
CA SER C 234 -12.52 -29.37 28.25
C SER C 234 -12.40 -29.00 26.80
N GLY C 235 -13.33 -28.15 26.35
CA GLY C 235 -13.30 -27.64 25.00
C GLY C 235 -14.29 -26.54 24.66
N PHE C 236 -14.49 -26.32 23.37
CA PHE C 236 -15.13 -25.12 22.86
C PHE C 236 -16.22 -25.52 21.90
N GLN C 237 -17.29 -24.76 21.88
CA GLN C 237 -18.43 -25.11 21.05
C GLN C 237 -19.12 -23.83 20.58
N ILE C 238 -19.20 -23.58 19.28
CA ILE C 238 -19.90 -22.40 18.77
C ILE C 238 -21.27 -22.72 18.31
N VAL C 239 -21.64 -23.99 18.19
CA VAL C 239 -23.01 -24.39 17.91
C VAL C 239 -23.72 -24.87 19.19
N ASP C 240 -24.72 -24.10 19.65
CA ASP C 240 -25.37 -24.42 20.94
C ASP C 240 -26.68 -25.13 20.70
N TYR C 241 -26.70 -26.40 20.99
CA TYR C 241 -27.88 -27.25 20.75
C TYR C 241 -29.10 -26.88 21.62
N ASP C 242 -28.90 -26.18 22.74
CA ASP C 242 -30.00 -25.58 23.51
C ASP C 242 -30.71 -24.41 22.87
N ASP C 243 -30.05 -23.65 22.00
CA ASP C 243 -30.69 -22.52 21.35
C ASP C 243 -31.79 -23.00 20.38
N SER C 244 -32.92 -22.28 20.35
CA SER C 244 -34.11 -22.79 19.67
C SER C 244 -33.95 -22.71 18.13
N LEU C 245 -33.16 -21.75 17.67
CA LEU C 245 -32.80 -21.70 16.25
C LEU C 245 -32.11 -22.99 15.82
N VAL C 246 -31.16 -23.44 16.62
CA VAL C 246 -30.34 -24.66 16.32
C VAL C 246 -31.16 -25.95 16.47
N SER C 247 -31.99 -26.05 17.52
CA SER C 247 -32.86 -27.26 17.68
C SER C 247 -33.92 -27.34 16.59
N LYS C 248 -34.46 -26.22 16.13
CA LYS C 248 -35.35 -26.31 14.98
C LYS C 248 -34.63 -26.82 13.75
N PHE C 249 -33.44 -26.28 13.45
CA PHE C 249 -32.64 -26.78 12.32
C PHE C 249 -32.42 -28.29 12.48
N ILE C 250 -32.08 -28.72 13.69
CA ILE C 250 -31.79 -30.14 13.92
C ILE C 250 -33.05 -31.03 13.67
N GLU C 251 -34.25 -30.52 13.91
CA GLU C 251 -35.46 -31.33 13.65
C GLU C 251 -35.59 -31.69 12.16
N ARG C 252 -35.32 -30.75 11.24
CA ARG C 252 -35.31 -31.06 9.78
C ARG C 252 -34.07 -31.91 9.38
N TRP C 253 -32.89 -31.54 9.89
CA TRP C 253 -31.62 -32.17 9.51
C TRP C 253 -31.51 -33.64 9.92
N SER C 254 -31.86 -33.94 11.16
CA SER C 254 -31.91 -35.34 11.68
C SER C 254 -32.90 -36.25 10.95
N THR C 255 -33.83 -35.69 10.17
CA THR C 255 -34.80 -36.50 9.42
C THR C 255 -34.62 -36.43 7.89
N LEU C 256 -33.51 -35.86 7.42
CA LEU C 256 -33.20 -35.91 5.97
C LEU C 256 -32.74 -37.30 5.59
N GLU C 257 -33.01 -37.66 4.35
CA GLU C 257 -32.58 -38.93 3.84
C GLU C 257 -31.05 -38.87 3.60
N GLU C 258 -30.30 -39.71 4.31
CA GLU C 258 -28.83 -39.75 4.19
C GLU C 258 -28.36 -40.05 2.77
N LYS C 259 -29.14 -40.79 2.00
CA LYS C 259 -28.77 -41.08 0.61
C LYS C 259 -28.75 -39.82 -0.25
N GLU C 260 -29.70 -38.93 -0.05
CA GLU C 260 -29.79 -37.70 -0.82
C GLU C 260 -28.86 -36.58 -0.26
N TYR C 261 -28.73 -36.53 1.07
CA TYR C 261 -27.98 -35.53 1.83
C TYR C 261 -26.92 -36.22 2.67
N PRO C 262 -25.80 -36.64 2.05
CA PRO C 262 -24.81 -37.34 2.85
C PRO C 262 -24.30 -36.50 4.06
N GLY C 263 -24.06 -37.21 5.15
CA GLY C 263 -23.63 -36.64 6.43
C GLY C 263 -24.78 -36.11 7.29
N ALA C 264 -25.99 -36.03 6.76
CA ALA C 264 -27.18 -35.61 7.56
C ALA C 264 -27.80 -36.82 8.26
N HIS C 265 -29.03 -36.66 8.72
CA HIS C 265 -29.70 -37.67 9.53
C HIS C 265 -28.94 -37.93 10.83
N THR C 266 -28.45 -36.86 11.46
CA THR C 266 -27.74 -36.93 12.73
C THR C 266 -28.31 -35.86 13.66
N ALA C 267 -28.16 -36.05 14.97
CA ALA C 267 -28.56 -35.06 15.98
C ALA C 267 -27.53 -33.94 16.15
N THR C 268 -26.35 -34.05 15.54
CA THR C 268 -25.34 -33.00 15.59
C THR C 268 -24.91 -32.65 14.18
N ILE C 269 -24.30 -31.47 14.05
CA ILE C 269 -23.78 -30.98 12.81
C ILE C 269 -22.37 -30.46 13.12
N LYS C 270 -21.40 -30.84 12.30
CA LYS C 270 -20.04 -30.33 12.49
C LYS C 270 -19.97 -28.81 12.31
N TYR C 271 -19.12 -28.15 13.07
CA TYR C 271 -19.07 -26.65 13.06
C TYR C 271 -18.78 -26.06 11.68
N THR C 272 -17.96 -26.78 10.89
CA THR C 272 -17.65 -26.38 9.55
C THR C 272 -18.88 -26.44 8.65
N SER C 273 -19.72 -27.47 8.84
CA SER C 273 -21.00 -27.54 8.13
C SER C 273 -21.95 -26.48 8.59
N ALA C 274 -21.97 -26.20 9.86
CA ALA C 274 -22.86 -25.14 10.38
C ALA C 274 -22.52 -23.80 9.79
N LEU C 275 -21.20 -23.52 9.73
CA LEU C 275 -20.70 -22.26 9.18
C LEU C 275 -21.02 -22.10 7.70
N THR C 276 -21.14 -23.22 6.98
CA THR C 276 -21.46 -23.23 5.58
C THR C 276 -22.93 -22.82 5.34
N TYR C 277 -23.81 -23.47 6.07
CA TYR C 277 -25.23 -23.10 6.17
C TYR C 277 -25.36 -21.62 6.47
N ASP C 278 -24.66 -21.14 7.49
CA ASP C 278 -24.67 -19.72 7.84
C ASP C 278 -24.10 -18.82 6.76
N ALA C 279 -23.08 -19.28 5.99
CA ALA C 279 -22.58 -18.54 4.82
C ALA C 279 -23.67 -18.28 3.76
N VAL C 280 -24.59 -19.24 3.57
CA VAL C 280 -25.67 -19.10 2.61
C VAL C 280 -26.60 -17.97 3.10
N GLN C 281 -26.87 -17.91 4.40
CA GLN C 281 -27.63 -16.80 4.95
C GLN C 281 -26.92 -15.45 4.75
N VAL C 282 -25.61 -15.41 5.02
CA VAL C 282 -24.81 -14.19 4.83
C VAL C 282 -24.84 -13.65 3.42
N MET C 283 -24.63 -14.53 2.47
CA MET C 283 -24.63 -14.17 1.09
C MET C 283 -26.01 -13.66 0.61
N THR C 284 -27.05 -14.40 0.97
CA THR C 284 -28.45 -14.01 0.64
C THR C 284 -28.77 -12.64 1.17
N GLU C 285 -28.49 -12.45 2.45
CA GLU C 285 -28.73 -11.18 3.12
C GLU C 285 -27.95 -9.99 2.48
N ALA C 286 -26.73 -10.21 2.07
CA ALA C 286 -25.93 -9.18 1.39
C ALA C 286 -26.55 -8.71 0.06
N PHE C 287 -26.89 -9.66 -0.82
CA PHE C 287 -27.52 -9.32 -2.06
C PHE C 287 -28.93 -8.71 -1.83
N ARG C 288 -29.71 -9.21 -0.88
CA ARG C 288 -31.01 -8.56 -0.55
C ARG C 288 -30.79 -7.12 -0.12
N ASN C 289 -29.78 -6.89 0.71
CA ASN C 289 -29.47 -5.54 1.21
C ASN C 289 -29.05 -4.57 0.13
N LEU C 290 -28.26 -5.07 -0.84
CA LEU C 290 -27.88 -4.23 -1.96
C LEU C 290 -29.14 -3.73 -2.74
N ARG C 291 -30.09 -4.63 -2.94
CA ARG C 291 -31.41 -4.25 -3.50
C ARG C 291 -32.15 -3.19 -2.69
N LYS C 292 -32.19 -3.32 -1.35
CA LYS C 292 -32.82 -2.27 -0.51
C LYS C 292 -32.16 -0.94 -0.64
N GLN C 293 -30.90 -0.94 -0.99
CA GLN C 293 -30.16 0.28 -1.08
C GLN C 293 -30.11 0.83 -2.52
N ARG C 294 -30.86 0.19 -3.44
CA ARG C 294 -30.86 0.57 -4.88
C ARG C 294 -29.48 0.62 -5.47
N ILE C 295 -28.58 -0.27 -5.01
CA ILE C 295 -27.23 -0.35 -5.57
C ILE C 295 -27.30 -1.47 -6.60
N GLU C 296 -27.14 -1.13 -7.89
CA GLU C 296 -27.23 -2.13 -8.96
C GLU C 296 -25.89 -2.88 -9.19
N ILE C 297 -26.00 -4.17 -9.41
CA ILE C 297 -24.88 -5.01 -9.84
C ILE C 297 -25.27 -5.74 -11.15
N SER C 298 -24.31 -6.13 -11.98
CA SER C 298 -24.65 -6.71 -13.29
C SER C 298 -23.45 -7.40 -13.94
N ARG C 299 -23.66 -7.91 -15.17
CA ARG C 299 -22.58 -8.32 -16.07
C ARG C 299 -21.57 -9.31 -15.43
N GLY C 304 -13.69 -11.73 -17.84
CA GLY C 304 -13.26 -12.64 -18.89
C GLY C 304 -12.02 -13.39 -18.42
N ASP C 305 -10.84 -12.96 -18.87
CA ASP C 305 -9.60 -13.74 -18.65
C ASP C 305 -8.92 -13.53 -17.30
N CYS C 306 -8.98 -14.58 -16.51
CA CYS C 306 -8.34 -14.66 -15.23
C CYS C 306 -6.89 -14.11 -15.16
N LEU C 307 -6.04 -14.46 -16.13
CA LEU C 307 -4.68 -13.91 -16.23
C LEU C 307 -4.46 -12.73 -17.17
N ALA C 308 -5.52 -11.95 -17.48
CA ALA C 308 -5.40 -10.73 -18.29
C ALA C 308 -4.34 -9.81 -17.66
N ASN C 309 -3.50 -9.19 -18.50
CA ASN C 309 -2.25 -8.50 -18.07
C ASN C 309 -2.22 -7.06 -18.64
N PRO C 310 -2.56 -5.99 -17.87
CA PRO C 310 -2.85 -6.03 -16.43
C PRO C 310 -4.31 -6.42 -16.08
N ALA C 311 -4.52 -6.66 -14.80
CA ALA C 311 -5.85 -6.93 -14.30
C ALA C 311 -6.62 -5.62 -14.20
N VAL C 312 -7.75 -5.53 -14.90
CA VAL C 312 -8.69 -4.41 -14.70
C VAL C 312 -9.97 -4.96 -13.96
N PRO C 313 -10.03 -4.87 -12.60
CA PRO C 313 -11.15 -5.44 -11.82
C PRO C 313 -12.44 -4.64 -11.98
N TRP C 314 -13.59 -5.33 -11.92
CA TRP C 314 -14.92 -4.63 -11.99
C TRP C 314 -15.18 -3.65 -10.84
N GLY C 315 -15.90 -2.58 -11.21
CA GLY C 315 -16.33 -1.52 -10.29
C GLY C 315 -17.22 -2.06 -9.18
N GLN C 316 -18.05 -3.05 -9.49
CA GLN C 316 -19.05 -3.53 -8.53
C GLN C 316 -18.53 -4.41 -7.39
N GLY C 317 -17.28 -4.86 -7.49
CA GLY C 317 -16.68 -5.72 -6.46
C GLY C 317 -16.63 -5.14 -5.08
N VAL C 318 -16.23 -3.89 -5.01
CA VAL C 318 -16.14 -3.16 -3.77
C VAL C 318 -17.51 -3.07 -3.06
N GLU C 319 -18.58 -2.90 -3.86
CA GLU C 319 -19.94 -2.76 -3.29
C GLU C 319 -20.39 -4.07 -2.69
N ILE C 320 -20.12 -5.17 -3.38
CA ILE C 320 -20.44 -6.50 -2.89
C ILE C 320 -19.70 -6.83 -1.62
N GLU C 321 -18.41 -6.56 -1.60
CA GLU C 321 -17.57 -6.79 -0.42
C GLU C 321 -18.12 -6.05 0.79
N ARG C 322 -18.40 -4.77 0.60
CA ARG C 322 -18.93 -3.96 1.68
C ARG C 322 -20.31 -4.51 2.14
N ALA C 323 -21.19 -4.87 1.24
CA ALA C 323 -22.47 -5.47 1.66
C ALA C 323 -22.29 -6.73 2.49
N LEU C 324 -21.35 -7.61 2.11
CA LEU C 324 -21.12 -8.83 2.88
C LEU C 324 -20.62 -8.55 4.29
N LYS C 325 -19.69 -7.61 4.38
CA LYS C 325 -19.10 -7.26 5.65
C LYS C 325 -20.09 -6.45 6.57
N GLN C 326 -21.14 -5.84 6.02
CA GLN C 326 -22.16 -5.14 6.83
C GLN C 326 -23.24 -6.06 7.34
N VAL C 327 -23.33 -7.29 6.86
CA VAL C 327 -24.34 -8.22 7.29
C VAL C 327 -24.25 -8.46 8.82
N GLN C 328 -25.42 -8.49 9.44
CA GLN C 328 -25.59 -8.92 10.82
C GLN C 328 -26.88 -9.76 10.99
N VAL C 329 -26.74 -11.01 11.35
CA VAL C 329 -27.84 -11.96 11.44
C VAL C 329 -27.50 -12.98 12.53
N GLU C 330 -28.51 -13.77 12.88
CA GLU C 330 -28.46 -14.83 13.89
C GLU C 330 -28.39 -16.13 13.12
N GLY C 331 -27.34 -16.93 13.33
CA GLY C 331 -27.24 -18.22 12.69
C GLY C 331 -27.03 -19.39 13.64
N LEU C 332 -26.67 -20.53 13.07
CA LEU C 332 -26.29 -21.70 13.88
C LEU C 332 -25.09 -21.40 14.75
N SER C 333 -24.24 -20.46 14.34
CA SER C 333 -23.06 -20.11 15.14
C SER C 333 -23.28 -18.89 15.99
N GLY C 334 -24.53 -18.61 16.37
CA GLY C 334 -24.86 -17.42 17.13
C GLY C 334 -24.89 -16.13 16.31
N ASN C 335 -24.55 -15.03 16.95
CA ASN C 335 -24.61 -13.75 16.31
C ASN C 335 -23.45 -13.61 15.34
N ILE C 336 -23.79 -13.25 14.10
CA ILE C 336 -22.88 -13.13 13.01
C ILE C 336 -22.73 -11.66 12.64
N LYS C 337 -21.49 -11.17 12.74
CA LYS C 337 -21.16 -9.81 12.48
C LYS C 337 -19.67 -9.72 12.17
N PHE C 338 -19.30 -8.83 11.26
CA PHE C 338 -17.94 -8.74 10.71
C PHE C 338 -17.36 -7.34 10.88
N ASP C 339 -16.03 -7.30 11.07
CA ASP C 339 -15.30 -6.05 11.03
C ASP C 339 -14.94 -5.67 9.59
N GLN C 340 -14.24 -4.56 9.45
CA GLN C 340 -13.85 -4.06 8.12
C GLN C 340 -12.90 -5.01 7.34
N ASN C 341 -12.26 -5.95 8.02
CA ASN C 341 -11.42 -7.00 7.41
C ASN C 341 -12.03 -8.39 7.31
N GLY C 342 -13.35 -8.45 7.42
CA GLY C 342 -14.05 -9.68 7.28
C GLY C 342 -13.86 -10.68 8.41
N LYS C 343 -13.42 -10.22 9.60
CA LYS C 343 -13.29 -11.10 10.74
C LYS C 343 -14.55 -11.09 11.57
N ARG C 344 -14.93 -12.22 12.11
CA ARG C 344 -16.06 -12.27 13.03
C ARG C 344 -15.78 -11.37 14.26
N ILE C 345 -16.81 -10.63 14.66
CA ILE C 345 -16.79 -9.82 15.89
C ILE C 345 -18.18 -9.97 16.61
N ASN C 346 -18.19 -9.64 17.88
CA ASN C 346 -19.39 -9.69 18.73
C ASN C 346 -19.91 -11.12 18.81
N TYR C 347 -18.99 -12.11 18.78
CA TYR C 347 -19.37 -13.52 18.81
C TYR C 347 -19.23 -14.05 20.23
N THR C 348 -19.81 -15.22 20.43
CA THR C 348 -19.72 -15.96 21.66
C THR C 348 -19.13 -17.35 21.40
N ILE C 349 -18.25 -17.84 22.26
CA ILE C 349 -17.80 -19.25 22.21
C ILE C 349 -18.12 -19.93 23.53
N ASN C 350 -18.95 -20.95 23.51
CA ASN C 350 -19.29 -21.67 24.73
C ASN C 350 -18.13 -22.55 25.19
N ILE C 351 -17.92 -22.55 26.50
CA ILE C 351 -16.89 -23.35 27.17
C ILE C 351 -17.56 -24.58 27.77
N MET C 352 -17.06 -25.75 27.41
CA MET C 352 -17.66 -27.03 27.79
C MET C 352 -16.70 -27.89 28.65
N GLU C 353 -17.28 -28.69 29.53
CA GLU C 353 -16.56 -29.69 30.32
C GLU C 353 -17.29 -31.00 30.15
N LEU C 354 -16.53 -32.06 29.94
CA LEU C 354 -17.07 -33.42 29.82
C LEU C 354 -17.37 -33.98 31.21
N LYS C 355 -18.58 -34.51 31.39
CA LYS C 355 -19.02 -35.15 32.64
C LYS C 355 -19.57 -36.54 32.34
N THR C 356 -19.74 -37.40 33.34
CA THR C 356 -20.23 -38.78 33.07
C THR C 356 -21.64 -38.78 32.44
N ASN C 357 -22.39 -37.70 32.64
CA ASN C 357 -23.71 -37.44 31.99
C ASN C 357 -23.65 -36.76 30.62
N GLY C 358 -22.47 -36.53 30.06
CA GLY C 358 -22.42 -35.80 28.81
C GLY C 358 -21.67 -34.49 28.93
N PRO C 359 -21.40 -33.87 27.77
CA PRO C 359 -20.80 -32.54 27.81
C PRO C 359 -21.74 -31.52 28.48
N ARG C 360 -21.16 -30.68 29.32
CA ARG C 360 -21.84 -29.59 30.03
C ARG C 360 -21.23 -28.25 29.63
N LYS C 361 -22.09 -27.31 29.29
CA LYS C 361 -21.68 -25.94 29.16
C LYS C 361 -21.42 -25.32 30.52
N ILE C 362 -20.20 -24.88 30.82
CA ILE C 362 -19.91 -24.16 32.07
C ILE C 362 -19.84 -22.63 31.93
N GLY C 363 -19.88 -22.13 30.70
CA GLY C 363 -19.67 -20.73 30.47
C GLY C 363 -19.51 -20.40 29.00
N TYR C 364 -18.99 -19.21 28.78
CA TYR C 364 -18.77 -18.73 27.46
C TYR C 364 -17.70 -17.70 27.49
N TRP C 365 -17.06 -17.49 26.33
CA TRP C 365 -16.09 -16.46 26.17
C TRP C 365 -16.60 -15.52 25.10
N SER C 366 -16.40 -14.23 25.30
CA SER C 366 -16.85 -13.25 24.35
C SER C 366 -15.78 -12.31 24.04
N GLU C 367 -15.98 -11.77 22.88
CA GLU C 367 -15.02 -10.97 22.29
C GLU C 367 -14.78 -9.64 23.04
N VAL C 368 -15.55 -9.37 24.14
CA VAL C 368 -15.49 -8.18 25.05
C VAL C 368 -15.33 -8.50 26.58
N ASP C 369 -16.15 -9.38 27.16
CA ASP C 369 -15.99 -9.83 28.60
C ASP C 369 -14.96 -10.98 29.02
N LYS C 370 -14.25 -11.53 28.03
CA LYS C 370 -13.40 -12.69 28.24
C LYS C 370 -14.20 -13.86 28.89
N MET C 371 -13.69 -14.63 29.85
CA MET C 371 -14.43 -15.84 30.25
C MET C 371 -15.49 -15.65 31.31
N VAL C 372 -16.74 -16.01 31.05
CA VAL C 372 -17.85 -15.87 32.00
C VAL C 372 -18.37 -17.21 32.46
N VAL C 373 -18.42 -17.44 33.76
CA VAL C 373 -18.97 -18.67 34.33
C VAL C 373 -20.49 -18.56 34.53
N THR C 374 -21.27 -19.53 34.06
CA THR C 374 -22.76 -19.42 34.02
C THR C 374 -23.47 -20.40 34.94
N PHE D 2 20.07 -32.09 -30.48
CA PHE D 2 20.20 -31.12 -29.35
C PHE D 2 20.18 -29.66 -29.79
N PRO D 3 19.40 -28.80 -29.10
CA PRO D 3 19.23 -27.44 -29.64
C PRO D 3 20.50 -26.55 -29.58
N ASN D 4 20.57 -25.56 -30.46
CA ASN D 4 21.68 -24.61 -30.45
C ASN D 4 21.67 -23.67 -29.23
N THR D 5 20.45 -23.38 -28.76
CA THR D 5 20.20 -22.48 -27.68
C THR D 5 19.38 -23.23 -26.63
N ILE D 6 19.73 -23.07 -25.35
CA ILE D 6 18.83 -23.37 -24.23
C ILE D 6 18.32 -22.02 -23.64
N SER D 7 17.02 -21.80 -23.61
CA SER D 7 16.42 -20.61 -22.96
C SER D 7 15.93 -20.94 -21.57
N ILE D 8 16.27 -20.11 -20.59
CA ILE D 8 15.67 -20.23 -19.25
C ILE D 8 14.89 -18.97 -18.86
N GLY D 9 13.98 -19.15 -17.89
CA GLY D 9 13.23 -18.03 -17.28
C GLY D 9 13.98 -17.50 -16.07
N GLY D 10 13.80 -16.21 -15.79
CA GLY D 10 14.29 -15.52 -14.61
C GLY D 10 13.10 -14.85 -13.93
N LEU D 11 12.85 -15.22 -12.68
CA LEU D 11 11.77 -14.55 -11.89
C LEU D 11 12.39 -13.81 -10.74
N PHE D 12 12.50 -12.50 -10.89
CA PHE D 12 13.13 -11.63 -9.92
C PHE D 12 12.11 -10.80 -9.10
N MET D 13 12.40 -10.60 -7.82
CA MET D 13 11.56 -9.79 -6.94
C MET D 13 12.24 -8.47 -6.63
N ARG D 14 11.51 -7.60 -5.95
CA ARG D 14 12.05 -6.39 -5.34
C ARG D 14 13.24 -6.77 -4.42
N ASN D 15 14.23 -5.90 -4.41
CA ASN D 15 15.40 -6.06 -3.53
C ASN D 15 16.32 -7.27 -3.92
N THR D 16 16.21 -7.75 -5.18
CA THR D 16 17.16 -8.75 -5.76
C THR D 16 17.94 -8.16 -6.96
N VAL D 17 18.25 -6.87 -6.84
CA VAL D 17 18.95 -6.17 -7.91
C VAL D 17 20.37 -6.75 -8.14
N GLN D 18 21.14 -6.87 -7.08
CA GLN D 18 22.51 -7.44 -7.14
C GLN D 18 22.53 -8.88 -7.72
N GLU D 19 21.60 -9.71 -7.24
CA GLU D 19 21.46 -11.12 -7.68
C GLU D 19 21.12 -11.17 -9.15
N HIS D 20 20.32 -10.20 -9.60
CA HIS D 20 20.04 -10.07 -11.02
C HIS D 20 21.29 -9.70 -11.84
N SER D 21 22.10 -8.79 -11.33
CA SER D 21 23.39 -8.48 -11.94
C SER D 21 24.28 -9.70 -11.98
N ALA D 22 24.30 -10.47 -10.87
CA ALA D 22 25.06 -11.74 -10.77
C ALA D 22 24.60 -12.85 -11.73
N PHE D 23 23.29 -12.90 -11.95
CA PHE D 23 22.65 -13.75 -12.95
C PHE D 23 23.13 -13.46 -14.37
N ARG D 24 23.04 -12.19 -14.80
CA ARG D 24 23.46 -11.74 -16.14
C ARG D 24 24.98 -12.01 -16.33
N PHE D 25 25.75 -11.68 -15.29
CA PHE D 25 27.20 -11.90 -15.35
C PHE D 25 27.48 -13.39 -15.44
N ALA D 26 26.83 -14.21 -14.62
CA ALA D 26 27.07 -15.66 -14.71
C ALA D 26 26.73 -16.23 -16.10
N VAL D 27 25.66 -15.76 -16.72
CA VAL D 27 25.32 -16.20 -18.06
C VAL D 27 26.37 -15.75 -19.12
N GLN D 28 26.79 -14.49 -19.01
CA GLN D 28 27.88 -13.94 -19.80
C GLN D 28 29.20 -14.74 -19.65
N LEU D 29 29.56 -15.18 -18.44
CA LEU D 29 30.78 -16.00 -18.28
C LEU D 29 30.67 -17.36 -18.94
N TYR D 30 29.49 -17.95 -18.83
CA TYR D 30 29.21 -19.20 -19.54
C TYR D 30 29.33 -18.97 -21.05
N ASN D 31 28.68 -17.94 -21.58
CA ASN D 31 28.58 -17.73 -23.04
C ASN D 31 29.86 -17.29 -23.75
N THR D 32 30.79 -16.67 -23.02
CA THR D 32 31.97 -16.10 -23.65
C THR D 32 33.14 -17.09 -23.58
N ASN D 33 32.92 -18.24 -22.94
CA ASN D 33 33.89 -19.34 -22.89
C ASN D 33 34.14 -19.83 -24.33
N GLN D 34 35.42 -19.91 -24.70
CA GLN D 34 35.88 -20.29 -26.09
C GLN D 34 35.98 -21.81 -26.38
N ASN D 35 36.07 -22.58 -25.30
CA ASN D 35 36.07 -24.02 -25.36
C ASN D 35 34.68 -24.55 -25.74
N THR D 36 34.53 -25.14 -26.91
CA THR D 36 33.17 -25.58 -27.38
C THR D 36 32.66 -26.85 -26.67
N THR D 37 33.52 -27.57 -25.96
CA THR D 37 33.02 -28.69 -25.17
C THR D 37 32.44 -28.18 -23.82
N GLU D 38 32.93 -27.02 -23.32
CA GLU D 38 32.37 -26.38 -22.12
C GLU D 38 31.21 -25.41 -22.45
N LYS D 39 31.09 -25.05 -23.72
CA LYS D 39 30.07 -24.18 -24.18
C LYS D 39 29.46 -24.69 -25.49
N PRO D 40 28.77 -25.84 -25.44
CA PRO D 40 28.23 -26.38 -26.71
C PRO D 40 26.86 -25.84 -27.10
N PHE D 41 26.27 -24.99 -26.31
CA PHE D 41 24.99 -24.37 -26.67
C PHE D 41 25.03 -22.97 -26.14
N HIS D 42 24.24 -22.10 -26.75
CA HIS D 42 24.12 -20.75 -26.29
C HIS D 42 23.12 -20.75 -25.14
N LEU D 43 23.43 -20.06 -24.03
CA LEU D 43 22.47 -19.90 -22.93
C LEU D 43 21.68 -18.56 -23.04
N ASN D 44 20.37 -18.64 -23.19
CA ASN D 44 19.46 -17.50 -23.24
C ASN D 44 18.60 -17.38 -22.01
N TYR D 45 18.06 -16.18 -21.78
CA TYR D 45 17.09 -15.95 -20.74
C TYR D 45 16.02 -14.88 -21.08
N HIS D 46 14.86 -15.03 -20.45
CA HIS D 46 13.85 -13.96 -20.39
C HIS D 46 13.54 -13.67 -18.93
N VAL D 47 13.78 -12.43 -18.53
CA VAL D 47 13.58 -12.00 -17.18
C VAL D 47 12.21 -11.29 -16.99
N ASP D 48 11.52 -11.64 -15.90
CA ASP D 48 10.41 -10.80 -15.37
C ASP D 48 10.76 -10.25 -14.02
N HIS D 49 10.56 -8.96 -13.84
CA HIS D 49 10.68 -8.30 -12.53
C HIS D 49 9.29 -8.14 -11.97
N LEU D 50 9.06 -8.65 -10.76
CA LEU D 50 7.77 -8.49 -10.08
C LEU D 50 7.85 -7.28 -9.17
N ASP D 51 6.93 -6.35 -9.38
CA ASP D 51 6.70 -5.24 -8.46
C ASP D 51 6.43 -5.71 -7.02
N SER D 52 5.67 -6.79 -6.87
CA SER D 52 5.52 -7.46 -5.57
C SER D 52 5.38 -8.95 -5.83
N SER D 53 5.68 -9.77 -4.83
CA SER D 53 5.63 -11.22 -4.97
C SER D 53 4.47 -11.82 -4.14
N ASN D 54 3.30 -11.70 -4.72
CA ASN D 54 2.07 -12.37 -4.34
C ASN D 54 1.69 -13.45 -5.40
N SER D 55 0.70 -14.28 -5.11
CA SER D 55 0.33 -15.38 -5.98
C SER D 55 -0.17 -14.98 -7.36
N PHE D 56 -0.89 -13.88 -7.49
CA PHE D 56 -1.41 -13.48 -8.81
C PHE D 56 -0.24 -13.09 -9.76
N SER D 57 0.65 -12.23 -9.27
CA SER D 57 1.73 -11.73 -10.13
C SER D 57 2.72 -12.84 -10.51
N VAL D 58 3.03 -13.74 -9.58
CA VAL D 58 3.92 -14.85 -9.94
C VAL D 58 3.27 -15.86 -10.86
N THR D 59 1.96 -16.11 -10.70
CA THR D 59 1.27 -17.00 -11.61
C THR D 59 1.33 -16.42 -13.01
N ASN D 60 1.07 -15.11 -13.10
CA ASN D 60 1.09 -14.43 -14.37
C ASN D 60 2.48 -14.51 -15.08
N ALA D 61 3.55 -14.24 -14.34
CA ALA D 61 4.90 -14.34 -14.91
C ALA D 61 5.25 -15.79 -15.28
N PHE D 62 4.97 -16.74 -14.39
CA PHE D 62 5.19 -18.15 -14.68
C PHE D 62 4.52 -18.57 -15.98
N CYS D 63 3.24 -18.24 -16.11
CA CYS D 63 2.48 -18.60 -17.31
C CYS D 63 3.02 -17.99 -18.61
N SER D 64 3.41 -16.72 -18.58
CA SER D 64 3.89 -16.07 -19.78
C SER D 64 5.26 -16.69 -20.14
N GLN D 65 6.10 -16.96 -19.14
CA GLN D 65 7.38 -17.70 -19.43
C GLN D 65 7.16 -19.07 -19.94
N PHE D 66 6.20 -19.77 -19.38
CA PHE D 66 5.97 -21.13 -19.82
C PHE D 66 5.54 -21.17 -21.29
N SER D 67 4.67 -20.23 -21.65
CA SER D 67 4.19 -20.12 -23.04
C SER D 67 5.24 -19.65 -24.06
N ARG D 68 6.14 -18.75 -23.64
CA ARG D 68 7.19 -18.29 -24.51
C ARG D 68 8.10 -19.44 -24.85
N GLY D 69 8.45 -20.26 -23.84
CA GLY D 69 9.18 -21.49 -24.00
C GLY D 69 10.52 -21.47 -23.27
N VAL D 70 10.59 -22.24 -22.19
CA VAL D 70 11.70 -22.25 -21.26
C VAL D 70 11.97 -23.70 -21.03
N TYR D 71 13.23 -23.98 -20.74
CA TYR D 71 13.65 -25.31 -20.34
C TYR D 71 13.74 -25.49 -18.83
N ALA D 72 13.76 -24.38 -18.10
CA ALA D 72 13.90 -24.33 -16.64
C ALA D 72 13.66 -22.87 -16.23
N ILE D 73 13.37 -22.65 -14.95
CA ILE D 73 13.16 -21.31 -14.42
C ILE D 73 14.05 -21.10 -13.21
N PHE D 74 14.87 -20.06 -13.28
CA PHE D 74 15.63 -19.60 -12.17
C PHE D 74 14.87 -18.51 -11.48
N GLY D 75 14.84 -18.51 -10.15
CA GLY D 75 14.19 -17.41 -9.46
C GLY D 75 14.08 -17.43 -7.94
N PHE D 76 13.22 -16.54 -7.44
CA PHE D 76 13.03 -16.30 -6.00
C PHE D 76 11.54 -16.45 -5.64
N TYR D 77 11.27 -17.05 -4.50
CA TYR D 77 9.96 -16.90 -3.86
C TYR D 77 10.10 -16.34 -2.47
N ASP D 78 8.96 -16.03 -1.90
CA ASP D 78 8.87 -15.77 -0.49
C ASP D 78 7.69 -16.55 0.08
N GLN D 79 7.42 -16.41 1.36
CA GLN D 79 6.22 -17.04 1.99
C GLN D 79 4.92 -16.86 1.25
N MET D 80 4.73 -15.71 0.65
CA MET D 80 3.48 -15.46 -0.04
C MET D 80 3.37 -16.11 -1.43
N SER D 81 4.48 -16.35 -2.11
CA SER D 81 4.42 -16.92 -3.43
C SER D 81 4.86 -18.40 -3.55
N MET D 82 5.55 -18.90 -2.51
CA MET D 82 6.22 -20.20 -2.56
C MET D 82 5.29 -21.33 -2.96
N ASN D 83 4.09 -21.39 -2.38
CA ASN D 83 3.24 -22.55 -2.65
C ASN D 83 2.73 -22.59 -4.08
N THR D 84 2.41 -21.42 -4.64
CA THR D 84 1.95 -21.30 -6.00
C THR D 84 2.99 -21.78 -6.99
N LEU D 85 4.20 -21.25 -6.86
CA LEU D 85 5.32 -21.69 -7.71
C LEU D 85 5.59 -23.19 -7.68
N THR D 86 5.75 -23.72 -6.49
CA THR D 86 6.04 -25.12 -6.35
C THR D 86 4.90 -25.97 -6.84
N SER D 87 3.65 -25.54 -6.61
CA SER D 87 2.51 -26.32 -7.13
C SER D 87 2.52 -26.35 -8.69
N PHE D 88 2.76 -25.20 -9.32
CA PHE D 88 2.75 -25.08 -10.77
C PHE D 88 3.90 -25.91 -11.39
N CYS D 89 5.10 -25.72 -10.85
CA CYS D 89 6.29 -26.50 -11.30
C CYS D 89 6.02 -27.98 -11.22
N GLY D 90 5.43 -28.42 -10.11
CA GLY D 90 5.06 -29.84 -9.90
C GLY D 90 4.02 -30.40 -10.85
N ALA D 91 2.99 -29.61 -11.15
CA ALA D 91 1.97 -30.01 -12.12
C ALA D 91 2.49 -30.04 -13.55
N LEU D 92 3.31 -29.08 -13.92
CA LEU D 92 3.75 -28.98 -15.28
C LEU D 92 5.16 -29.59 -15.59
N HIS D 93 5.80 -30.17 -14.56
CA HIS D 93 7.14 -30.76 -14.63
C HIS D 93 8.20 -29.76 -15.13
N THR D 94 8.11 -28.53 -14.61
CA THR D 94 8.98 -27.42 -14.93
C THR D 94 9.85 -27.20 -13.74
N SER D 95 11.17 -27.31 -13.95
CA SER D 95 12.13 -27.29 -12.84
C SER D 95 12.45 -25.87 -12.48
N PHE D 96 12.30 -25.53 -11.20
CA PHE D 96 12.59 -24.22 -10.66
C PHE D 96 13.91 -24.28 -9.89
N VAL D 97 14.84 -23.39 -10.18
CA VAL D 97 16.14 -23.39 -9.47
C VAL D 97 16.19 -22.11 -8.67
N THR D 98 16.47 -22.21 -7.39
CA THR D 98 16.29 -21.03 -6.50
C THR D 98 17.30 -20.92 -5.36
N PRO D 99 17.75 -19.70 -5.05
CA PRO D 99 18.50 -19.49 -3.83
C PRO D 99 17.65 -19.09 -2.61
N SER D 100 16.31 -19.16 -2.71
CA SER D 100 15.43 -18.81 -1.59
C SER D 100 15.51 -19.86 -0.48
N PHE D 101 14.88 -19.56 0.65
CA PHE D 101 14.82 -20.54 1.74
C PHE D 101 14.32 -21.88 1.23
N PRO D 102 14.94 -22.96 1.71
CA PRO D 102 14.53 -24.29 1.28
C PRO D 102 13.21 -24.62 1.92
N THR D 103 12.33 -25.29 1.19
CA THR D 103 10.94 -25.53 1.67
C THR D 103 10.81 -26.50 2.83
N ASP D 104 9.68 -26.37 3.49
CA ASP D 104 9.38 -27.22 4.68
C ASP D 104 9.07 -28.65 4.18
N ALA D 105 8.12 -28.70 3.25
CA ALA D 105 7.72 -29.91 2.58
C ALA D 105 8.75 -30.51 1.55
N ASP D 106 8.63 -31.83 1.37
CA ASP D 106 9.24 -32.64 0.31
C ASP D 106 8.54 -32.42 -0.99
N VAL D 107 9.11 -31.61 -1.89
CA VAL D 107 8.48 -31.30 -3.18
C VAL D 107 9.33 -31.83 -4.34
N GLN D 108 8.69 -31.93 -5.50
CA GLN D 108 9.35 -32.25 -6.76
C GLN D 108 9.54 -30.98 -7.57
N PHE D 109 10.41 -31.10 -8.57
CA PHE D 109 10.69 -30.03 -9.56
C PHE D 109 11.23 -28.69 -9.02
N VAL D 110 11.86 -28.73 -7.84
CA VAL D 110 12.42 -27.54 -7.21
C VAL D 110 13.82 -27.84 -6.80
N ILE D 111 14.78 -27.11 -7.33
CA ILE D 111 16.18 -27.33 -6.96
C ILE D 111 16.59 -26.19 -6.03
N GLN D 112 16.94 -26.55 -4.81
CA GLN D 112 17.02 -25.58 -3.73
C GLN D 112 18.50 -25.38 -3.47
N MET D 113 19.05 -24.27 -3.96
CA MET D 113 20.52 -24.04 -3.83
C MET D 113 20.98 -23.76 -2.43
N ARG D 114 20.07 -23.18 -1.62
CA ARG D 114 20.41 -22.76 -0.25
C ARG D 114 20.37 -23.94 0.70
N PRO D 115 21.52 -24.27 1.38
CA PRO D 115 21.50 -25.32 2.39
C PRO D 115 20.57 -24.99 3.55
N ALA D 116 20.01 -26.01 4.16
CA ALA D 116 19.27 -25.84 5.39
C ALA D 116 20.22 -25.51 6.51
N LEU D 117 19.75 -24.73 7.45
CA LEU D 117 20.54 -24.28 8.58
C LEU D 117 20.25 -24.99 9.90
N LYS D 118 19.15 -25.72 10.04
CA LYS D 118 18.75 -26.12 11.39
C LYS D 118 19.72 -27.09 12.05
N GLY D 119 20.28 -28.01 11.29
CA GLY D 119 21.28 -28.95 11.82
C GLY D 119 22.51 -28.28 12.41
N ALA D 120 23.07 -27.30 11.71
CA ALA D 120 24.17 -26.50 12.26
C ALA D 120 23.73 -25.80 13.53
N ILE D 121 22.55 -25.19 13.49
CA ILE D 121 22.05 -24.49 14.70
C ILE D 121 21.94 -25.43 15.89
N LEU D 122 21.30 -26.57 15.73
CA LEU D 122 21.18 -27.53 16.82
C LEU D 122 22.51 -28.06 17.32
N SER D 123 23.48 -28.32 16.44
CA SER D 123 24.82 -28.77 16.87
C SER D 123 25.52 -27.72 17.72
N LEU D 124 25.42 -26.45 17.35
CA LEU D 124 26.09 -25.41 18.15
C LEU D 124 25.44 -25.15 19.50
N LEU D 125 24.10 -25.24 19.56
CA LEU D 125 23.38 -25.14 20.83
C LEU D 125 23.87 -26.27 21.75
N SER D 126 24.07 -27.45 21.16
CA SER D 126 24.61 -28.61 21.88
C SER D 126 26.07 -28.38 22.33
N TYR D 127 26.91 -27.88 21.43
CA TYR D 127 28.31 -27.58 21.74
C TYR D 127 28.45 -26.56 22.86
N TYR D 128 27.67 -25.48 22.80
CA TYR D 128 27.73 -24.45 23.83
C TYR D 128 26.97 -24.83 25.09
N LYS D 129 26.29 -25.97 25.08
CA LYS D 129 25.44 -26.44 26.19
C LYS D 129 24.35 -25.45 26.61
N TRP D 130 23.76 -24.71 25.67
CA TRP D 130 22.63 -23.83 26.00
C TRP D 130 21.41 -24.64 26.43
N GLU D 131 20.98 -24.51 27.68
CA GLU D 131 19.72 -25.14 28.13
C GLU D 131 18.60 -24.21 28.46
N LYS D 132 18.94 -22.93 28.60
CA LYS D 132 18.01 -21.91 28.88
C LYS D 132 18.39 -20.71 27.99
N PHE D 133 17.50 -20.31 27.08
CA PHE D 133 17.80 -19.16 26.21
C PHE D 133 16.55 -18.52 25.63
N VAL D 134 16.74 -17.33 25.08
CA VAL D 134 15.72 -16.64 24.36
C VAL D 134 15.87 -16.90 22.89
N TYR D 135 14.73 -17.18 22.23
CA TYR D 135 14.65 -17.39 20.81
C TYR D 135 13.76 -16.34 20.19
N LEU D 136 14.38 -15.39 19.51
CA LEU D 136 13.68 -14.40 18.73
C LEU D 136 13.68 -14.80 17.26
N TYR D 137 12.48 -14.84 16.68
CA TYR D 137 12.32 -15.34 15.32
C TYR D 137 11.25 -14.61 14.50
N ASP D 138 11.47 -14.56 13.20
CA ASP D 138 10.41 -14.30 12.19
C ASP D 138 10.29 -15.57 11.33
N THR D 139 9.25 -15.58 10.52
CA THR D 139 8.88 -16.74 9.69
C THR D 139 9.17 -16.55 8.21
N GLU D 140 9.94 -15.55 7.86
CA GLU D 140 10.21 -15.24 6.46
C GLU D 140 11.04 -16.32 5.73
N ARG D 141 11.74 -17.20 6.46
CA ARG D 141 12.46 -18.34 5.87
C ARG D 141 11.80 -19.66 6.26
N GLY D 142 10.48 -19.64 6.47
CA GLY D 142 9.77 -20.84 6.91
C GLY D 142 9.78 -21.14 8.40
N PHE D 143 9.24 -22.30 8.74
CA PHE D 143 9.01 -22.71 10.11
C PHE D 143 9.95 -23.83 10.57
N SER D 144 10.88 -24.26 9.72
CA SER D 144 11.68 -25.43 10.01
C SER D 144 12.58 -25.24 11.25
N VAL D 145 13.19 -24.07 11.41
CA VAL D 145 14.00 -23.82 12.58
C VAL D 145 13.13 -23.76 13.84
N LEU D 146 12.00 -23.05 13.80
CA LEU D 146 11.07 -23.02 14.96
C LEU D 146 10.71 -24.46 15.38
N GLN D 147 10.40 -25.30 14.41
CA GLN D 147 9.96 -26.67 14.72
C GLN D 147 11.05 -27.53 15.34
N ALA D 148 12.25 -27.36 14.82
CA ALA D 148 13.43 -28.10 15.29
C ALA D 148 13.82 -27.67 16.68
N ILE D 149 13.79 -26.35 16.93
CA ILE D 149 14.08 -25.86 18.28
C ILE D 149 13.06 -26.41 19.28
N MET D 150 11.78 -26.35 18.95
CA MET D 150 10.74 -26.87 19.87
C MET D 150 10.91 -28.36 20.20
N GLU D 151 11.20 -29.14 19.18
CA GLU D 151 11.42 -30.58 19.29
C GLU D 151 12.66 -30.90 20.17
N ALA D 152 13.77 -30.23 19.89
CA ALA D 152 14.96 -30.35 20.73
C ALA D 152 14.76 -29.88 22.16
N ALA D 153 13.89 -28.88 22.37
CA ALA D 153 13.51 -28.48 23.75
C ALA D 153 12.84 -29.63 24.53
N VAL D 154 11.94 -30.36 23.89
CA VAL D 154 11.27 -31.50 24.52
C VAL D 154 12.31 -32.64 24.75
N GLN D 155 13.14 -32.98 23.77
CA GLN D 155 14.13 -34.09 24.00
C GLN D 155 15.18 -33.80 25.06
N ASN D 156 15.63 -32.56 25.15
CA ASN D 156 16.69 -32.12 26.04
C ASN D 156 16.26 -31.31 27.27
N ASN D 157 14.96 -31.25 27.58
CA ASN D 157 14.45 -30.53 28.75
C ASN D 157 14.95 -29.08 28.83
N TRP D 158 14.95 -28.38 27.67
CA TRP D 158 15.40 -27.00 27.61
C TRP D 158 14.29 -26.08 28.10
N GLN D 159 14.67 -24.88 28.60
CA GLN D 159 13.70 -23.79 28.82
C GLN D 159 13.93 -22.72 27.74
N VAL D 160 13.06 -22.70 26.73
CA VAL D 160 13.15 -21.74 25.64
C VAL D 160 12.07 -20.70 25.75
N THR D 161 12.46 -19.43 25.80
CA THR D 161 11.53 -18.32 25.75
C THR D 161 11.45 -17.84 24.30
N ALA D 162 10.38 -18.26 23.64
CA ALA D 162 10.20 -18.09 22.21
C ALA D 162 9.25 -16.98 21.89
N ARG D 163 9.75 -15.95 21.21
CA ARG D 163 9.01 -14.73 20.92
C ARG D 163 9.11 -14.39 19.42
N SER D 164 7.95 -14.43 18.75
CA SER D 164 7.79 -14.09 17.35
C SER D 164 7.87 -12.57 17.22
N VAL D 165 8.74 -12.07 16.37
CA VAL D 165 9.03 -10.65 16.27
C VAL D 165 8.89 -10.06 14.88
N GLY D 166 8.43 -10.86 13.94
CA GLY D 166 8.42 -10.46 12.54
C GLY D 166 7.43 -9.36 12.19
N ASN D 167 6.42 -9.13 13.04
CA ASN D 167 5.42 -8.08 12.87
C ASN D 167 5.71 -6.77 13.60
N ILE D 168 6.80 -6.73 14.34
CA ILE D 168 7.15 -5.53 15.09
C ILE D 168 7.63 -4.43 14.14
N LYS D 169 6.88 -3.33 14.11
CA LYS D 169 7.22 -2.09 13.36
C LYS D 169 7.79 -0.92 14.23
N ASP D 170 7.53 -0.91 15.54
CA ASP D 170 8.07 0.08 16.48
C ASP D 170 9.33 -0.47 17.19
N VAL D 171 10.49 0.17 17.04
CA VAL D 171 11.74 -0.32 17.68
C VAL D 171 11.73 -0.35 19.21
N GLN D 172 10.88 0.47 19.81
CA GLN D 172 10.66 0.49 21.25
C GLN D 172 10.16 -0.86 21.78
N GLU D 173 9.34 -1.57 20.99
CA GLU D 173 8.88 -2.91 21.38
C GLU D 173 10.08 -3.89 21.52
N PHE D 174 11.08 -3.79 20.65
CA PHE D 174 12.31 -4.58 20.80
C PHE D 174 12.97 -4.26 22.13
N ARG D 175 13.02 -2.96 22.51
CA ARG D 175 13.58 -2.59 23.83
C ARG D 175 12.81 -3.20 25.02
N ARG D 176 11.48 -3.24 24.97
CA ARG D 176 10.70 -3.78 26.09
C ARG D 176 10.99 -5.27 26.25
N ILE D 177 11.12 -5.98 25.14
CA ILE D 177 11.43 -7.42 25.18
C ILE D 177 12.79 -7.65 25.82
N ILE D 178 13.80 -6.91 25.37
CA ILE D 178 15.16 -7.11 25.88
C ILE D 178 15.25 -6.79 27.37
N GLU D 179 14.60 -5.68 27.78
CA GLU D 179 14.49 -5.27 29.18
C GLU D 179 13.86 -6.34 30.08
N GLU D 180 12.76 -6.93 29.62
CA GLU D 180 12.05 -7.97 30.38
C GLU D 180 12.89 -9.24 30.51
N MET D 181 13.52 -9.65 29.39
CA MET D 181 14.42 -10.80 29.42
C MET D 181 15.60 -10.53 30.30
N ASP D 182 16.12 -9.32 30.25
CA ASP D 182 17.29 -8.97 31.08
C ASP D 182 16.98 -9.05 32.59
N ARG D 183 15.78 -8.59 32.99
CA ARG D 183 15.25 -8.81 34.34
C ARG D 183 15.13 -10.27 34.76
N ARG D 184 14.87 -11.16 33.83
CA ARG D 184 14.95 -12.61 34.14
C ARG D 184 16.36 -13.20 34.02
N GLN D 185 17.39 -12.35 33.91
CA GLN D 185 18.81 -12.81 33.82
C GLN D 185 19.08 -13.66 32.62
N GLU D 186 18.36 -13.42 31.51
CA GLU D 186 18.60 -14.16 30.29
C GLU D 186 19.89 -13.58 29.68
N LYS D 187 20.81 -14.45 29.29
CA LYS D 187 22.08 -14.01 28.71
C LYS D 187 22.33 -14.51 27.29
N ARG D 188 21.50 -15.44 26.84
CA ARG D 188 21.72 -16.15 25.58
C ARG D 188 20.50 -15.96 24.68
N TYR D 189 20.78 -15.42 23.50
CA TYR D 189 19.79 -15.11 22.46
C TYR D 189 20.13 -15.84 21.16
N LEU D 190 19.15 -16.63 20.68
CA LEU D 190 19.12 -17.16 19.33
C LEU D 190 18.24 -16.25 18.48
N ILE D 191 18.85 -15.58 17.52
CA ILE D 191 18.15 -14.69 16.63
C ILE D 191 18.01 -15.30 15.24
N ASP D 192 16.76 -15.62 14.87
CA ASP D 192 16.40 -16.31 13.63
C ASP D 192 15.47 -15.37 12.86
N CYS D 193 16.08 -14.33 12.32
CA CYS D 193 15.37 -13.27 11.59
C CYS D 193 16.08 -12.88 10.30
N GLU D 194 15.36 -12.18 9.44
CA GLU D 194 15.99 -11.54 8.31
C GLU D 194 17.08 -10.55 8.76
N VAL D 195 18.08 -10.41 7.89
CA VAL D 195 19.30 -9.60 8.19
C VAL D 195 18.91 -8.21 8.66
N GLU D 196 17.97 -7.59 7.95
CA GLU D 196 17.59 -6.20 8.23
C GLU D 196 16.96 -6.12 9.64
N ARG D 197 16.17 -7.12 10.01
CA ARG D 197 15.63 -7.27 11.38
C ARG D 197 16.69 -7.65 12.41
N ILE D 198 17.63 -8.52 12.04
CA ILE D 198 18.82 -8.73 12.94
C ILE D 198 19.49 -7.38 13.26
N ASN D 199 19.67 -6.52 12.25
CA ASN D 199 20.30 -5.20 12.50
C ASN D 199 19.54 -4.33 13.46
N THR D 200 18.23 -4.25 13.29
CA THR D 200 17.39 -3.46 14.18
C THR D 200 17.47 -3.96 15.63
N ILE D 201 17.45 -5.29 15.82
CA ILE D 201 17.53 -5.86 17.18
C ILE D 201 18.90 -5.51 17.77
N LEU D 202 19.98 -5.65 17.00
CA LEU D 202 21.31 -5.36 17.56
C LEU D 202 21.54 -3.85 17.91
N GLU D 203 20.93 -2.93 17.16
CA GLU D 203 20.98 -1.52 17.54
C GLU D 203 20.31 -1.33 18.90
N GLN D 204 19.18 -2.01 19.17
CA GLN D 204 18.54 -1.90 20.50
C GLN D 204 19.38 -2.54 21.61
N VAL D 205 20.06 -3.64 21.28
CA VAL D 205 21.02 -4.29 22.21
C VAL D 205 22.12 -3.29 22.65
N VAL D 206 22.65 -2.53 21.68
CA VAL D 206 23.72 -1.55 21.95
C VAL D 206 23.17 -0.32 22.69
N ILE D 207 22.06 0.24 22.26
CA ILE D 207 21.37 1.30 23.01
C ILE D 207 21.24 0.94 24.52
N LEU D 208 20.91 -0.31 24.85
CA LEU D 208 20.71 -0.76 26.24
C LEU D 208 21.92 -1.34 26.91
N GLY D 209 23.07 -1.34 26.26
CA GLY D 209 24.30 -1.87 26.86
C GLY D 209 24.30 -3.36 27.16
N LYS D 210 23.55 -4.16 26.38
CA LYS D 210 23.59 -5.62 26.55
C LYS D 210 24.57 -6.25 25.53
N HIS D 211 25.60 -5.50 25.16
CA HIS D 211 26.63 -5.96 24.25
C HIS D 211 27.92 -6.14 25.03
N SER D 212 27.80 -6.35 26.33
CA SER D 212 28.93 -6.54 27.21
C SER D 212 29.21 -8.02 27.38
N ARG D 213 30.26 -8.30 28.16
CA ARG D 213 30.90 -9.64 28.26
C ARG D 213 30.06 -10.85 28.61
N GLY D 214 29.16 -10.73 29.57
CA GLY D 214 28.34 -11.89 29.92
C GLY D 214 27.17 -12.28 28.99
N TYR D 215 27.08 -11.69 27.77
CA TYR D 215 26.01 -11.99 26.77
C TYR D 215 26.55 -12.74 25.52
N HIS D 216 25.70 -13.61 24.96
CA HIS D 216 25.94 -14.37 23.74
C HIS D 216 24.72 -14.26 22.78
N TYR D 217 24.97 -13.72 21.59
CA TYR D 217 24.07 -13.65 20.44
C TYR D 217 24.46 -14.64 19.35
N MET D 218 23.65 -15.68 19.16
CA MET D 218 23.81 -16.64 18.04
C MET D 218 22.91 -16.20 16.89
N LEU D 219 23.52 -15.89 15.76
CA LEU D 219 22.82 -15.26 14.66
C LEU D 219 22.53 -16.28 13.56
N ALA D 220 21.25 -16.68 13.45
CA ALA D 220 20.92 -17.84 12.61
C ALA D 220 20.51 -17.36 11.21
N ASN D 221 21.45 -16.89 10.43
CA ASN D 221 21.18 -16.36 9.09
C ASN D 221 22.49 -16.45 8.28
N LEU D 222 22.44 -17.06 7.09
CA LEU D 222 23.63 -17.23 6.26
C LEU D 222 24.19 -15.95 5.67
N GLY D 223 23.50 -14.83 5.83
CA GLY D 223 24.02 -13.55 5.38
C GLY D 223 24.75 -12.81 6.46
N PHE D 224 25.45 -13.56 7.30
CA PHE D 224 26.38 -13.05 8.31
C PHE D 224 27.14 -11.78 7.92
N THR D 225 27.78 -11.77 6.75
CA THR D 225 28.68 -10.66 6.36
C THR D 225 27.88 -9.37 6.08
N ASP D 226 26.57 -9.47 5.86
CA ASP D 226 25.74 -8.26 5.73
C ASP D 226 25.18 -7.70 7.06
N ILE D 227 25.39 -8.39 8.18
CA ILE D 227 24.89 -7.94 9.48
C ILE D 227 25.85 -6.87 10.01
N LEU D 228 25.33 -5.72 10.46
CA LEU D 228 26.15 -4.59 10.92
C LEU D 228 26.43 -4.80 12.41
N LEU D 229 27.53 -5.47 12.73
CA LEU D 229 27.82 -5.86 14.12
C LEU D 229 29.16 -5.32 14.70
N GLU D 230 29.66 -4.21 14.13
CA GLU D 230 30.92 -3.62 14.66
C GLU D 230 30.74 -3.12 16.10
N ARG D 231 29.75 -2.26 16.31
CA ARG D 231 29.45 -1.77 17.67
C ARG D 231 29.21 -2.91 18.68
N VAL D 232 28.62 -4.03 18.26
CA VAL D 232 28.42 -5.16 19.19
C VAL D 232 29.71 -5.93 19.52
N MET D 233 30.51 -6.28 18.51
CA MET D 233 31.79 -6.96 18.81
CA MET D 233 31.83 -6.91 18.75
C MET D 233 32.60 -6.19 19.87
N HIS D 234 32.74 -4.88 19.68
CA HIS D 234 33.59 -4.02 20.53
C HIS D 234 33.14 -4.03 22.02
N GLY D 235 31.86 -4.22 22.30
CA GLY D 235 31.34 -4.26 23.68
C GLY D 235 31.75 -5.47 24.51
N GLY D 236 32.11 -6.56 23.85
CA GLY D 236 32.60 -7.74 24.56
C GLY D 236 31.65 -8.93 24.59
N ALA D 237 30.43 -8.78 24.07
CA ALA D 237 29.54 -9.94 23.93
C ALA D 237 30.09 -10.94 22.91
N ASN D 238 29.88 -12.23 23.15
CA ASN D 238 30.09 -13.28 22.14
C ASN D 238 29.05 -13.14 21.00
N ILE D 239 29.53 -13.33 19.77
CA ILE D 239 28.67 -13.50 18.61
C ILE D 239 29.06 -14.79 17.88
N THR D 240 28.04 -15.53 17.46
CA THR D 240 28.15 -16.72 16.66
C THR D 240 27.38 -16.51 15.37
N GLY D 241 27.99 -16.91 14.26
CA GLY D 241 27.48 -16.82 12.91
C GLY D 241 27.83 -18.00 12.01
N PHE D 242 27.27 -17.95 10.79
CA PHE D 242 27.25 -19.06 9.83
C PHE D 242 27.41 -18.47 8.44
N GLN D 243 28.30 -19.06 7.63
CA GLN D 243 28.44 -18.72 6.22
C GLN D 243 28.67 -19.95 5.36
N ILE D 244 28.35 -19.82 4.08
CA ILE D 244 28.67 -20.84 3.09
C ILE D 244 29.62 -20.38 1.95
N VAL D 245 30.22 -19.21 2.09
CA VAL D 245 31.19 -18.73 1.13
C VAL D 245 32.58 -18.59 1.78
N ASN D 246 33.57 -19.30 1.21
CA ASN D 246 34.96 -19.27 1.66
C ASN D 246 35.71 -18.43 0.63
N ASN D 247 36.11 -17.21 0.96
CA ASN D 247 36.84 -16.32 0.00
C ASN D 247 38.22 -16.82 -0.49
N GLU D 248 38.74 -17.89 0.09
CA GLU D 248 40.00 -18.49 -0.44
C GLU D 248 39.78 -19.62 -1.44
N ASN D 249 38.54 -20.07 -1.68
CA ASN D 249 38.31 -21.00 -2.78
C ASN D 249 38.55 -20.28 -4.14
N PRO D 250 39.25 -20.96 -5.09
CA PRO D 250 39.57 -20.30 -6.36
C PRO D 250 38.29 -19.80 -7.11
N MET D 251 37.18 -20.54 -7.06
CA MET D 251 35.90 -20.14 -7.70
C MET D 251 35.49 -18.75 -7.23
N VAL D 252 35.60 -18.51 -5.92
CA VAL D 252 35.20 -17.24 -5.34
C VAL D 252 36.18 -16.12 -5.69
N GLN D 253 37.50 -16.36 -5.54
CA GLN D 253 38.45 -15.33 -5.85
C GLN D 253 38.40 -14.92 -7.34
N GLN D 254 38.24 -15.89 -8.22
CA GLN D 254 38.04 -15.65 -9.68
C GLN D 254 36.81 -14.74 -10.00
N PHE D 255 35.68 -15.08 -9.39
CA PHE D 255 34.49 -14.29 -9.58
C PHE D 255 34.67 -12.87 -9.05
N ILE D 256 35.15 -12.75 -7.81
CA ILE D 256 35.24 -11.47 -7.15
C ILE D 256 36.13 -10.49 -7.89
N GLN D 257 37.29 -10.93 -8.35
CA GLN D 257 38.21 -9.99 -9.03
C GLN D 257 37.63 -9.44 -10.35
N ARG D 258 36.88 -10.23 -11.10
CA ARG D 258 36.13 -9.69 -12.26
C ARG D 258 34.94 -8.84 -11.83
N TRP D 259 34.19 -9.32 -10.84
CA TRP D 259 32.97 -8.65 -10.29
C TRP D 259 33.22 -7.20 -9.85
N VAL D 260 34.29 -6.97 -9.10
CA VAL D 260 34.62 -5.57 -8.72
C VAL D 260 34.95 -4.66 -9.89
N ARG D 261 35.39 -5.22 -11.02
CA ARG D 261 35.71 -4.46 -12.25
C ARG D 261 34.53 -4.16 -13.16
N LEU D 262 33.33 -4.60 -12.81
CA LEU D 262 32.17 -4.40 -13.67
C LEU D 262 31.71 -2.95 -13.68
N ASP D 263 31.23 -2.55 -14.86
CA ASP D 263 30.69 -1.25 -15.11
C ASP D 263 29.34 -1.16 -14.38
N GLU D 264 29.23 -0.21 -13.44
CA GLU D 264 28.04 0.00 -12.62
C GLU D 264 26.78 0.27 -13.43
N ARG D 265 26.98 0.93 -14.58
CA ARG D 265 25.94 1.19 -15.55
C ARG D 265 25.28 -0.09 -16.09
N GLU D 266 26.07 -1.16 -16.26
CA GLU D 266 25.60 -2.46 -16.79
C GLU D 266 25.26 -3.48 -15.68
N PHE D 267 25.87 -3.37 -14.51
CA PHE D 267 25.73 -4.35 -13.43
C PHE D 267 25.54 -3.59 -12.09
N PRO D 268 24.33 -3.01 -11.86
CA PRO D 268 24.16 -2.31 -10.59
C PRO D 268 24.36 -3.20 -9.37
N GLU D 269 24.86 -2.57 -8.31
CA GLU D 269 25.18 -3.19 -7.02
C GLU D 269 26.50 -3.99 -6.98
N ALA D 270 27.24 -4.12 -8.09
CA ALA D 270 28.64 -4.59 -8.01
C ALA D 270 29.56 -3.47 -7.48
N ALA D 273 29.18 -2.69 -3.22
CA ALA D 273 28.57 -3.30 -2.04
C ALA D 273 29.27 -4.62 -1.63
N PRO D 274 29.13 -5.02 -0.35
CA PRO D 274 29.43 -6.43 -0.11
C PRO D 274 28.60 -7.40 -1.01
N LEU D 275 29.28 -8.44 -1.46
CA LEU D 275 28.63 -9.51 -2.19
C LEU D 275 27.77 -10.36 -1.23
N LYS D 276 26.47 -10.42 -1.52
CA LYS D 276 25.57 -11.25 -0.74
C LYS D 276 25.69 -12.68 -1.16
N TYR D 277 25.56 -13.56 -0.18
CA TYR D 277 25.67 -14.99 -0.40
C TYR D 277 24.62 -15.48 -1.40
N THR D 278 23.44 -14.84 -1.44
CA THR D 278 22.43 -15.15 -2.48
C THR D 278 22.85 -14.82 -3.90
N SER D 279 23.69 -13.80 -4.10
CA SER D 279 24.35 -13.54 -5.38
C SER D 279 25.37 -14.68 -5.80
N ALA D 280 26.14 -15.17 -4.82
CA ALA D 280 26.96 -16.38 -4.98
C ALA D 280 26.08 -17.59 -5.37
N LEU D 281 24.99 -17.78 -4.65
CA LEU D 281 24.02 -18.82 -4.99
C LEU D 281 23.43 -18.68 -6.40
N THR D 282 23.22 -17.46 -6.86
CA THR D 282 22.73 -17.22 -8.23
C THR D 282 23.78 -17.65 -9.29
N HIS D 283 25.02 -17.23 -9.09
CA HIS D 283 26.10 -17.73 -9.90
C HIS D 283 26.12 -19.25 -9.92
N ASP D 284 26.06 -19.85 -8.74
CA ASP D 284 26.06 -21.32 -8.62
C ASP D 284 24.91 -22.01 -9.34
N ALA D 285 23.72 -21.38 -9.35
CA ALA D 285 22.60 -21.88 -10.12
C ALA D 285 22.94 -22.03 -11.62
N ILE D 286 23.62 -21.03 -12.18
CA ILE D 286 24.02 -21.09 -13.59
C ILE D 286 25.06 -22.20 -13.87
N LEU D 287 25.95 -22.44 -12.93
CA LEU D 287 26.83 -23.59 -13.04
C LEU D 287 26.06 -24.92 -13.04
N VAL D 288 25.01 -25.01 -12.21
CA VAL D 288 24.21 -26.22 -12.12
C VAL D 288 23.46 -26.44 -13.38
N ILE D 289 22.82 -25.38 -13.86
CA ILE D 289 22.02 -25.43 -15.08
C ILE D 289 22.89 -25.85 -16.27
N ALA D 290 24.07 -25.21 -16.40
CA ALA D 290 24.94 -25.49 -17.53
C ALA D 290 25.43 -26.93 -17.48
N GLU D 291 25.85 -27.38 -16.29
CA GLU D 291 26.26 -28.79 -16.12
C GLU D 291 25.18 -29.83 -16.52
N ALA D 292 23.93 -29.56 -16.13
CA ALA D 292 22.87 -30.50 -16.40
C ALA D 292 22.56 -30.60 -17.88
N PHE D 293 22.57 -29.46 -18.55
CA PHE D 293 22.26 -29.44 -19.98
C PHE D 293 23.44 -29.97 -20.78
N ARG D 294 24.67 -29.75 -20.31
CA ARG D 294 25.88 -30.39 -20.94
C ARG D 294 25.78 -31.91 -20.78
N TYR D 295 25.28 -32.37 -19.64
CA TYR D 295 25.07 -33.81 -19.43
C TYR D 295 24.01 -34.36 -20.37
N LEU D 296 22.90 -33.68 -20.51
CA LEU D 296 21.82 -34.17 -21.37
C LEU D 296 22.29 -34.26 -22.85
N ARG D 297 23.02 -33.24 -23.29
CA ARG D 297 23.60 -33.22 -24.62
C ARG D 297 24.51 -34.44 -24.84
N ARG D 298 25.46 -34.69 -23.94
CA ARG D 298 26.41 -35.82 -24.07
C ARG D 298 25.71 -37.16 -24.11
N GLN D 299 24.66 -37.27 -23.32
CA GLN D 299 23.91 -38.53 -23.21
C GLN D 299 22.87 -38.65 -24.30
N ARG D 300 22.72 -37.64 -25.17
CA ARG D 300 21.76 -37.67 -26.32
C ARG D 300 20.32 -37.80 -25.86
N VAL D 301 19.97 -37.08 -24.79
CA VAL D 301 18.64 -37.05 -24.24
C VAL D 301 17.85 -35.95 -24.93
N ASP D 302 16.63 -36.30 -25.30
CA ASP D 302 15.68 -35.39 -25.92
C ASP D 302 15.28 -34.33 -24.88
N VAL D 303 15.61 -33.07 -25.15
CA VAL D 303 15.23 -31.96 -24.27
C VAL D 303 14.16 -31.05 -24.88
N SER D 304 13.62 -31.44 -26.04
CA SER D 304 12.66 -30.65 -26.83
C SER D 304 13.35 -29.54 -27.64
N ARG D 305 12.69 -29.16 -28.74
CA ARG D 305 13.27 -28.24 -29.74
C ARG D 305 13.30 -26.79 -29.29
N ARG D 306 12.22 -26.33 -28.66
CA ARG D 306 12.09 -24.94 -28.19
C ARG D 306 11.60 -24.79 -26.74
N GLY D 307 11.57 -25.89 -25.99
CA GLY D 307 11.26 -25.85 -24.56
C GLY D 307 9.79 -26.12 -24.34
N SER D 308 9.27 -25.53 -23.27
CA SER D 308 7.85 -25.66 -22.91
C SER D 308 6.91 -24.92 -23.91
N ALA D 309 5.65 -25.36 -23.98
CA ALA D 309 4.62 -24.67 -24.80
C ALA D 309 3.21 -24.99 -24.37
N GLY D 310 2.32 -24.12 -24.83
CA GLY D 310 0.91 -24.20 -24.51
C GLY D 310 0.52 -23.34 -23.30
N ASP D 311 -0.65 -23.65 -22.79
CA ASP D 311 -1.33 -22.83 -21.77
C ASP D 311 -1.07 -23.43 -20.42
N CYS D 312 -0.57 -22.64 -19.49
CA CYS D 312 -0.40 -23.14 -18.15
C CYS D 312 -1.73 -23.61 -17.53
N LEU D 313 -2.87 -23.05 -17.95
CA LEU D 313 -4.16 -23.51 -17.46
C LEU D 313 -4.92 -24.47 -18.37
N ALA D 314 -4.23 -25.12 -19.31
CA ALA D 314 -4.85 -26.17 -20.11
C ALA D 314 -5.44 -27.26 -19.20
N ASN D 315 -6.67 -27.72 -19.50
CA ASN D 315 -7.35 -28.81 -18.77
C ASN D 315 -7.78 -29.92 -19.75
N PRO D 316 -7.26 -31.17 -19.60
CA PRO D 316 -6.38 -31.58 -18.48
C PRO D 316 -4.96 -31.00 -18.63
N ALA D 317 -4.26 -30.85 -17.52
CA ALA D 317 -2.84 -30.47 -17.55
C ALA D 317 -1.99 -31.67 -17.97
N VAL D 318 -1.33 -31.58 -19.12
CA VAL D 318 -0.48 -32.66 -19.59
C VAL D 318 0.99 -32.19 -19.53
N PRO D 319 1.74 -32.70 -18.55
CA PRO D 319 3.14 -32.31 -18.45
C PRO D 319 3.95 -32.76 -19.67
N TRP D 320 4.80 -31.90 -20.18
CA TRP D 320 5.76 -32.34 -21.25
C TRP D 320 6.59 -33.51 -20.81
N SER D 321 6.87 -34.41 -21.73
CA SER D 321 7.57 -35.67 -21.41
C SER D 321 9.01 -35.47 -21.04
N GLN D 322 9.63 -34.37 -21.47
CA GLN D 322 11.07 -34.16 -21.21
C GLN D 322 11.38 -33.63 -19.82
N GLY D 323 10.35 -33.17 -19.12
CA GLY D 323 10.52 -32.59 -17.81
C GLY D 323 11.17 -33.47 -16.75
N ILE D 324 10.78 -34.74 -16.68
CA ILE D 324 11.37 -35.71 -15.74
C ILE D 324 12.91 -35.81 -15.97
N ASP D 325 13.31 -35.86 -17.23
CA ASP D 325 14.73 -36.00 -17.57
C ASP D 325 15.50 -34.75 -17.29
N ILE D 326 14.89 -33.58 -17.52
CA ILE D 326 15.56 -32.34 -17.12
C ILE D 326 15.77 -32.31 -15.58
N GLU D 327 14.71 -32.59 -14.82
CA GLU D 327 14.81 -32.56 -13.36
C GLU D 327 15.93 -33.46 -12.77
N ARG D 328 15.98 -34.68 -13.29
CA ARG D 328 16.92 -35.71 -12.85
C ARG D 328 18.34 -35.23 -13.12
N ALA D 329 18.56 -34.67 -14.30
CA ALA D 329 19.87 -34.14 -14.71
C ALA D 329 20.34 -33.00 -13.78
N LEU D 330 19.42 -32.11 -13.39
CA LEU D 330 19.74 -31.04 -12.42
C LEU D 330 20.08 -31.61 -11.06
N LYS D 331 19.24 -32.52 -10.59
CA LYS D 331 19.44 -33.11 -9.28
C LYS D 331 20.67 -34.03 -9.15
N MET D 332 21.15 -34.62 -10.24
CA MET D 332 22.30 -35.52 -10.17
C MET D 332 23.64 -34.76 -10.25
N VAL D 333 23.66 -33.44 -10.45
CA VAL D 333 24.95 -32.79 -10.66
C VAL D 333 25.84 -32.87 -9.41
N GLN D 334 27.16 -32.86 -9.60
CA GLN D 334 28.09 -32.61 -8.55
C GLN D 334 29.09 -31.58 -9.07
N VAL D 335 29.06 -30.34 -8.56
CA VAL D 335 29.98 -29.26 -8.97
C VAL D 335 30.47 -28.47 -7.78
N GLN D 336 31.68 -27.92 -7.93
CA GLN D 336 32.30 -27.00 -6.98
C GLN D 336 31.95 -25.57 -7.43
N GLY D 337 31.21 -24.83 -6.56
CA GLY D 337 30.88 -23.47 -6.86
C GLY D 337 31.39 -22.52 -5.82
N MET D 338 30.91 -21.29 -5.91
CA MET D 338 31.20 -20.32 -4.87
C MET D 338 30.75 -20.77 -3.47
N THR D 339 29.72 -21.62 -3.38
CA THR D 339 29.26 -22.13 -2.07
C THR D 339 29.72 -23.58 -1.82
N GLY D 340 30.86 -23.96 -2.40
CA GLY D 340 31.56 -25.22 -2.13
C GLY D 340 31.00 -26.37 -2.97
N ASN D 341 31.02 -27.57 -2.38
CA ASN D 341 30.50 -28.76 -3.00
C ASN D 341 28.96 -28.67 -3.11
N ILE D 342 28.47 -28.74 -4.36
CA ILE D 342 27.04 -28.69 -4.70
C ILE D 342 26.54 -30.05 -5.22
N GLN D 343 25.81 -30.76 -4.36
CA GLN D 343 25.04 -31.95 -4.70
C GLN D 343 23.61 -31.76 -4.17
N PHE D 344 22.67 -32.54 -4.70
CA PHE D 344 21.24 -32.48 -4.31
C PHE D 344 20.70 -33.89 -4.04
N ASP D 345 19.78 -34.00 -3.10
CA ASP D 345 19.00 -35.23 -2.89
C ASP D 345 17.72 -35.24 -3.77
N THR D 346 16.91 -36.27 -3.60
CA THR D 346 15.80 -36.48 -4.46
C THR D 346 14.72 -35.37 -4.39
N TYR D 347 14.66 -34.66 -3.26
CA TYR D 347 13.73 -33.52 -3.11
C TYR D 347 14.41 -32.18 -3.45
N GLY D 348 15.58 -32.20 -4.12
CA GLY D 348 16.24 -30.97 -4.49
C GLY D 348 16.84 -30.14 -3.38
N ARG D 349 17.07 -30.77 -2.24
CA ARG D 349 17.77 -30.14 -1.16
C ARG D 349 19.29 -30.35 -1.31
N ARG D 350 20.05 -29.35 -0.93
CA ARG D 350 21.48 -29.42 -0.84
C ARG D 350 21.89 -30.57 0.09
N THR D 351 22.85 -31.38 -0.36
CA THR D 351 23.37 -32.48 0.48
C THR D 351 24.90 -32.54 0.35
N ASN D 352 25.56 -32.99 1.39
CA ASN D 352 27.01 -33.06 1.41
C ASN D 352 27.66 -31.65 1.21
N TYR D 353 27.12 -30.70 1.96
CA TYR D 353 27.56 -29.30 1.98
C TYR D 353 28.27 -29.09 3.30
N THR D 354 28.98 -27.98 3.41
CA THR D 354 29.62 -27.59 4.63
C THR D 354 29.16 -26.19 5.04
N ILE D 355 28.92 -25.94 6.30
CA ILE D 355 28.68 -24.56 6.74
C ILE D 355 29.84 -24.15 7.60
N ASP D 356 30.38 -22.97 7.34
CA ASP D 356 31.43 -22.45 8.20
C ASP D 356 30.82 -21.70 9.39
N VAL D 357 31.43 -21.92 10.57
CA VAL D 357 31.01 -21.32 11.83
C VAL D 357 32.02 -20.25 12.25
N TYR D 358 31.51 -19.04 12.50
CA TYR D 358 32.33 -17.87 12.88
C TYR D 358 31.95 -17.45 14.28
N GLU D 359 32.97 -17.21 15.12
CA GLU D 359 32.81 -16.59 16.47
C GLU D 359 33.55 -15.25 16.53
N MET D 360 32.94 -14.30 17.22
CA MET D 360 33.53 -13.03 17.55
C MET D 360 33.53 -12.91 19.06
N LYS D 361 34.74 -12.89 19.63
CA LYS D 361 35.01 -12.68 21.06
C LYS D 361 35.75 -11.34 21.20
N VAL D 362 35.90 -10.91 22.44
CA VAL D 362 36.56 -9.65 22.71
C VAL D 362 38.00 -9.74 22.12
N SER D 363 38.63 -10.92 22.18
CA SER D 363 39.96 -11.17 21.58
C SER D 363 40.02 -11.21 20.02
N GLY D 364 38.87 -11.24 19.33
CA GLY D 364 38.89 -11.26 17.85
C GLY D 364 37.83 -12.07 17.13
N SER D 365 37.89 -11.97 15.81
CA SER D 365 36.93 -12.61 14.89
C SER D 365 37.60 -13.79 14.19
N ARG D 366 37.01 -14.98 14.24
CA ARG D 366 37.64 -16.20 13.74
C ARG D 366 36.59 -17.13 13.21
N LYS D 367 36.92 -17.78 12.11
CA LYS D 367 36.31 -19.06 11.77
C LYS D 367 36.67 -20.07 12.86
N ALA D 368 35.69 -20.62 13.55
CA ALA D 368 35.86 -21.43 14.78
C ALA D 368 35.60 -22.91 14.54
N GLY D 369 35.17 -23.25 13.34
CA GLY D 369 34.92 -24.64 13.02
C GLY D 369 34.08 -24.74 11.77
N TYR D 370 33.69 -25.97 11.44
CA TYR D 370 32.77 -26.21 10.33
C TYR D 370 31.76 -27.24 10.75
N TRP D 371 30.65 -27.23 10.01
CA TRP D 371 29.57 -28.19 10.22
C TRP D 371 29.27 -28.92 8.93
N ASN D 372 29.03 -30.24 9.03
CA ASN D 372 28.43 -31.01 7.95
C ASN D 372 27.56 -32.12 8.53
N GLU D 373 26.80 -32.77 7.64
CA GLU D 373 25.78 -33.71 8.06
C GLU D 373 26.32 -34.96 8.75
N TYR D 374 27.54 -35.35 8.38
CA TYR D 374 28.16 -36.61 8.80
C TYR D 374 29.00 -36.39 10.06
N GLU D 375 29.93 -35.44 10.02
CA GLU D 375 30.70 -35.10 11.22
C GLU D 375 29.96 -34.22 12.23
N ARG D 376 28.84 -33.59 11.86
CA ARG D 376 28.22 -32.61 12.72
C ARG D 376 29.20 -31.40 12.91
N PHE D 377 29.26 -30.77 14.09
CA PHE D 377 30.18 -29.64 14.31
C PHE D 377 31.55 -30.12 14.69
N VAL D 378 32.56 -29.64 13.99
CA VAL D 378 33.96 -29.98 14.38
C VAL D 378 34.69 -28.68 14.58
N PRO D 379 34.95 -28.38 15.87
CA PRO D 379 35.69 -27.17 16.21
C PRO D 379 37.20 -27.31 15.89
N PHE D 380 37.82 -26.21 15.46
CA PHE D 380 39.21 -26.23 15.01
C PHE D 380 40.24 -26.39 16.16
#